data_6HOD
# 
_entry.id   6HOD 
# 
_audit_conform.dict_name       mmcif_pdbx.dic 
_audit_conform.dict_version    5.383 
_audit_conform.dict_location   http://mmcif.pdb.org/dictionaries/ascii/mmcif_pdbx.dic 
# 
loop_
_database_2.database_id 
_database_2.database_code 
_database_2.pdbx_database_accession 
_database_2.pdbx_DOI 
PDB   6HOD         pdb_00006hod 10.2210/pdb6hod/pdb 
WWPDB D_1200011953 ?            ?                   
# 
loop_
_pdbx_audit_revision_history.ordinal 
_pdbx_audit_revision_history.data_content_type 
_pdbx_audit_revision_history.major_revision 
_pdbx_audit_revision_history.minor_revision 
_pdbx_audit_revision_history.revision_date 
1 'Structure model' 1 0 2018-12-26 
2 'Structure model' 1 1 2019-01-23 
3 'Structure model' 1 2 2024-01-24 
# 
_pdbx_audit_revision_details.ordinal             1 
_pdbx_audit_revision_details.revision_ordinal    1 
_pdbx_audit_revision_details.data_content_type   'Structure model' 
_pdbx_audit_revision_details.provider            repository 
_pdbx_audit_revision_details.type                'Initial release' 
_pdbx_audit_revision_details.description         ? 
_pdbx_audit_revision_details.details             ? 
# 
loop_
_pdbx_audit_revision_group.ordinal 
_pdbx_audit_revision_group.revision_ordinal 
_pdbx_audit_revision_group.data_content_type 
_pdbx_audit_revision_group.group 
1 2 'Structure model' 'Data collection'        
2 2 'Structure model' 'Database references'    
3 3 'Structure model' 'Data collection'        
4 3 'Structure model' 'Database references'    
5 3 'Structure model' 'Refinement description' 
# 
loop_
_pdbx_audit_revision_category.ordinal 
_pdbx_audit_revision_category.revision_ordinal 
_pdbx_audit_revision_category.data_content_type 
_pdbx_audit_revision_category.category 
1 2 'Structure model' citation                      
2 3 'Structure model' chem_comp_atom                
3 3 'Structure model' chem_comp_bond                
4 3 'Structure model' database_2                    
5 3 'Structure model' pdbx_initial_refinement_model 
# 
loop_
_pdbx_audit_revision_item.ordinal 
_pdbx_audit_revision_item.revision_ordinal 
_pdbx_audit_revision_item.data_content_type 
_pdbx_audit_revision_item.item 
1 2 'Structure model' '_citation.journal_volume'            
2 2 'Structure model' '_citation.page_first'                
3 2 'Structure model' '_citation.page_last'                 
4 3 'Structure model' '_database_2.pdbx_DOI'                
5 3 'Structure model' '_database_2.pdbx_database_accession' 
# 
_pdbx_database_status.status_code                     REL 
_pdbx_database_status.status_code_sf                  REL 
_pdbx_database_status.status_code_mr                  ? 
_pdbx_database_status.entry_id                        6HOD 
_pdbx_database_status.recvd_initial_deposition_date   2018-09-17 
_pdbx_database_status.SG_entry                        N 
_pdbx_database_status.deposit_site                    PDBE 
_pdbx_database_status.process_site                    PDBE 
_pdbx_database_status.status_code_cs                  ? 
_pdbx_database_status.methods_development_category    ? 
_pdbx_database_status.pdb_format_compatible           Y 
_pdbx_database_status.status_code_nmr_data            ? 
# 
loop_
_audit_author.name 
_audit_author.pdbx_ordinal 
_audit_author.identifier_ORCID 
'Wintjens, R.'  1 0000-0002-0234-7847 
'Wohlkonig, A.' 2 0000-0003-3103-5022 
# 
_citation.abstract                  ? 
_citation.abstract_id_CAS           ? 
_citation.book_id_ISBN              ? 
_citation.book_publisher            ? 
_citation.book_publisher_city       ? 
_citation.book_title                ? 
_citation.coordinate_linkage        ? 
_citation.country                   ? 
_citation.database_id_Medline       ? 
_citation.details                   ? 
_citation.id                        primary 
_citation.journal_abbrev            'Biochim Biophys Acta Proteins Proteom' 
_citation.journal_id_ASTM           ? 
_citation.journal_id_CSD            ? 
_citation.journal_id_ISSN           1878-1454 
_citation.journal_full              ? 
_citation.journal_issue             ? 
_citation.journal_volume            1867 
_citation.language                  ? 
_citation.page_first                248 
_citation.page_last                 258 
_citation.title                     
'A comprehensive analysis of the protein-ligand interactions in crystal structures of Mycobacterium tuberculosis EthR.' 
_citation.year                      2018 
_citation.database_id_CSD           ? 
_citation.pdbx_database_id_DOI      10.1016/j.bbapap.2018.12.003 
_citation.pdbx_database_id_PubMed   30553830 
_citation.unpublished_flag          ? 
# 
loop_
_citation_author.citation_id 
_citation_author.name 
_citation_author.ordinal 
_citation_author.identifier_ORCID 
primary 'Tanina, A.'     1  ? 
primary 'Wohlkonig, A.'  2  ? 
primary 'Soror, S.H.'    3  ? 
primary 'Flipo, M.'      4  ? 
primary 'Villemagne, B.' 5  ? 
primary 'Prevet, H.'     6  ? 
primary 'Deprez, B.'     7  ? 
primary 'Moune, M.'      8  ? 
primary 'Peree, H.'      9  ? 
primary 'Meyer, F.'      10 ? 
primary 'Baulard, A.R.'  11 ? 
primary 'Willand, N.'    12 ? 
primary 'Wintjens, R.'   13 ? 
# 
loop_
_entity.id 
_entity.type 
_entity.src_method 
_entity.pdbx_description 
_entity.formula_weight 
_entity.pdbx_number_of_molecules 
_entity.pdbx_ec 
_entity.pdbx_mutation 
_entity.pdbx_fragment 
_entity.details 
1 polymer     man 'HTH-type transcriptional regulator EthR'                  24927.980 1  ? ? ? ? 
2 non-polymer syn '4-[3-(phenylsulfonylamino)prop-1-ynyl]benzenesulfonamide' 350.413   1  ? ? ? ? 
3 water       nat water                                                      18.015    35 ? ? ? ? 
# 
_entity_poly.entity_id                      1 
_entity_poly.type                           'polypeptide(L)' 
_entity_poly.nstd_linkage                   no 
_entity_poly.nstd_monomer                   no 
_entity_poly.pdbx_seq_one_letter_code       
;MTTSAASQASLPMTTSAASQASLPRGRRTARPSGDDRELAILATAENLLEDRPLADISVDDLAKGAGISRPTFYFYFPSK
EAVLLTLLDRVVNQADMALQTLAENPADTDRENMWRTGINVFFETFGSHKAVTRAGQAARATSVEVAELWSTFMQKWIAY
TAAVIDAERDRGAAPRTLPAHELATALNLMNERTLFASFAGEQPSVPEARVLDTLVHIWVTSIYGENR
;
_entity_poly.pdbx_seq_one_letter_code_can   
;MTTSAASQASLPMTTSAASQASLPRGRRTARPSGDDRELAILATAENLLEDRPLADISVDDLAKGAGISRPTFYFYFPSK
EAVLLTLLDRVVNQADMALQTLAENPADTDRENMWRTGINVFFETFGSHKAVTRAGQAARATSVEVAELWSTFMQKWIAY
TAAVIDAERDRGAAPRTLPAHELATALNLMNERTLFASFAGEQPSVPEARVLDTLVHIWVTSIYGENR
;
_entity_poly.pdbx_strand_id                 A 
_entity_poly.pdbx_target_identifier         ? 
# 
loop_
_pdbx_entity_nonpoly.entity_id 
_pdbx_entity_nonpoly.name 
_pdbx_entity_nonpoly.comp_id 
2 '4-[3-(phenylsulfonylamino)prop-1-ynyl]benzenesulfonamide' GHK 
3 water                                                      HOH 
# 
loop_
_entity_poly_seq.entity_id 
_entity_poly_seq.num 
_entity_poly_seq.mon_id 
_entity_poly_seq.hetero 
1 1   MET n 
1 2   THR n 
1 3   THR n 
1 4   SER n 
1 5   ALA n 
1 6   ALA n 
1 7   SER n 
1 8   GLN n 
1 9   ALA n 
1 10  SER n 
1 11  LEU n 
1 12  PRO n 
1 13  MET n 
1 14  THR n 
1 15  THR n 
1 16  SER n 
1 17  ALA n 
1 18  ALA n 
1 19  SER n 
1 20  GLN n 
1 21  ALA n 
1 22  SER n 
1 23  LEU n 
1 24  PRO n 
1 25  ARG n 
1 26  GLY n 
1 27  ARG n 
1 28  ARG n 
1 29  THR n 
1 30  ALA n 
1 31  ARG n 
1 32  PRO n 
1 33  SER n 
1 34  GLY n 
1 35  ASP n 
1 36  ASP n 
1 37  ARG n 
1 38  GLU n 
1 39  LEU n 
1 40  ALA n 
1 41  ILE n 
1 42  LEU n 
1 43  ALA n 
1 44  THR n 
1 45  ALA n 
1 46  GLU n 
1 47  ASN n 
1 48  LEU n 
1 49  LEU n 
1 50  GLU n 
1 51  ASP n 
1 52  ARG n 
1 53  PRO n 
1 54  LEU n 
1 55  ALA n 
1 56  ASP n 
1 57  ILE n 
1 58  SER n 
1 59  VAL n 
1 60  ASP n 
1 61  ASP n 
1 62  LEU n 
1 63  ALA n 
1 64  LYS n 
1 65  GLY n 
1 66  ALA n 
1 67  GLY n 
1 68  ILE n 
1 69  SER n 
1 70  ARG n 
1 71  PRO n 
1 72  THR n 
1 73  PHE n 
1 74  TYR n 
1 75  PHE n 
1 76  TYR n 
1 77  PHE n 
1 78  PRO n 
1 79  SER n 
1 80  LYS n 
1 81  GLU n 
1 82  ALA n 
1 83  VAL n 
1 84  LEU n 
1 85  LEU n 
1 86  THR n 
1 87  LEU n 
1 88  LEU n 
1 89  ASP n 
1 90  ARG n 
1 91  VAL n 
1 92  VAL n 
1 93  ASN n 
1 94  GLN n 
1 95  ALA n 
1 96  ASP n 
1 97  MET n 
1 98  ALA n 
1 99  LEU n 
1 100 GLN n 
1 101 THR n 
1 102 LEU n 
1 103 ALA n 
1 104 GLU n 
1 105 ASN n 
1 106 PRO n 
1 107 ALA n 
1 108 ASP n 
1 109 THR n 
1 110 ASP n 
1 111 ARG n 
1 112 GLU n 
1 113 ASN n 
1 114 MET n 
1 115 TRP n 
1 116 ARG n 
1 117 THR n 
1 118 GLY n 
1 119 ILE n 
1 120 ASN n 
1 121 VAL n 
1 122 PHE n 
1 123 PHE n 
1 124 GLU n 
1 125 THR n 
1 126 PHE n 
1 127 GLY n 
1 128 SER n 
1 129 HIS n 
1 130 LYS n 
1 131 ALA n 
1 132 VAL n 
1 133 THR n 
1 134 ARG n 
1 135 ALA n 
1 136 GLY n 
1 137 GLN n 
1 138 ALA n 
1 139 ALA n 
1 140 ARG n 
1 141 ALA n 
1 142 THR n 
1 143 SER n 
1 144 VAL n 
1 145 GLU n 
1 146 VAL n 
1 147 ALA n 
1 148 GLU n 
1 149 LEU n 
1 150 TRP n 
1 151 SER n 
1 152 THR n 
1 153 PHE n 
1 154 MET n 
1 155 GLN n 
1 156 LYS n 
1 157 TRP n 
1 158 ILE n 
1 159 ALA n 
1 160 TYR n 
1 161 THR n 
1 162 ALA n 
1 163 ALA n 
1 164 VAL n 
1 165 ILE n 
1 166 ASP n 
1 167 ALA n 
1 168 GLU n 
1 169 ARG n 
1 170 ASP n 
1 171 ARG n 
1 172 GLY n 
1 173 ALA n 
1 174 ALA n 
1 175 PRO n 
1 176 ARG n 
1 177 THR n 
1 178 LEU n 
1 179 PRO n 
1 180 ALA n 
1 181 HIS n 
1 182 GLU n 
1 183 LEU n 
1 184 ALA n 
1 185 THR n 
1 186 ALA n 
1 187 LEU n 
1 188 ASN n 
1 189 LEU n 
1 190 MET n 
1 191 ASN n 
1 192 GLU n 
1 193 ARG n 
1 194 THR n 
1 195 LEU n 
1 196 PHE n 
1 197 ALA n 
1 198 SER n 
1 199 PHE n 
1 200 ALA n 
1 201 GLY n 
1 202 GLU n 
1 203 GLN n 
1 204 PRO n 
1 205 SER n 
1 206 VAL n 
1 207 PRO n 
1 208 GLU n 
1 209 ALA n 
1 210 ARG n 
1 211 VAL n 
1 212 LEU n 
1 213 ASP n 
1 214 THR n 
1 215 LEU n 
1 216 VAL n 
1 217 HIS n 
1 218 ILE n 
1 219 TRP n 
1 220 VAL n 
1 221 THR n 
1 222 SER n 
1 223 ILE n 
1 224 TYR n 
1 225 GLY n 
1 226 GLU n 
1 227 ASN n 
1 228 ARG n 
# 
_entity_src_gen.entity_id                          1 
_entity_src_gen.pdbx_src_id                        1 
_entity_src_gen.pdbx_alt_source_flag               sample 
_entity_src_gen.pdbx_seq_type                      'Biological sequence' 
_entity_src_gen.pdbx_beg_seq_num                   1 
_entity_src_gen.pdbx_end_seq_num                   228 
_entity_src_gen.gene_src_common_name               ? 
_entity_src_gen.gene_src_genus                     ? 
_entity_src_gen.pdbx_gene_src_gene                 'ethR, etaR, MT3970' 
_entity_src_gen.gene_src_species                   ? 
_entity_src_gen.gene_src_strain                    ? 
_entity_src_gen.gene_src_tissue                    ? 
_entity_src_gen.gene_src_tissue_fraction           ? 
_entity_src_gen.gene_src_details                   ? 
_entity_src_gen.pdbx_gene_src_fragment             ? 
_entity_src_gen.pdbx_gene_src_scientific_name      'Mycobacterium tuberculosis CDC1551' 
_entity_src_gen.pdbx_gene_src_ncbi_taxonomy_id     83331 
_entity_src_gen.pdbx_gene_src_variant              'CDC 1551 / Oshkosh' 
_entity_src_gen.pdbx_gene_src_cell_line            ? 
_entity_src_gen.pdbx_gene_src_atcc                 ? 
_entity_src_gen.pdbx_gene_src_organ                ? 
_entity_src_gen.pdbx_gene_src_organelle            ? 
_entity_src_gen.pdbx_gene_src_cell                 ? 
_entity_src_gen.pdbx_gene_src_cellular_location    ? 
_entity_src_gen.host_org_common_name               ? 
_entity_src_gen.pdbx_host_org_scientific_name      'Escherichia coli BL21' 
_entity_src_gen.pdbx_host_org_ncbi_taxonomy_id     511693 
_entity_src_gen.host_org_genus                     ? 
_entity_src_gen.pdbx_host_org_gene                 ? 
_entity_src_gen.pdbx_host_org_organ                ? 
_entity_src_gen.host_org_species                   ? 
_entity_src_gen.pdbx_host_org_tissue               ? 
_entity_src_gen.pdbx_host_org_tissue_fraction      ? 
_entity_src_gen.pdbx_host_org_strain               ? 
_entity_src_gen.pdbx_host_org_variant              ? 
_entity_src_gen.pdbx_host_org_cell_line            ? 
_entity_src_gen.pdbx_host_org_atcc                 ? 
_entity_src_gen.pdbx_host_org_culture_collection   ? 
_entity_src_gen.pdbx_host_org_cell                 ? 
_entity_src_gen.pdbx_host_org_organelle            ? 
_entity_src_gen.pdbx_host_org_cellular_location    ? 
_entity_src_gen.pdbx_host_org_vector_type          ? 
_entity_src_gen.pdbx_host_org_vector               ? 
_entity_src_gen.host_org_details                   ? 
_entity_src_gen.expression_system_id               ? 
_entity_src_gen.plasmid_name                       ? 
_entity_src_gen.plasmid_details                    ? 
_entity_src_gen.pdbx_description                   ? 
# 
loop_
_chem_comp.id 
_chem_comp.type 
_chem_comp.mon_nstd_flag 
_chem_comp.name 
_chem_comp.pdbx_synonyms 
_chem_comp.formula 
_chem_comp.formula_weight 
ALA 'L-peptide linking' y ALANINE                                                    ? 'C3 H7 N O2'       89.093  
ARG 'L-peptide linking' y ARGININE                                                   ? 'C6 H15 N4 O2 1'   175.209 
ASN 'L-peptide linking' y ASPARAGINE                                                 ? 'C4 H8 N2 O3'      132.118 
ASP 'L-peptide linking' y 'ASPARTIC ACID'                                            ? 'C4 H7 N O4'       133.103 
GHK non-polymer         . '4-[3-(phenylsulfonylamino)prop-1-ynyl]benzenesulfonamide' ? 'C15 H14 N2 O4 S2' 350.413 
GLN 'L-peptide linking' y GLUTAMINE                                                  ? 'C5 H10 N2 O3'     146.144 
GLU 'L-peptide linking' y 'GLUTAMIC ACID'                                            ? 'C5 H9 N O4'       147.129 
GLY 'peptide linking'   y GLYCINE                                                    ? 'C2 H5 N O2'       75.067  
HIS 'L-peptide linking' y HISTIDINE                                                  ? 'C6 H10 N3 O2 1'   156.162 
HOH non-polymer         . WATER                                                      ? 'H2 O'             18.015  
ILE 'L-peptide linking' y ISOLEUCINE                                                 ? 'C6 H13 N O2'      131.173 
LEU 'L-peptide linking' y LEUCINE                                                    ? 'C6 H13 N O2'      131.173 
LYS 'L-peptide linking' y LYSINE                                                     ? 'C6 H15 N2 O2 1'   147.195 
MET 'L-peptide linking' y METHIONINE                                                 ? 'C5 H11 N O2 S'    149.211 
PHE 'L-peptide linking' y PHENYLALANINE                                              ? 'C9 H11 N O2'      165.189 
PRO 'L-peptide linking' y PROLINE                                                    ? 'C5 H9 N O2'       115.130 
SER 'L-peptide linking' y SERINE                                                     ? 'C3 H7 N O3'       105.093 
THR 'L-peptide linking' y THREONINE                                                  ? 'C4 H9 N O3'       119.119 
TRP 'L-peptide linking' y TRYPTOPHAN                                                 ? 'C11 H12 N2 O2'    204.225 
TYR 'L-peptide linking' y TYROSINE                                                   ? 'C9 H11 N O3'      181.189 
VAL 'L-peptide linking' y VALINE                                                     ? 'C5 H11 N O2'      117.146 
# 
loop_
_pdbx_poly_seq_scheme.asym_id 
_pdbx_poly_seq_scheme.entity_id 
_pdbx_poly_seq_scheme.seq_id 
_pdbx_poly_seq_scheme.mon_id 
_pdbx_poly_seq_scheme.ndb_seq_num 
_pdbx_poly_seq_scheme.pdb_seq_num 
_pdbx_poly_seq_scheme.auth_seq_num 
_pdbx_poly_seq_scheme.pdb_mon_id 
_pdbx_poly_seq_scheme.auth_mon_id 
_pdbx_poly_seq_scheme.pdb_strand_id 
_pdbx_poly_seq_scheme.pdb_ins_code 
_pdbx_poly_seq_scheme.hetero 
A 1 1   MET 1   -11 ?   ?   ?   A . n 
A 1 2   THR 2   -10 ?   ?   ?   A . n 
A 1 3   THR 3   -9  ?   ?   ?   A . n 
A 1 4   SER 4   -8  ?   ?   ?   A . n 
A 1 5   ALA 5   -7  ?   ?   ?   A . n 
A 1 6   ALA 6   -6  ?   ?   ?   A . n 
A 1 7   SER 7   -5  ?   ?   ?   A . n 
A 1 8   GLN 8   -4  ?   ?   ?   A . n 
A 1 9   ALA 9   -3  ?   ?   ?   A . n 
A 1 10  SER 10  -2  ?   ?   ?   A . n 
A 1 11  LEU 11  -1  ?   ?   ?   A . n 
A 1 12  PRO 12  0   ?   ?   ?   A . n 
A 1 13  MET 13  1   ?   ?   ?   A . n 
A 1 14  THR 14  2   ?   ?   ?   A . n 
A 1 15  THR 15  3   ?   ?   ?   A . n 
A 1 16  SER 16  4   ?   ?   ?   A . n 
A 1 17  ALA 17  5   ?   ?   ?   A . n 
A 1 18  ALA 18  6   ?   ?   ?   A . n 
A 1 19  SER 19  7   ?   ?   ?   A . n 
A 1 20  GLN 20  8   ?   ?   ?   A . n 
A 1 21  ALA 21  9   ?   ?   ?   A . n 
A 1 22  SER 22  10  ?   ?   ?   A . n 
A 1 23  LEU 23  11  ?   ?   ?   A . n 
A 1 24  PRO 24  12  ?   ?   ?   A . n 
A 1 25  ARG 25  13  ?   ?   ?   A . n 
A 1 26  GLY 26  14  ?   ?   ?   A . n 
A 1 27  ARG 27  15  ?   ?   ?   A . n 
A 1 28  ARG 28  16  ?   ?   ?   A . n 
A 1 29  THR 29  17  ?   ?   ?   A . n 
A 1 30  ALA 30  18  ?   ?   ?   A . n 
A 1 31  ARG 31  19  ?   ?   ?   A . n 
A 1 32  PRO 32  20  ?   ?   ?   A . n 
A 1 33  SER 33  21  ?   ?   ?   A . n 
A 1 34  GLY 34  22  ?   ?   ?   A . n 
A 1 35  ASP 35  23  ?   ?   ?   A . n 
A 1 36  ASP 36  24  24  ASP ASP A . n 
A 1 37  ARG 37  25  25  ARG ARG A . n 
A 1 38  GLU 38  26  26  GLU GLU A . n 
A 1 39  LEU 39  27  27  LEU LEU A . n 
A 1 40  ALA 40  28  28  ALA ALA A . n 
A 1 41  ILE 41  29  29  ILE ILE A . n 
A 1 42  LEU 42  30  30  LEU LEU A . n 
A 1 43  ALA 43  31  31  ALA ALA A . n 
A 1 44  THR 44  32  32  THR THR A . n 
A 1 45  ALA 45  33  33  ALA ALA A . n 
A 1 46  GLU 46  34  34  GLU GLU A . n 
A 1 47  ASN 47  35  35  ASN ASN A . n 
A 1 48  LEU 48  36  36  LEU LEU A . n 
A 1 49  LEU 49  37  37  LEU LEU A . n 
A 1 50  GLU 50  38  38  GLU GLU A . n 
A 1 51  ASP 51  39  39  ASP ASP A . n 
A 1 52  ARG 52  40  40  ARG ARG A . n 
A 1 53  PRO 53  41  41  PRO PRO A . n 
A 1 54  LEU 54  42  42  LEU LEU A . n 
A 1 55  ALA 55  43  43  ALA ALA A . n 
A 1 56  ASP 56  44  44  ASP ASP A . n 
A 1 57  ILE 57  45  45  ILE ILE A . n 
A 1 58  SER 58  46  46  SER SER A . n 
A 1 59  VAL 59  47  47  VAL VAL A . n 
A 1 60  ASP 60  48  48  ASP ASP A . n 
A 1 61  ASP 61  49  49  ASP ASP A . n 
A 1 62  LEU 62  50  50  LEU LEU A . n 
A 1 63  ALA 63  51  51  ALA ALA A . n 
A 1 64  LYS 64  52  52  LYS LYS A . n 
A 1 65  GLY 65  53  53  GLY GLY A . n 
A 1 66  ALA 66  54  54  ALA ALA A . n 
A 1 67  GLY 67  55  55  GLY GLY A . n 
A 1 68  ILE 68  56  56  ILE ILE A . n 
A 1 69  SER 69  57  57  SER SER A . n 
A 1 70  ARG 70  58  58  ARG ARG A . n 
A 1 71  PRO 71  59  59  PRO PRO A . n 
A 1 72  THR 72  60  60  THR THR A . n 
A 1 73  PHE 73  61  61  PHE PHE A . n 
A 1 74  TYR 74  62  62  TYR TYR A . n 
A 1 75  PHE 75  63  63  PHE PHE A . n 
A 1 76  TYR 76  64  64  TYR TYR A . n 
A 1 77  PHE 77  65  65  PHE PHE A . n 
A 1 78  PRO 78  66  66  PRO PRO A . n 
A 1 79  SER 79  67  67  SER SER A . n 
A 1 80  LYS 80  68  68  LYS LYS A . n 
A 1 81  GLU 81  69  69  GLU GLU A . n 
A 1 82  ALA 82  70  70  ALA ALA A . n 
A 1 83  VAL 83  71  71  VAL VAL A . n 
A 1 84  LEU 84  72  72  LEU LEU A . n 
A 1 85  LEU 85  73  73  LEU LEU A . n 
A 1 86  THR 86  74  74  THR THR A . n 
A 1 87  LEU 87  75  75  LEU LEU A . n 
A 1 88  LEU 88  76  76  LEU LEU A . n 
A 1 89  ASP 89  77  77  ASP ASP A . n 
A 1 90  ARG 90  78  78  ARG ARG A . n 
A 1 91  VAL 91  79  79  VAL VAL A . n 
A 1 92  VAL 92  80  80  VAL VAL A . n 
A 1 93  ASN 93  81  81  ASN ASN A . n 
A 1 94  GLN 94  82  82  GLN GLN A . n 
A 1 95  ALA 95  83  83  ALA ALA A . n 
A 1 96  ASP 96  84  84  ASP ASP A . n 
A 1 97  MET 97  85  85  MET MET A . n 
A 1 98  ALA 98  86  86  ALA ALA A . n 
A 1 99  LEU 99  87  87  LEU LEU A . n 
A 1 100 GLN 100 88  88  GLN GLN A . n 
A 1 101 THR 101 89  89  THR THR A . n 
A 1 102 LEU 102 90  90  LEU LEU A . n 
A 1 103 ALA 103 91  91  ALA ALA A . n 
A 1 104 GLU 104 92  92  GLU GLU A . n 
A 1 105 ASN 105 93  93  ASN ASN A . n 
A 1 106 PRO 106 94  94  PRO PRO A . n 
A 1 107 ALA 107 95  95  ALA ALA A . n 
A 1 108 ASP 108 96  96  ASP ASP A . n 
A 1 109 THR 109 97  97  THR THR A . n 
A 1 110 ASP 110 98  98  ASP ASP A . n 
A 1 111 ARG 111 99  99  ARG ARG A . n 
A 1 112 GLU 112 100 100 GLU GLU A . n 
A 1 113 ASN 113 101 101 ASN ASN A . n 
A 1 114 MET 114 102 102 MET MET A . n 
A 1 115 TRP 115 103 103 TRP TRP A . n 
A 1 116 ARG 116 104 104 ARG ARG A . n 
A 1 117 THR 117 105 105 THR THR A . n 
A 1 118 GLY 118 106 106 GLY GLY A . n 
A 1 119 ILE 119 107 107 ILE ILE A . n 
A 1 120 ASN 120 108 108 ASN ASN A . n 
A 1 121 VAL 121 109 109 VAL VAL A . n 
A 1 122 PHE 122 110 110 PHE PHE A . n 
A 1 123 PHE 123 111 111 PHE PHE A . n 
A 1 124 GLU 124 112 112 GLU GLU A . n 
A 1 125 THR 125 113 113 THR THR A . n 
A 1 126 PHE 126 114 114 PHE PHE A . n 
A 1 127 GLY 127 115 115 GLY GLY A . n 
A 1 128 SER 128 116 116 SER SER A . n 
A 1 129 HIS 129 117 117 HIS HIS A . n 
A 1 130 LYS 130 118 118 LYS LYS A . n 
A 1 131 ALA 131 119 119 ALA ALA A . n 
A 1 132 VAL 132 120 120 VAL VAL A . n 
A 1 133 THR 133 121 121 THR THR A . n 
A 1 134 ARG 134 122 122 ARG ARG A . n 
A 1 135 ALA 135 123 123 ALA ALA A . n 
A 1 136 GLY 136 124 124 GLY GLY A . n 
A 1 137 GLN 137 125 125 GLN GLN A . n 
A 1 138 ALA 138 126 126 ALA ALA A . n 
A 1 139 ALA 139 127 127 ALA ALA A . n 
A 1 140 ARG 140 128 128 ARG ARG A . n 
A 1 141 ALA 141 129 129 ALA ALA A . n 
A 1 142 THR 142 130 130 THR THR A . n 
A 1 143 SER 143 131 131 SER SER A . n 
A 1 144 VAL 144 132 132 VAL VAL A . n 
A 1 145 GLU 145 133 133 GLU GLU A . n 
A 1 146 VAL 146 134 134 VAL VAL A . n 
A 1 147 ALA 147 135 135 ALA ALA A . n 
A 1 148 GLU 148 136 136 GLU GLU A . n 
A 1 149 LEU 149 137 137 LEU LEU A . n 
A 1 150 TRP 150 138 138 TRP TRP A . n 
A 1 151 SER 151 139 139 SER SER A . n 
A 1 152 THR 152 140 140 THR THR A . n 
A 1 153 PHE 153 141 141 PHE PHE A . n 
A 1 154 MET 154 142 142 MET MET A . n 
A 1 155 GLN 155 143 143 GLN GLN A . n 
A 1 156 LYS 156 144 144 LYS LYS A . n 
A 1 157 TRP 157 145 145 TRP TRP A . n 
A 1 158 ILE 158 146 146 ILE ILE A . n 
A 1 159 ALA 159 147 147 ALA ALA A . n 
A 1 160 TYR 160 148 148 TYR TYR A . n 
A 1 161 THR 161 149 149 THR THR A . n 
A 1 162 ALA 162 150 150 ALA ALA A . n 
A 1 163 ALA 163 151 151 ALA ALA A . n 
A 1 164 VAL 164 152 152 VAL VAL A . n 
A 1 165 ILE 165 153 153 ILE ILE A . n 
A 1 166 ASP 166 154 154 ASP ASP A . n 
A 1 167 ALA 167 155 155 ALA ALA A . n 
A 1 168 GLU 168 156 156 GLU GLU A . n 
A 1 169 ARG 169 157 157 ARG ARG A . n 
A 1 170 ASP 170 158 158 ASP ASP A . n 
A 1 171 ARG 171 159 159 ARG ARG A . n 
A 1 172 GLY 172 160 160 GLY GLY A . n 
A 1 173 ALA 173 161 161 ALA ALA A . n 
A 1 174 ALA 174 162 162 ALA ALA A . n 
A 1 175 PRO 175 163 163 PRO PRO A . n 
A 1 176 ARG 176 164 164 ARG ARG A . n 
A 1 177 THR 177 165 165 THR THR A . n 
A 1 178 LEU 178 166 166 LEU LEU A . n 
A 1 179 PRO 179 167 167 PRO PRO A . n 
A 1 180 ALA 180 168 168 ALA ALA A . n 
A 1 181 HIS 181 169 169 HIS HIS A . n 
A 1 182 GLU 182 170 170 GLU GLU A . n 
A 1 183 LEU 183 171 171 LEU LEU A . n 
A 1 184 ALA 184 172 172 ALA ALA A . n 
A 1 185 THR 185 173 173 THR THR A . n 
A 1 186 ALA 186 174 174 ALA ALA A . n 
A 1 187 LEU 187 175 175 LEU LEU A . n 
A 1 188 ASN 188 176 176 ASN ASN A . n 
A 1 189 LEU 189 177 177 LEU LEU A . n 
A 1 190 MET 190 178 178 MET MET A . n 
A 1 191 ASN 191 179 179 ASN ASN A . n 
A 1 192 GLU 192 180 180 GLU GLU A . n 
A 1 193 ARG 193 181 181 ARG ARG A . n 
A 1 194 THR 194 182 182 THR THR A . n 
A 1 195 LEU 195 183 183 LEU LEU A . n 
A 1 196 PHE 196 184 184 PHE PHE A . n 
A 1 197 ALA 197 185 185 ALA ALA A . n 
A 1 198 SER 198 186 186 SER SER A . n 
A 1 199 PHE 199 187 187 PHE PHE A . n 
A 1 200 ALA 200 188 188 ALA ALA A . n 
A 1 201 GLY 201 189 189 GLY GLY A . n 
A 1 202 GLU 202 190 190 GLU GLU A . n 
A 1 203 GLN 203 191 191 GLN GLN A . n 
A 1 204 PRO 204 192 192 PRO PRO A . n 
A 1 205 SER 205 193 193 SER SER A . n 
A 1 206 VAL 206 194 194 VAL VAL A . n 
A 1 207 PRO 207 195 195 PRO PRO A . n 
A 1 208 GLU 208 196 196 GLU GLU A . n 
A 1 209 ALA 209 197 197 ALA ALA A . n 
A 1 210 ARG 210 198 198 ARG ARG A . n 
A 1 211 VAL 211 199 199 VAL VAL A . n 
A 1 212 LEU 212 200 200 LEU LEU A . n 
A 1 213 ASP 213 201 201 ASP ASP A . n 
A 1 214 THR 214 202 202 THR THR A . n 
A 1 215 LEU 215 203 203 LEU LEU A . n 
A 1 216 VAL 216 204 204 VAL VAL A . n 
A 1 217 HIS 217 205 205 HIS HIS A . n 
A 1 218 ILE 218 206 206 ILE ILE A . n 
A 1 219 TRP 219 207 207 TRP TRP A . n 
A 1 220 VAL 220 208 208 VAL VAL A . n 
A 1 221 THR 221 209 209 THR THR A . n 
A 1 222 SER 222 210 210 SER SER A . n 
A 1 223 ILE 223 211 211 ILE ILE A . n 
A 1 224 TYR 224 212 212 TYR TYR A . n 
A 1 225 GLY 225 213 213 GLY GLY A . n 
A 1 226 GLU 226 214 214 GLU GLU A . n 
A 1 227 ASN 227 215 ?   ?   ?   A . n 
A 1 228 ARG 228 216 ?   ?   ?   A . n 
# 
loop_
_pdbx_nonpoly_scheme.asym_id 
_pdbx_nonpoly_scheme.entity_id 
_pdbx_nonpoly_scheme.mon_id 
_pdbx_nonpoly_scheme.ndb_seq_num 
_pdbx_nonpoly_scheme.pdb_seq_num 
_pdbx_nonpoly_scheme.auth_seq_num 
_pdbx_nonpoly_scheme.pdb_mon_id 
_pdbx_nonpoly_scheme.auth_mon_id 
_pdbx_nonpoly_scheme.pdb_strand_id 
_pdbx_nonpoly_scheme.pdb_ins_code 
B 2 GHK 1  301 1  GHK DRG A . 
C 3 HOH 1  401 12 HOH HOH A . 
C 3 HOH 2  402 2  HOH HOH A . 
C 3 HOH 3  403 5  HOH HOH A . 
C 3 HOH 4  404 24 HOH HOH A . 
C 3 HOH 5  405 9  HOH HOH A . 
C 3 HOH 6  406 27 HOH HOH A . 
C 3 HOH 7  407 34 HOH HOH A . 
C 3 HOH 8  408 14 HOH HOH A . 
C 3 HOH 9  409 25 HOH HOH A . 
C 3 HOH 10 410 10 HOH HOH A . 
C 3 HOH 11 411 15 HOH HOH A . 
C 3 HOH 12 412 20 HOH HOH A . 
C 3 HOH 13 413 32 HOH HOH A . 
C 3 HOH 14 414 3  HOH HOH A . 
C 3 HOH 15 415 7  HOH HOH A . 
C 3 HOH 16 416 17 HOH HOH A . 
C 3 HOH 17 417 1  HOH HOH A . 
C 3 HOH 18 418 30 HOH HOH A . 
C 3 HOH 19 419 26 HOH HOH A . 
C 3 HOH 20 420 31 HOH HOH A . 
C 3 HOH 21 421 22 HOH HOH A . 
C 3 HOH 22 422 35 HOH HOH A . 
C 3 HOH 23 423 6  HOH HOH A . 
C 3 HOH 24 424 33 HOH HOH A . 
C 3 HOH 25 425 11 HOH HOH A . 
C 3 HOH 26 426 13 HOH HOH A . 
C 3 HOH 27 427 18 HOH HOH A . 
C 3 HOH 28 428 4  HOH HOH A . 
C 3 HOH 29 429 16 HOH HOH A . 
C 3 HOH 30 430 8  HOH HOH A . 
C 3 HOH 31 431 21 HOH HOH A . 
C 3 HOH 32 432 29 HOH HOH A . 
C 3 HOH 33 433 23 HOH HOH A . 
C 3 HOH 34 434 28 HOH HOH A . 
C 3 HOH 35 435 19 HOH HOH A . 
# 
loop_
_software.citation_id 
_software.classification 
_software.compiler_name 
_software.compiler_version 
_software.contact_author 
_software.contact_author_email 
_software.date 
_software.description 
_software.dependencies 
_software.hardware 
_software.language 
_software.location 
_software.mods 
_software.name 
_software.os 
_software.os_version 
_software.type 
_software.version 
_software.pdbx_ordinal 
? refinement       ? ? ? ? ? ? ? ? ? ? ? REFMAC  ? ? ? 5.8.0232 1 
? 'data reduction' ? ? ? ? ? ? ? ? ? ? ? iMOSFLM ? ? ? .        2 
? phasing          ? ? ? ? ? ? ? ? ? ? ? MOLREP  ? ? ? .        3 
# 
_cell.angle_alpha                  90.00 
_cell.angle_alpha_esd              ? 
_cell.angle_beta                   90.00 
_cell.angle_beta_esd               ? 
_cell.angle_gamma                  90.00 
_cell.angle_gamma_esd              ? 
_cell.entry_id                     6HOD 
_cell.details                      ? 
_cell.formula_units_Z              ? 
_cell.length_a                     121.535 
_cell.length_a_esd                 ? 
_cell.length_b                     121.535 
_cell.length_b_esd                 ? 
_cell.length_c                     33.717 
_cell.length_c_esd                 ? 
_cell.volume                       ? 
_cell.volume_esd                   ? 
_cell.Z_PDB                        8 
_cell.reciprocal_angle_alpha       ? 
_cell.reciprocal_angle_beta        ? 
_cell.reciprocal_angle_gamma       ? 
_cell.reciprocal_angle_alpha_esd   ? 
_cell.reciprocal_angle_beta_esd    ? 
_cell.reciprocal_angle_gamma_esd   ? 
_cell.reciprocal_length_a          ? 
_cell.reciprocal_length_b          ? 
_cell.reciprocal_length_c          ? 
_cell.reciprocal_length_a_esd      ? 
_cell.reciprocal_length_b_esd      ? 
_cell.reciprocal_length_c_esd      ? 
_cell.pdbx_unique_axis             ? 
# 
_symmetry.entry_id                         6HOD 
_symmetry.cell_setting                     ? 
_symmetry.Int_Tables_number                92 
_symmetry.space_group_name_Hall            ? 
_symmetry.space_group_name_H-M             'P 41 21 2' 
_symmetry.pdbx_full_space_group_name_H-M   ? 
# 
_exptl.absorpt_coefficient_mu     ? 
_exptl.absorpt_correction_T_max   ? 
_exptl.absorpt_correction_T_min   ? 
_exptl.absorpt_correction_type    ? 
_exptl.absorpt_process_details    ? 
_exptl.entry_id                   6HOD 
_exptl.crystals_number            1 
_exptl.details                    ? 
_exptl.method                     'X-RAY DIFFRACTION' 
_exptl.method_details             ? 
# 
_exptl_crystal.colour                      ? 
_exptl_crystal.density_diffrn              ? 
_exptl_crystal.density_Matthews            2.40 
_exptl_crystal.density_method              ? 
_exptl_crystal.density_percent_sol         48.82 
_exptl_crystal.description                 ? 
_exptl_crystal.F_000                       ? 
_exptl_crystal.id                          1 
_exptl_crystal.preparation                 ? 
_exptl_crystal.size_max                    ? 
_exptl_crystal.size_mid                    ? 
_exptl_crystal.size_min                    ? 
_exptl_crystal.size_rad                    ? 
_exptl_crystal.colour_lustre               ? 
_exptl_crystal.colour_modifier             ? 
_exptl_crystal.colour_primary              ? 
_exptl_crystal.density_meas                ? 
_exptl_crystal.density_meas_esd            ? 
_exptl_crystal.density_meas_gt             ? 
_exptl_crystal.density_meas_lt             ? 
_exptl_crystal.density_meas_temp           ? 
_exptl_crystal.density_meas_temp_esd       ? 
_exptl_crystal.density_meas_temp_gt        ? 
_exptl_crystal.density_meas_temp_lt        ? 
_exptl_crystal.pdbx_crystal_image_url      ? 
_exptl_crystal.pdbx_crystal_image_format   ? 
_exptl_crystal.pdbx_mosaicity              ? 
_exptl_crystal.pdbx_mosaicity_esd          ? 
# 
_exptl_crystal_grow.apparatus       ? 
_exptl_crystal_grow.atmosphere      ? 
_exptl_crystal_grow.crystal_id      1 
_exptl_crystal_grow.details         ? 
_exptl_crystal_grow.method          'VAPOR DIFFUSION' 
_exptl_crystal_grow.method_ref      ? 
_exptl_crystal_grow.pH              6.7 
_exptl_crystal_grow.pressure        ? 
_exptl_crystal_grow.pressure_esd    ? 
_exptl_crystal_grow.seeding         ? 
_exptl_crystal_grow.seeding_ref     ? 
_exptl_crystal_grow.temp            293 
_exptl_crystal_grow.temp_details    ? 
_exptl_crystal_grow.temp_esd        ? 
_exptl_crystal_grow.time            ? 
_exptl_crystal_grow.pdbx_details    '1.4-1.6 ammonium sulfate, 15% glycerol, 100 mM MES' 
_exptl_crystal_grow.pdbx_pH_range   ? 
# 
_diffrn.ambient_environment              ? 
_diffrn.ambient_temp                     100 
_diffrn.ambient_temp_details             ? 
_diffrn.ambient_temp_esd                 ? 
_diffrn.crystal_id                       1 
_diffrn.crystal_support                  ? 
_diffrn.crystal_treatment                ? 
_diffrn.details                          ? 
_diffrn.id                               1 
_diffrn.ambient_pressure                 ? 
_diffrn.ambient_pressure_esd             ? 
_diffrn.ambient_pressure_gt              ? 
_diffrn.ambient_pressure_lt              ? 
_diffrn.ambient_temp_gt                  ? 
_diffrn.ambient_temp_lt                  ? 
_diffrn.pdbx_serial_crystal_experiment   ? 
# 
_diffrn_detector.details                      ? 
_diffrn_detector.detector                     PIXEL 
_diffrn_detector.diffrn_id                    1 
_diffrn_detector.type                         'DECTRIS PILATUS 6M' 
_diffrn_detector.area_resol_mean              ? 
_diffrn_detector.dtime                        ? 
_diffrn_detector.pdbx_frames_total            ? 
_diffrn_detector.pdbx_collection_time_total   ? 
_diffrn_detector.pdbx_collection_date         2010-12-06 
_diffrn_detector.pdbx_frequency               ? 
# 
_diffrn_radiation.collimation                      ? 
_diffrn_radiation.diffrn_id                        1 
_diffrn_radiation.filter_edge                      ? 
_diffrn_radiation.inhomogeneity                    ? 
_diffrn_radiation.monochromator                    ? 
_diffrn_radiation.polarisn_norm                    ? 
_diffrn_radiation.polarisn_ratio                   ? 
_diffrn_radiation.probe                            ? 
_diffrn_radiation.type                             ? 
_diffrn_radiation.xray_symbol                      ? 
_diffrn_radiation.wavelength_id                    1 
_diffrn_radiation.pdbx_monochromatic_or_laue_m_l   M 
_diffrn_radiation.pdbx_wavelength_list             ? 
_diffrn_radiation.pdbx_wavelength                  ? 
_diffrn_radiation.pdbx_diffrn_protocol             'SINGLE WAVELENGTH' 
_diffrn_radiation.pdbx_analyzer                    ? 
_diffrn_radiation.pdbx_scattering_type             x-ray 
# 
_diffrn_radiation_wavelength.id           1 
_diffrn_radiation_wavelength.wavelength   1.00 
_diffrn_radiation_wavelength.wt           1.0 
# 
_diffrn_source.current                     ? 
_diffrn_source.details                     ? 
_diffrn_source.diffrn_id                   1 
_diffrn_source.power                       ? 
_diffrn_source.size                        ? 
_diffrn_source.source                      SYNCHROTRON 
_diffrn_source.target                      ? 
_diffrn_source.type                        'SLS BEAMLINE X06SA' 
_diffrn_source.voltage                     ? 
_diffrn_source.take-off_angle              ? 
_diffrn_source.pdbx_wavelength_list        1.00 
_diffrn_source.pdbx_wavelength             ? 
_diffrn_source.pdbx_synchrotron_beamline   X06SA 
_diffrn_source.pdbx_synchrotron_site       SLS 
# 
_reflns.B_iso_Wilson_estimate            ? 
_reflns.entry_id                         6HOD 
_reflns.data_reduction_details           ? 
_reflns.data_reduction_method            ? 
_reflns.d_resolution_high                1.70 
_reflns.d_resolution_low                 42.97 
_reflns.details                          ? 
_reflns.limit_h_max                      ? 
_reflns.limit_h_min                      ? 
_reflns.limit_k_max                      ? 
_reflns.limit_k_min                      ? 
_reflns.limit_l_max                      ? 
_reflns.limit_l_min                      ? 
_reflns.number_all                       ? 
_reflns.number_obs                       28381 
_reflns.observed_criterion               ? 
_reflns.observed_criterion_F_max         ? 
_reflns.observed_criterion_F_min         ? 
_reflns.observed_criterion_I_max         ? 
_reflns.observed_criterion_I_min         ? 
_reflns.observed_criterion_sigma_F       ? 
_reflns.observed_criterion_sigma_I       ? 
_reflns.percent_possible_obs             99.7 
_reflns.R_free_details                   ? 
_reflns.Rmerge_F_all                     ? 
_reflns.Rmerge_F_obs                     ? 
_reflns.Friedel_coverage                 ? 
_reflns.number_gt                        ? 
_reflns.threshold_expression             ? 
_reflns.pdbx_redundancy                  7.8 
_reflns.pdbx_Rmerge_I_obs                0.085 
_reflns.pdbx_Rmerge_I_all                ? 
_reflns.pdbx_Rsym_value                  ? 
_reflns.pdbx_netI_over_av_sigmaI         ? 
_reflns.pdbx_netI_over_sigmaI            19.4 
_reflns.pdbx_res_netI_over_av_sigmaI_2   ? 
_reflns.pdbx_res_netI_over_sigmaI_2      ? 
_reflns.pdbx_chi_squared                 ? 
_reflns.pdbx_scaling_rejects             ? 
_reflns.pdbx_d_res_high_opt              ? 
_reflns.pdbx_d_res_low_opt               ? 
_reflns.pdbx_d_res_opt_method            ? 
_reflns.phase_calculation_details        ? 
_reflns.pdbx_Rrim_I_all                  ? 
_reflns.pdbx_Rpim_I_all                  ? 
_reflns.pdbx_d_opt                       ? 
_reflns.pdbx_number_measured_all         ? 
_reflns.pdbx_diffrn_id                   1 
_reflns.pdbx_ordinal                     1 
_reflns.pdbx_CC_half                     ? 
_reflns.pdbx_R_split                     ? 
# 
_reflns_shell.d_res_high                  1.70 
_reflns_shell.d_res_low                   1.79 
_reflns_shell.meanI_over_sigI_all         ? 
_reflns_shell.meanI_over_sigI_obs         1.3 
_reflns_shell.number_measured_all         ? 
_reflns_shell.number_measured_obs         ? 
_reflns_shell.number_possible             ? 
_reflns_shell.number_unique_all           ? 
_reflns_shell.number_unique_obs           3989 
_reflns_shell.percent_possible_all        97.9 
_reflns_shell.percent_possible_obs        ? 
_reflns_shell.Rmerge_F_all                ? 
_reflns_shell.Rmerge_F_obs                ? 
_reflns_shell.Rmerge_I_all                ? 
_reflns_shell.Rmerge_I_obs                1.532 
_reflns_shell.meanI_over_sigI_gt          ? 
_reflns_shell.meanI_over_uI_all           ? 
_reflns_shell.meanI_over_uI_gt            ? 
_reflns_shell.number_measured_gt          ? 
_reflns_shell.number_unique_gt            ? 
_reflns_shell.percent_possible_gt         ? 
_reflns_shell.Rmerge_F_gt                 ? 
_reflns_shell.Rmerge_I_gt                 ? 
_reflns_shell.pdbx_redundancy             6.9 
_reflns_shell.pdbx_Rsym_value             ? 
_reflns_shell.pdbx_chi_squared            ? 
_reflns_shell.pdbx_netI_over_sigmaI_all   ? 
_reflns_shell.pdbx_netI_over_sigmaI_obs   ? 
_reflns_shell.pdbx_Rrim_I_all             ? 
_reflns_shell.pdbx_Rpim_I_all             ? 
_reflns_shell.pdbx_rejects                ? 
_reflns_shell.pdbx_ordinal                1 
_reflns_shell.pdbx_diffrn_id              1 
_reflns_shell.pdbx_CC_half                ? 
_reflns_shell.pdbx_R_split                ? 
# 
_refine.aniso_B[1][1]                            -0.01 
_refine.aniso_B[1][2]                            0.00 
_refine.aniso_B[1][3]                            0.00 
_refine.aniso_B[2][2]                            -0.01 
_refine.aniso_B[2][3]                            0.00 
_refine.aniso_B[3][3]                            0.02 
_refine.B_iso_max                                ? 
_refine.B_iso_mean                               26.242 
_refine.B_iso_min                                ? 
_refine.correlation_coeff_Fo_to_Fc               0.956 
_refine.correlation_coeff_Fo_to_Fc_free          0.952 
_refine.details                                  'HYDROGENS HAVE BEEN ADDED IN THE RIDING POSITIONS' 
_refine.diff_density_max                         ? 
_refine.diff_density_max_esd                     ? 
_refine.diff_density_min                         ? 
_refine.diff_density_min_esd                     ? 
_refine.diff_density_rms                         ? 
_refine.diff_density_rms_esd                     ? 
_refine.entry_id                                 6HOD 
_refine.pdbx_refine_id                           'X-RAY DIFFRACTION' 
_refine.ls_abs_structure_details                 ? 
_refine.ls_abs_structure_Flack                   ? 
_refine.ls_abs_structure_Flack_esd               ? 
_refine.ls_abs_structure_Rogers                  ? 
_refine.ls_abs_structure_Rogers_esd              ? 
_refine.ls_d_res_high                            1.70 
_refine.ls_d_res_low                             42.97 
_refine.ls_extinction_coef                       ? 
_refine.ls_extinction_coef_esd                   ? 
_refine.ls_extinction_expression                 ? 
_refine.ls_extinction_method                     ? 
_refine.ls_goodness_of_fit_all                   ? 
_refine.ls_goodness_of_fit_all_esd               ? 
_refine.ls_goodness_of_fit_obs                   ? 
_refine.ls_goodness_of_fit_obs_esd               ? 
_refine.ls_hydrogen_treatment                    ? 
_refine.ls_matrix_type                           ? 
_refine.ls_number_constraints                    ? 
_refine.ls_number_parameters                     ? 
_refine.ls_number_reflns_all                     ? 
_refine.ls_number_reflns_obs                     26914 
_refine.ls_number_reflns_R_free                  1418 
_refine.ls_number_reflns_R_work                  ? 
_refine.ls_number_restraints                     ? 
_refine.ls_percent_reflns_obs                    99.64 
_refine.ls_percent_reflns_R_free                 5.0 
_refine.ls_R_factor_all                          ? 
_refine.ls_R_factor_obs                          0.20542 
_refine.ls_R_factor_R_free                       0.22381 
_refine.ls_R_factor_R_free_error                 ? 
_refine.ls_R_factor_R_free_error_details         ? 
_refine.ls_R_factor_R_work                       0.20445 
_refine.ls_R_Fsqd_factor_obs                     ? 
_refine.ls_R_I_factor_obs                        ? 
_refine.ls_redundancy_reflns_all                 ? 
_refine.ls_redundancy_reflns_obs                 ? 
_refine.ls_restrained_S_all                      ? 
_refine.ls_restrained_S_obs                      ? 
_refine.ls_shift_over_esd_max                    ? 
_refine.ls_shift_over_esd_mean                   ? 
_refine.ls_structure_factor_coef                 ? 
_refine.ls_weighting_details                     ? 
_refine.ls_weighting_scheme                      ? 
_refine.ls_wR_factor_all                         ? 
_refine.ls_wR_factor_obs                         ? 
_refine.ls_wR_factor_R_free                      ? 
_refine.ls_wR_factor_R_work                      ? 
_refine.occupancy_max                            ? 
_refine.occupancy_min                            ? 
_refine.solvent_model_details                    ? 
_refine.solvent_model_param_bsol                 ? 
_refine.solvent_model_param_ksol                 ? 
_refine.ls_R_factor_gt                           ? 
_refine.ls_goodness_of_fit_gt                    ? 
_refine.ls_goodness_of_fit_ref                   ? 
_refine.ls_shift_over_su_max                     ? 
_refine.ls_shift_over_su_max_lt                  ? 
_refine.ls_shift_over_su_mean                    ? 
_refine.ls_shift_over_su_mean_lt                 ? 
_refine.pdbx_ls_sigma_I                          ? 
_refine.pdbx_ls_sigma_F                          ? 
_refine.pdbx_ls_sigma_Fsqd                       ? 
_refine.pdbx_data_cutoff_high_absF               ? 
_refine.pdbx_data_cutoff_high_rms_absF           ? 
_refine.pdbx_data_cutoff_low_absF                ? 
_refine.pdbx_isotropic_thermal_model             ? 
_refine.pdbx_ls_cross_valid_method               THROUGHOUT 
_refine.pdbx_method_to_determine_struct          'MOLECULAR REPLACEMENT' 
_refine.pdbx_starting_model                      1U9N 
_refine.pdbx_stereochemistry_target_values       ? 
_refine.pdbx_R_Free_selection_details            RANDOM 
_refine.pdbx_stereochem_target_val_spec_case     ? 
_refine.pdbx_overall_ESU_R                       0.097 
_refine.pdbx_overall_ESU_R_Free                  0.093 
_refine.pdbx_solvent_vdw_probe_radii             1.20 
_refine.pdbx_solvent_ion_probe_radii             0.80 
_refine.pdbx_solvent_shrinkage_radii             0.80 
_refine.pdbx_real_space_R                        ? 
_refine.pdbx_density_correlation                 ? 
_refine.pdbx_pd_number_of_powder_patterns        ? 
_refine.pdbx_pd_number_of_points                 ? 
_refine.pdbx_pd_meas_number_of_points            ? 
_refine.pdbx_pd_proc_ls_prof_R_factor            ? 
_refine.pdbx_pd_proc_ls_prof_wR_factor           ? 
_refine.pdbx_pd_Marquardt_correlation_coeff      ? 
_refine.pdbx_pd_Fsqrd_R_factor                   ? 
_refine.pdbx_pd_ls_matrix_band_width             ? 
_refine.pdbx_overall_phase_error                 ? 
_refine.pdbx_overall_SU_R_free_Cruickshank_DPI   ? 
_refine.pdbx_overall_SU_R_free_Blow_DPI          ? 
_refine.pdbx_overall_SU_R_Blow_DPI               ? 
_refine.pdbx_TLS_residual_ADP_flag               ? 
_refine.pdbx_diffrn_id                           1 
_refine.overall_SU_B                             2.554 
_refine.overall_SU_ML                            0.078 
_refine.overall_SU_R_Cruickshank_DPI             ? 
_refine.overall_SU_R_free                        ? 
_refine.overall_FOM_free_R_set                   ? 
_refine.overall_FOM_work_R_set                   ? 
_refine.pdbx_average_fsc_overall                 ? 
_refine.pdbx_average_fsc_work                    ? 
_refine.pdbx_average_fsc_free                    ? 
# 
_refine_hist.pdbx_refine_id                   'X-RAY DIFFRACTION' 
_refine_hist.cycle_id                         1 
_refine_hist.pdbx_number_atoms_protein        1490 
_refine_hist.pdbx_number_atoms_nucleic_acid   0 
_refine_hist.pdbx_number_atoms_ligand         23 
_refine_hist.number_atoms_solvent             35 
_refine_hist.number_atoms_total               1548 
_refine_hist.d_res_high                       1.70 
_refine_hist.d_res_low                        42.97 
# 
loop_
_refine_ls_restr.pdbx_refine_id 
_refine_ls_restr.criterion 
_refine_ls_restr.dev_ideal 
_refine_ls_restr.dev_ideal_target 
_refine_ls_restr.number 
_refine_ls_restr.rejects 
_refine_ls_restr.type 
_refine_ls_restr.weight 
_refine_ls_restr.pdbx_restraint_function 
'X-RAY DIFFRACTION' ? 0.012  0.013  1559 ? r_bond_refined_d             ? ? 
'X-RAY DIFFRACTION' ? 0.001  0.017  1431 ? r_bond_other_d               ? ? 
'X-RAY DIFFRACTION' ? 1.806  1.662  2130 ? r_angle_refined_deg          ? ? 
'X-RAY DIFFRACTION' ? 1.556  1.581  3290 ? r_angle_other_deg            ? ? 
'X-RAY DIFFRACTION' ? 5.124  5.000  192  ? r_dihedral_angle_1_deg       ? ? 
'X-RAY DIFFRACTION' ? 33.200 21.512 86   ? r_dihedral_angle_2_deg       ? ? 
'X-RAY DIFFRACTION' ? 12.111 15.000 241  ? r_dihedral_angle_3_deg       ? ? 
'X-RAY DIFFRACTION' ? 17.203 15.000 13   ? r_dihedral_angle_4_deg       ? ? 
'X-RAY DIFFRACTION' ? 0.084  0.200  208  ? r_chiral_restr               ? ? 
'X-RAY DIFFRACTION' ? 0.009  0.020  1757 ? r_gen_planes_refined         ? ? 
'X-RAY DIFFRACTION' ? 0.001  0.020  354  ? r_gen_planes_other           ? ? 
'X-RAY DIFFRACTION' ? ?      ?      ?    ? r_nbd_refined                ? ? 
'X-RAY DIFFRACTION' ? ?      ?      ?    ? r_nbd_other                  ? ? 
'X-RAY DIFFRACTION' ? ?      ?      ?    ? r_nbtor_refined              ? ? 
'X-RAY DIFFRACTION' ? ?      ?      ?    ? r_nbtor_other                ? ? 
'X-RAY DIFFRACTION' ? ?      ?      ?    ? r_xyhbond_nbd_refined        ? ? 
'X-RAY DIFFRACTION' ? ?      ?      ?    ? r_xyhbond_nbd_other          ? ? 
'X-RAY DIFFRACTION' ? ?      ?      ?    ? r_metal_ion_refined          ? ? 
'X-RAY DIFFRACTION' ? ?      ?      ?    ? r_metal_ion_other            ? ? 
'X-RAY DIFFRACTION' ? ?      ?      ?    ? r_symmetry_vdw_refined       ? ? 
'X-RAY DIFFRACTION' ? ?      ?      ?    ? r_symmetry_vdw_other         ? ? 
'X-RAY DIFFRACTION' ? ?      ?      ?    ? r_symmetry_hbond_refined     ? ? 
'X-RAY DIFFRACTION' ? ?      ?      ?    ? r_symmetry_hbond_other       ? ? 
'X-RAY DIFFRACTION' ? ?      ?      ?    ? r_symmetry_metal_ion_refined ? ? 
'X-RAY DIFFRACTION' ? ?      ?      ?    ? r_symmetry_metal_ion_other   ? ? 
'X-RAY DIFFRACTION' ? 2.339  2.583  765  ? r_mcbond_it                  ? ? 
'X-RAY DIFFRACTION' ? 2.336  2.580  764  ? r_mcbond_other               ? ? 
'X-RAY DIFFRACTION' ? 3.197  3.861  955  ? r_mcangle_it                 ? ? 
'X-RAY DIFFRACTION' ? 3.196  3.864  956  ? r_mcangle_other              ? ? 
'X-RAY DIFFRACTION' ? 3.391  2.987  794  ? r_scbond_it                  ? ? 
'X-RAY DIFFRACTION' ? 3.389  2.988  795  ? r_scbond_other               ? ? 
'X-RAY DIFFRACTION' ? ?      ?      ?    ? r_scangle_it                 ? ? 
'X-RAY DIFFRACTION' ? 5.059  4.322  1175 ? r_scangle_other              ? ? 
'X-RAY DIFFRACTION' ? 5.831  30.219 1773 ? r_long_range_B_refined       ? ? 
'X-RAY DIFFRACTION' ? 5.827  30.190 1770 ? r_long_range_B_other         ? ? 
'X-RAY DIFFRACTION' ? ?      ?      ?    ? r_rigid_bond_restr           ? ? 
'X-RAY DIFFRACTION' ? ?      ?      ?    ? r_sphericity_free            ? ? 
'X-RAY DIFFRACTION' ? ?      ?      ?    ? r_sphericity_bonded          ? ? 
# 
_refine_ls_shell.pdbx_refine_id                   'X-RAY DIFFRACTION' 
_refine_ls_shell.d_res_high                       1.701 
_refine_ls_shell.d_res_low                        1.745 
_refine_ls_shell.number_reflns_all                ? 
_refine_ls_shell.number_reflns_obs                ? 
_refine_ls_shell.number_reflns_R_free             97 
_refine_ls_shell.number_reflns_R_work             1855 
_refine_ls_shell.percent_reflns_obs               95.64 
_refine_ls_shell.percent_reflns_R_free            ? 
_refine_ls_shell.R_factor_all                     ? 
_refine_ls_shell.R_factor_obs                     ? 
_refine_ls_shell.R_factor_R_free                  0.416 
_refine_ls_shell.R_factor_R_free_error            ? 
_refine_ls_shell.R_factor_R_work                  0.397 
_refine_ls_shell.redundancy_reflns_all            ? 
_refine_ls_shell.redundancy_reflns_obs            ? 
_refine_ls_shell.wR_factor_all                    ? 
_refine_ls_shell.wR_factor_obs                    ? 
_refine_ls_shell.wR_factor_R_free                 ? 
_refine_ls_shell.wR_factor_R_work                 ? 
_refine_ls_shell.pdbx_total_number_of_bins_used   20 
_refine_ls_shell.pdbx_phase_error                 ? 
_refine_ls_shell.pdbx_fsc_work                    ? 
_refine_ls_shell.pdbx_fsc_free                    ? 
# 
_struct.entry_id                     6HOD 
_struct.title                        'TRANSCRIPTIONAL REPRESSOR ETHR FROM MYCOBACTERIUM TUBERCULOSIS IN COMPLEX WITH BDM44848' 
_struct.pdbx_model_details           ? 
_struct.pdbx_formula_weight          ? 
_struct.pdbx_formula_weight_method   ? 
_struct.pdbx_model_type_details      ? 
_struct.pdbx_CASP_flag               N 
# 
_struct_keywords.entry_id        6HOD 
_struct_keywords.text            
'HELIX-TURN-HELIX, DNA BINDING PROTEIN, TETR-FAMILY, COMPLEX, INHIBITOR, DRUG DESIGN, TUBERCULOSIS, ETHIONAMIDE' 
_struct_keywords.pdbx_keywords   'DNA BINDING PROTEIN' 
# 
loop_
_struct_asym.id 
_struct_asym.pdbx_blank_PDB_chainid_flag 
_struct_asym.pdbx_modified 
_struct_asym.entity_id 
_struct_asym.details 
A N N 1 ? 
B N N 2 ? 
C N N 3 ? 
# 
_struct_ref.id                         1 
_struct_ref.db_name                    UNP 
_struct_ref.db_code                    ETHR_MYCTO 
_struct_ref.pdbx_db_accession          P9WMC0 
_struct_ref.pdbx_db_isoform            ? 
_struct_ref.entity_id                  1 
_struct_ref.pdbx_seq_one_letter_code   
;MTTSAASQASLPRGRRTARPSGDDRELAILATAENLLEDRPLADISVDDLAKGAGISRPTFYFYFPSKEAVLLTLLDRVV
NQADMALQTLAENPADTDRENMWRTGINVFFETFGSHKAVTRAGQAARATSVEVAELWSTFMQKWIAYTAAVIDAERDRG
AAPRTLPAHELATALNLMNERTLFASFAGEQPSVPEARVLDTLVHIWVTSIYGENR
;
_struct_ref.pdbx_align_begin           1 
# 
_struct_ref_seq.align_id                      1 
_struct_ref_seq.ref_id                        1 
_struct_ref_seq.pdbx_PDB_id_code              6HOD 
_struct_ref_seq.pdbx_strand_id                A 
_struct_ref_seq.seq_align_beg                 13 
_struct_ref_seq.pdbx_seq_align_beg_ins_code   ? 
_struct_ref_seq.seq_align_end                 228 
_struct_ref_seq.pdbx_seq_align_end_ins_code   ? 
_struct_ref_seq.pdbx_db_accession             P9WMC0 
_struct_ref_seq.db_align_beg                  1 
_struct_ref_seq.pdbx_db_align_beg_ins_code    ? 
_struct_ref_seq.db_align_end                  216 
_struct_ref_seq.pdbx_db_align_end_ins_code    ? 
_struct_ref_seq.pdbx_auth_seq_align_beg       1 
_struct_ref_seq.pdbx_auth_seq_align_end       216 
# 
loop_
_struct_ref_seq_dif.align_id 
_struct_ref_seq_dif.pdbx_pdb_id_code 
_struct_ref_seq_dif.mon_id 
_struct_ref_seq_dif.pdbx_pdb_strand_id 
_struct_ref_seq_dif.seq_num 
_struct_ref_seq_dif.pdbx_pdb_ins_code 
_struct_ref_seq_dif.pdbx_seq_db_name 
_struct_ref_seq_dif.pdbx_seq_db_accession_code 
_struct_ref_seq_dif.db_mon_id 
_struct_ref_seq_dif.pdbx_seq_db_seq_num 
_struct_ref_seq_dif.details 
_struct_ref_seq_dif.pdbx_auth_seq_num 
_struct_ref_seq_dif.pdbx_ordinal 
1 6HOD MET A 1  ? UNP P9WMC0 ? ? 'initiating methionine' -11 1  
1 6HOD THR A 2  ? UNP P9WMC0 ? ? 'expression tag'        -10 2  
1 6HOD THR A 3  ? UNP P9WMC0 ? ? 'expression tag'        -9  3  
1 6HOD SER A 4  ? UNP P9WMC0 ? ? 'expression tag'        -8  4  
1 6HOD ALA A 5  ? UNP P9WMC0 ? ? 'expression tag'        -7  5  
1 6HOD ALA A 6  ? UNP P9WMC0 ? ? 'expression tag'        -6  6  
1 6HOD SER A 7  ? UNP P9WMC0 ? ? 'expression tag'        -5  7  
1 6HOD GLN A 8  ? UNP P9WMC0 ? ? 'expression tag'        -4  8  
1 6HOD ALA A 9  ? UNP P9WMC0 ? ? 'expression tag'        -3  9  
1 6HOD SER A 10 ? UNP P9WMC0 ? ? 'expression tag'        -2  10 
1 6HOD LEU A 11 ? UNP P9WMC0 ? ? 'expression tag'        -1  11 
1 6HOD PRO A 12 ? UNP P9WMC0 ? ? 'expression tag'        0   12 
# 
_pdbx_struct_assembly.id                   1 
_pdbx_struct_assembly.details              author_and_software_defined_assembly 
_pdbx_struct_assembly.method_details       PISA 
_pdbx_struct_assembly.oligomeric_details   dimeric 
_pdbx_struct_assembly.oligomeric_count     2 
# 
loop_
_pdbx_struct_assembly_prop.biol_id 
_pdbx_struct_assembly_prop.type 
_pdbx_struct_assembly_prop.value 
_pdbx_struct_assembly_prop.details 
1 'ABSA (A^2)' 2700  ? 
1 MORE         -21   ? 
1 'SSA (A^2)'  17050 ? 
# 
_pdbx_struct_assembly_gen.assembly_id       1 
_pdbx_struct_assembly_gen.oper_expression   1,2 
_pdbx_struct_assembly_gen.asym_id_list      A,B,C 
# 
_pdbx_struct_assembly_auth_evidence.id                     1 
_pdbx_struct_assembly_auth_evidence.assembly_id            1 
_pdbx_struct_assembly_auth_evidence.experimental_support   none 
_pdbx_struct_assembly_auth_evidence.details                ? 
# 
loop_
_pdbx_struct_oper_list.id 
_pdbx_struct_oper_list.type 
_pdbx_struct_oper_list.name 
_pdbx_struct_oper_list.symmetry_operation 
_pdbx_struct_oper_list.matrix[1][1] 
_pdbx_struct_oper_list.matrix[1][2] 
_pdbx_struct_oper_list.matrix[1][3] 
_pdbx_struct_oper_list.vector[1] 
_pdbx_struct_oper_list.matrix[2][1] 
_pdbx_struct_oper_list.matrix[2][2] 
_pdbx_struct_oper_list.matrix[2][3] 
_pdbx_struct_oper_list.vector[2] 
_pdbx_struct_oper_list.matrix[3][1] 
_pdbx_struct_oper_list.matrix[3][2] 
_pdbx_struct_oper_list.matrix[3][3] 
_pdbx_struct_oper_list.vector[3] 
1 'identity operation'         1_555 x,y,z  1.0000000000 0.0000000000 0.0000000000 0.0000000000  0.0000000000 1.0000000000  0.0000000000 0.0000000000  0.0000000000 0.0000000000 1.0000000000  0.0000000000 
2 'crystal symmetry operation' 7_555 y,x,-z 0.5047627540 0.0252076478 0.8628899911 -2.4391204531 0.0252076478 -0.9995777238 0.0144550541 24.5002210540 0.8628899911 0.0144550541 -0.5051850302 3.5377680805 
# 
loop_
_struct_conf.conf_type_id 
_struct_conf.id 
_struct_conf.pdbx_PDB_helix_id 
_struct_conf.beg_label_comp_id 
_struct_conf.beg_label_asym_id 
_struct_conf.beg_label_seq_id 
_struct_conf.pdbx_beg_PDB_ins_code 
_struct_conf.end_label_comp_id 
_struct_conf.end_label_asym_id 
_struct_conf.end_label_seq_id 
_struct_conf.pdbx_end_PDB_ins_code 
_struct_conf.beg_auth_comp_id 
_struct_conf.beg_auth_asym_id 
_struct_conf.beg_auth_seq_id 
_struct_conf.end_auth_comp_id 
_struct_conf.end_auth_asym_id 
_struct_conf.end_auth_seq_id 
_struct_conf.pdbx_PDB_helix_class 
_struct_conf.details 
_struct_conf.pdbx_PDB_helix_length 
HELX_P HELX_P1  AA1 ASP A 36  ? GLU A 50  ? ASP A 24  GLU A 38  1 ? 15 
HELX_P HELX_P2  AA2 PRO A 53  ? ILE A 57  ? PRO A 41  ILE A 45  5 ? 5  
HELX_P HELX_P3  AA3 SER A 58  ? GLY A 67  ? SER A 46  GLY A 55  1 ? 10 
HELX_P HELX_P4  AA4 SER A 69  ? PHE A 77  ? SER A 57  PHE A 65  1 ? 9  
HELX_P HELX_P5  AA5 SER A 79  ? ASN A 105 ? SER A 67  ASN A 93  1 ? 27 
HELX_P HELX_P6  AA6 ASP A 110 ? SER A 128 ? ASP A 98  SER A 116 1 ? 19 
HELX_P HELX_P7  AA7 HIS A 129 ? ARG A 140 ? HIS A 117 ARG A 128 1 ? 12 
HELX_P HELX_P8  AA8 SER A 143 ? ARG A 171 ? SER A 131 ARG A 159 1 ? 29 
HELX_P HELX_P9  AA9 PRO A 179 ? ALA A 200 ? PRO A 167 ALA A 188 1 ? 22 
HELX_P HELX_P10 AB1 PRO A 207 ? GLY A 225 ? PRO A 195 GLY A 213 1 ? 19 
# 
_struct_conf_type.id          HELX_P 
_struct_conf_type.criteria    ? 
_struct_conf_type.reference   ? 
# 
_struct_mon_prot_cis.pdbx_id                1 
_struct_mon_prot_cis.label_comp_id          GLN 
_struct_mon_prot_cis.label_seq_id           203 
_struct_mon_prot_cis.label_asym_id          A 
_struct_mon_prot_cis.label_alt_id           . 
_struct_mon_prot_cis.pdbx_PDB_ins_code      ? 
_struct_mon_prot_cis.auth_comp_id           GLN 
_struct_mon_prot_cis.auth_seq_id            191 
_struct_mon_prot_cis.auth_asym_id           A 
_struct_mon_prot_cis.pdbx_label_comp_id_2   PRO 
_struct_mon_prot_cis.pdbx_label_seq_id_2    204 
_struct_mon_prot_cis.pdbx_label_asym_id_2   A 
_struct_mon_prot_cis.pdbx_PDB_ins_code_2    ? 
_struct_mon_prot_cis.pdbx_auth_comp_id_2    PRO 
_struct_mon_prot_cis.pdbx_auth_seq_id_2     192 
_struct_mon_prot_cis.pdbx_auth_asym_id_2    A 
_struct_mon_prot_cis.pdbx_PDB_model_num     1 
_struct_mon_prot_cis.pdbx_omega_angle       5.86 
# 
_struct_site.id                   AC1 
_struct_site.pdbx_evidence_code   Software 
_struct_site.pdbx_auth_asym_id    A 
_struct_site.pdbx_auth_comp_id    GHK 
_struct_site.pdbx_auth_seq_id     301 
_struct_site.pdbx_auth_ins_code   ? 
_struct_site.pdbx_num_residues    9 
_struct_site.details              'binding site for residue GHK A 301' 
# 
loop_
_struct_site_gen.id 
_struct_site_gen.site_id 
_struct_site_gen.pdbx_num_res 
_struct_site_gen.label_comp_id 
_struct_site_gen.label_asym_id 
_struct_site_gen.label_seq_id 
_struct_site_gen.pdbx_auth_ins_code 
_struct_site_gen.auth_comp_id 
_struct_site_gen.auth_asym_id 
_struct_site_gen.auth_seq_id 
_struct_site_gen.label_atom_id 
_struct_site_gen.label_alt_id 
_struct_site_gen.symmetry 
_struct_site_gen.details 
1 AC1 9 MET A 114 ? MET A 102 . ? 1_555 ? 
2 AC1 9 TRP A 115 ? TRP A 103 . ? 1_555 ? 
3 AC1 9 GLY A 118 ? GLY A 106 . ? 1_555 ? 
4 AC1 9 PHE A 122 ? PHE A 110 . ? 1_555 ? 
5 AC1 9 TYR A 160 ? TYR A 148 . ? 1_555 ? 
6 AC1 9 THR A 161 ? THR A 149 . ? 1_555 ? 
7 AC1 9 ASN A 188 ? ASN A 176 . ? 1_555 ? 
8 AC1 9 ASN A 191 ? ASN A 179 . ? 1_555 ? 
9 AC1 9 TRP A 219 ? TRP A 207 . ? 1_555 ? 
# 
_pdbx_validate_symm_contact.id                1 
_pdbx_validate_symm_contact.PDB_model_num     1 
_pdbx_validate_symm_contact.auth_atom_id_1    O 
_pdbx_validate_symm_contact.auth_asym_id_1    A 
_pdbx_validate_symm_contact.auth_comp_id_1    HOH 
_pdbx_validate_symm_contact.auth_seq_id_1     401 
_pdbx_validate_symm_contact.PDB_ins_code_1    ? 
_pdbx_validate_symm_contact.label_alt_id_1    ? 
_pdbx_validate_symm_contact.site_symmetry_1   1_555 
_pdbx_validate_symm_contact.auth_atom_id_2    O 
_pdbx_validate_symm_contact.auth_asym_id_2    A 
_pdbx_validate_symm_contact.auth_comp_id_2    HOH 
_pdbx_validate_symm_contact.auth_seq_id_2     401 
_pdbx_validate_symm_contact.PDB_ins_code_2    ? 
_pdbx_validate_symm_contact.label_alt_id_2    ? 
_pdbx_validate_symm_contact.site_symmetry_2   7_556 
_pdbx_validate_symm_contact.dist              0.99 
# 
_pdbx_validate_rmsd_bond.id                        1 
_pdbx_validate_rmsd_bond.PDB_model_num             1 
_pdbx_validate_rmsd_bond.auth_atom_id_1            CD 
_pdbx_validate_rmsd_bond.auth_asym_id_1            A 
_pdbx_validate_rmsd_bond.auth_comp_id_1            GLU 
_pdbx_validate_rmsd_bond.auth_seq_id_1             180 
_pdbx_validate_rmsd_bond.PDB_ins_code_1            ? 
_pdbx_validate_rmsd_bond.label_alt_id_1            ? 
_pdbx_validate_rmsd_bond.auth_atom_id_2            OE1 
_pdbx_validate_rmsd_bond.auth_asym_id_2            A 
_pdbx_validate_rmsd_bond.auth_comp_id_2            GLU 
_pdbx_validate_rmsd_bond.auth_seq_id_2             180 
_pdbx_validate_rmsd_bond.PDB_ins_code_2            ? 
_pdbx_validate_rmsd_bond.label_alt_id_2            ? 
_pdbx_validate_rmsd_bond.bond_value                1.166 
_pdbx_validate_rmsd_bond.bond_target_value         1.252 
_pdbx_validate_rmsd_bond.bond_deviation            -0.086 
_pdbx_validate_rmsd_bond.bond_standard_deviation   0.011 
_pdbx_validate_rmsd_bond.linker_flag               N 
# 
_pdbx_validate_rmsd_angle.id                         1 
_pdbx_validate_rmsd_angle.PDB_model_num              1 
_pdbx_validate_rmsd_angle.auth_atom_id_1             CA 
_pdbx_validate_rmsd_angle.auth_asym_id_1             A 
_pdbx_validate_rmsd_angle.auth_comp_id_1             GLU 
_pdbx_validate_rmsd_angle.auth_seq_id_1              214 
_pdbx_validate_rmsd_angle.PDB_ins_code_1             ? 
_pdbx_validate_rmsd_angle.label_alt_id_1             ? 
_pdbx_validate_rmsd_angle.auth_atom_id_2             C 
_pdbx_validate_rmsd_angle.auth_asym_id_2             A 
_pdbx_validate_rmsd_angle.auth_comp_id_2             GLU 
_pdbx_validate_rmsd_angle.auth_seq_id_2              214 
_pdbx_validate_rmsd_angle.PDB_ins_code_2             ? 
_pdbx_validate_rmsd_angle.label_alt_id_2             ? 
_pdbx_validate_rmsd_angle.auth_atom_id_3             O 
_pdbx_validate_rmsd_angle.auth_asym_id_3             A 
_pdbx_validate_rmsd_angle.auth_comp_id_3             GLU 
_pdbx_validate_rmsd_angle.auth_seq_id_3              214 
_pdbx_validate_rmsd_angle.PDB_ins_code_3             ? 
_pdbx_validate_rmsd_angle.label_alt_id_3             ? 
_pdbx_validate_rmsd_angle.angle_value                104.73 
_pdbx_validate_rmsd_angle.angle_target_value         120.10 
_pdbx_validate_rmsd_angle.angle_deviation            -15.37 
_pdbx_validate_rmsd_angle.angle_standard_deviation   2.10 
_pdbx_validate_rmsd_angle.linker_flag                N 
# 
_pdbx_validate_torsion.id              1 
_pdbx_validate_torsion.PDB_model_num   1 
_pdbx_validate_torsion.auth_comp_id    THR 
_pdbx_validate_torsion.auth_asym_id    A 
_pdbx_validate_torsion.auth_seq_id     165 
_pdbx_validate_torsion.PDB_ins_code    ? 
_pdbx_validate_torsion.label_alt_id    ? 
_pdbx_validate_torsion.phi             -109.72 
_pdbx_validate_torsion.psi             -109.99 
# 
loop_
_pdbx_unobs_or_zero_occ_residues.id 
_pdbx_unobs_or_zero_occ_residues.PDB_model_num 
_pdbx_unobs_or_zero_occ_residues.polymer_flag 
_pdbx_unobs_or_zero_occ_residues.occupancy_flag 
_pdbx_unobs_or_zero_occ_residues.auth_asym_id 
_pdbx_unobs_or_zero_occ_residues.auth_comp_id 
_pdbx_unobs_or_zero_occ_residues.auth_seq_id 
_pdbx_unobs_or_zero_occ_residues.PDB_ins_code 
_pdbx_unobs_or_zero_occ_residues.label_asym_id 
_pdbx_unobs_or_zero_occ_residues.label_comp_id 
_pdbx_unobs_or_zero_occ_residues.label_seq_id 
1  1 Y 1 A MET -11 ? A MET 1   
2  1 Y 1 A THR -10 ? A THR 2   
3  1 Y 1 A THR -9  ? A THR 3   
4  1 Y 1 A SER -8  ? A SER 4   
5  1 Y 1 A ALA -7  ? A ALA 5   
6  1 Y 1 A ALA -6  ? A ALA 6   
7  1 Y 1 A SER -5  ? A SER 7   
8  1 Y 1 A GLN -4  ? A GLN 8   
9  1 Y 1 A ALA -3  ? A ALA 9   
10 1 Y 1 A SER -2  ? A SER 10  
11 1 Y 1 A LEU -1  ? A LEU 11  
12 1 Y 1 A PRO 0   ? A PRO 12  
13 1 Y 1 A MET 1   ? A MET 13  
14 1 Y 1 A THR 2   ? A THR 14  
15 1 Y 1 A THR 3   ? A THR 15  
16 1 Y 1 A SER 4   ? A SER 16  
17 1 Y 1 A ALA 5   ? A ALA 17  
18 1 Y 1 A ALA 6   ? A ALA 18  
19 1 Y 1 A SER 7   ? A SER 19  
20 1 Y 1 A GLN 8   ? A GLN 20  
21 1 Y 1 A ALA 9   ? A ALA 21  
22 1 Y 1 A SER 10  ? A SER 22  
23 1 Y 1 A LEU 11  ? A LEU 23  
24 1 Y 1 A PRO 12  ? A PRO 24  
25 1 Y 1 A ARG 13  ? A ARG 25  
26 1 Y 1 A GLY 14  ? A GLY 26  
27 1 Y 1 A ARG 15  ? A ARG 27  
28 1 Y 1 A ARG 16  ? A ARG 28  
29 1 Y 1 A THR 17  ? A THR 29  
30 1 Y 1 A ALA 18  ? A ALA 30  
31 1 Y 1 A ARG 19  ? A ARG 31  
32 1 Y 1 A PRO 20  ? A PRO 32  
33 1 Y 1 A SER 21  ? A SER 33  
34 1 Y 1 A GLY 22  ? A GLY 34  
35 1 Y 1 A ASP 23  ? A ASP 35  
36 1 Y 1 A ASN 215 ? A ASN 227 
37 1 Y 1 A ARG 216 ? A ARG 228 
# 
loop_
_chem_comp_atom.comp_id 
_chem_comp_atom.atom_id 
_chem_comp_atom.type_symbol 
_chem_comp_atom.pdbx_aromatic_flag 
_chem_comp_atom.pdbx_stereo_config 
_chem_comp_atom.pdbx_ordinal 
ALA N    N N N 1   
ALA CA   C N S 2   
ALA C    C N N 3   
ALA O    O N N 4   
ALA CB   C N N 5   
ALA OXT  O N N 6   
ALA H    H N N 7   
ALA H2   H N N 8   
ALA HA   H N N 9   
ALA HB1  H N N 10  
ALA HB2  H N N 11  
ALA HB3  H N N 12  
ALA HXT  H N N 13  
ARG N    N N N 14  
ARG CA   C N S 15  
ARG C    C N N 16  
ARG O    O N N 17  
ARG CB   C N N 18  
ARG CG   C N N 19  
ARG CD   C N N 20  
ARG NE   N N N 21  
ARG CZ   C N N 22  
ARG NH1  N N N 23  
ARG NH2  N N N 24  
ARG OXT  O N N 25  
ARG H    H N N 26  
ARG H2   H N N 27  
ARG HA   H N N 28  
ARG HB2  H N N 29  
ARG HB3  H N N 30  
ARG HG2  H N N 31  
ARG HG3  H N N 32  
ARG HD2  H N N 33  
ARG HD3  H N N 34  
ARG HE   H N N 35  
ARG HH11 H N N 36  
ARG HH12 H N N 37  
ARG HH21 H N N 38  
ARG HH22 H N N 39  
ARG HXT  H N N 40  
ASN N    N N N 41  
ASN CA   C N S 42  
ASN C    C N N 43  
ASN O    O N N 44  
ASN CB   C N N 45  
ASN CG   C N N 46  
ASN OD1  O N N 47  
ASN ND2  N N N 48  
ASN OXT  O N N 49  
ASN H    H N N 50  
ASN H2   H N N 51  
ASN HA   H N N 52  
ASN HB2  H N N 53  
ASN HB3  H N N 54  
ASN HD21 H N N 55  
ASN HD22 H N N 56  
ASN HXT  H N N 57  
ASP N    N N N 58  
ASP CA   C N S 59  
ASP C    C N N 60  
ASP O    O N N 61  
ASP CB   C N N 62  
ASP CG   C N N 63  
ASP OD1  O N N 64  
ASP OD2  O N N 65  
ASP OXT  O N N 66  
ASP H    H N N 67  
ASP H2   H N N 68  
ASP HA   H N N 69  
ASP HB2  H N N 70  
ASP HB3  H N N 71  
ASP HD2  H N N 72  
ASP HXT  H N N 73  
GHK C4   C Y N 74  
GHK C14  C Y N 75  
GHK C5   C Y N 76  
GHK C6   C Y N 77  
GHK C11  C Y N 78  
GHK C7   C N N 79  
GHK C8   C N N 80  
GHK C9   C N N 81  
GHK C10  C Y N 82  
GHK C12  C Y N 83  
GHK C13  C Y N 84  
GHK N1   N N N 85  
GHK N2   N N N 86  
GHK C3   C Y N 87  
GHK S1   S N N 88  
GHK O1   O N N 89  
GHK O2   O N N 90  
GHK C1   C Y N 91  
GHK C2   C Y N 92  
GHK S2   S N N 93  
GHK O3   O N N 94  
GHK O4   O N N 95  
GHK C15  C Y N 96  
GHK H1   H N N 97  
GHK H2   H N N 98  
GHK H3   H N N 99  
GHK H4   H N N 100 
GHK H5   H N N 101 
GHK H6   H N N 102 
GHK H7   H N N 103 
GHK H8   H N N 104 
GHK H9   H N N 105 
GHK H10  H N N 106 
GHK H11  H N N 107 
GHK H12  H N N 108 
GHK H13  H N N 109 
GHK H14  H N N 110 
GLN N    N N N 111 
GLN CA   C N S 112 
GLN C    C N N 113 
GLN O    O N N 114 
GLN CB   C N N 115 
GLN CG   C N N 116 
GLN CD   C N N 117 
GLN OE1  O N N 118 
GLN NE2  N N N 119 
GLN OXT  O N N 120 
GLN H    H N N 121 
GLN H2   H N N 122 
GLN HA   H N N 123 
GLN HB2  H N N 124 
GLN HB3  H N N 125 
GLN HG2  H N N 126 
GLN HG3  H N N 127 
GLN HE21 H N N 128 
GLN HE22 H N N 129 
GLN HXT  H N N 130 
GLU N    N N N 131 
GLU CA   C N S 132 
GLU C    C N N 133 
GLU O    O N N 134 
GLU CB   C N N 135 
GLU CG   C N N 136 
GLU CD   C N N 137 
GLU OE1  O N N 138 
GLU OE2  O N N 139 
GLU OXT  O N N 140 
GLU H    H N N 141 
GLU H2   H N N 142 
GLU HA   H N N 143 
GLU HB2  H N N 144 
GLU HB3  H N N 145 
GLU HG2  H N N 146 
GLU HG3  H N N 147 
GLU HE2  H N N 148 
GLU HXT  H N N 149 
GLY N    N N N 150 
GLY CA   C N N 151 
GLY C    C N N 152 
GLY O    O N N 153 
GLY OXT  O N N 154 
GLY H    H N N 155 
GLY H2   H N N 156 
GLY HA2  H N N 157 
GLY HA3  H N N 158 
GLY HXT  H N N 159 
HIS N    N N N 160 
HIS CA   C N S 161 
HIS C    C N N 162 
HIS O    O N N 163 
HIS CB   C N N 164 
HIS CG   C Y N 165 
HIS ND1  N Y N 166 
HIS CD2  C Y N 167 
HIS CE1  C Y N 168 
HIS NE2  N Y N 169 
HIS OXT  O N N 170 
HIS H    H N N 171 
HIS H2   H N N 172 
HIS HA   H N N 173 
HIS HB2  H N N 174 
HIS HB3  H N N 175 
HIS HD1  H N N 176 
HIS HD2  H N N 177 
HIS HE1  H N N 178 
HIS HE2  H N N 179 
HIS HXT  H N N 180 
HOH O    O N N 181 
HOH H1   H N N 182 
HOH H2   H N N 183 
ILE N    N N N 184 
ILE CA   C N S 185 
ILE C    C N N 186 
ILE O    O N N 187 
ILE CB   C N S 188 
ILE CG1  C N N 189 
ILE CG2  C N N 190 
ILE CD1  C N N 191 
ILE OXT  O N N 192 
ILE H    H N N 193 
ILE H2   H N N 194 
ILE HA   H N N 195 
ILE HB   H N N 196 
ILE HG12 H N N 197 
ILE HG13 H N N 198 
ILE HG21 H N N 199 
ILE HG22 H N N 200 
ILE HG23 H N N 201 
ILE HD11 H N N 202 
ILE HD12 H N N 203 
ILE HD13 H N N 204 
ILE HXT  H N N 205 
LEU N    N N N 206 
LEU CA   C N S 207 
LEU C    C N N 208 
LEU O    O N N 209 
LEU CB   C N N 210 
LEU CG   C N N 211 
LEU CD1  C N N 212 
LEU CD2  C N N 213 
LEU OXT  O N N 214 
LEU H    H N N 215 
LEU H2   H N N 216 
LEU HA   H N N 217 
LEU HB2  H N N 218 
LEU HB3  H N N 219 
LEU HG   H N N 220 
LEU HD11 H N N 221 
LEU HD12 H N N 222 
LEU HD13 H N N 223 
LEU HD21 H N N 224 
LEU HD22 H N N 225 
LEU HD23 H N N 226 
LEU HXT  H N N 227 
LYS N    N N N 228 
LYS CA   C N S 229 
LYS C    C N N 230 
LYS O    O N N 231 
LYS CB   C N N 232 
LYS CG   C N N 233 
LYS CD   C N N 234 
LYS CE   C N N 235 
LYS NZ   N N N 236 
LYS OXT  O N N 237 
LYS H    H N N 238 
LYS H2   H N N 239 
LYS HA   H N N 240 
LYS HB2  H N N 241 
LYS HB3  H N N 242 
LYS HG2  H N N 243 
LYS HG3  H N N 244 
LYS HD2  H N N 245 
LYS HD3  H N N 246 
LYS HE2  H N N 247 
LYS HE3  H N N 248 
LYS HZ1  H N N 249 
LYS HZ2  H N N 250 
LYS HZ3  H N N 251 
LYS HXT  H N N 252 
MET N    N N N 253 
MET CA   C N S 254 
MET C    C N N 255 
MET O    O N N 256 
MET CB   C N N 257 
MET CG   C N N 258 
MET SD   S N N 259 
MET CE   C N N 260 
MET OXT  O N N 261 
MET H    H N N 262 
MET H2   H N N 263 
MET HA   H N N 264 
MET HB2  H N N 265 
MET HB3  H N N 266 
MET HG2  H N N 267 
MET HG3  H N N 268 
MET HE1  H N N 269 
MET HE2  H N N 270 
MET HE3  H N N 271 
MET HXT  H N N 272 
PHE N    N N N 273 
PHE CA   C N S 274 
PHE C    C N N 275 
PHE O    O N N 276 
PHE CB   C N N 277 
PHE CG   C Y N 278 
PHE CD1  C Y N 279 
PHE CD2  C Y N 280 
PHE CE1  C Y N 281 
PHE CE2  C Y N 282 
PHE CZ   C Y N 283 
PHE OXT  O N N 284 
PHE H    H N N 285 
PHE H2   H N N 286 
PHE HA   H N N 287 
PHE HB2  H N N 288 
PHE HB3  H N N 289 
PHE HD1  H N N 290 
PHE HD2  H N N 291 
PHE HE1  H N N 292 
PHE HE2  H N N 293 
PHE HZ   H N N 294 
PHE HXT  H N N 295 
PRO N    N N N 296 
PRO CA   C N S 297 
PRO C    C N N 298 
PRO O    O N N 299 
PRO CB   C N N 300 
PRO CG   C N N 301 
PRO CD   C N N 302 
PRO OXT  O N N 303 
PRO H    H N N 304 
PRO HA   H N N 305 
PRO HB2  H N N 306 
PRO HB3  H N N 307 
PRO HG2  H N N 308 
PRO HG3  H N N 309 
PRO HD2  H N N 310 
PRO HD3  H N N 311 
PRO HXT  H N N 312 
SER N    N N N 313 
SER CA   C N S 314 
SER C    C N N 315 
SER O    O N N 316 
SER CB   C N N 317 
SER OG   O N N 318 
SER OXT  O N N 319 
SER H    H N N 320 
SER H2   H N N 321 
SER HA   H N N 322 
SER HB2  H N N 323 
SER HB3  H N N 324 
SER HG   H N N 325 
SER HXT  H N N 326 
THR N    N N N 327 
THR CA   C N S 328 
THR C    C N N 329 
THR O    O N N 330 
THR CB   C N R 331 
THR OG1  O N N 332 
THR CG2  C N N 333 
THR OXT  O N N 334 
THR H    H N N 335 
THR H2   H N N 336 
THR HA   H N N 337 
THR HB   H N N 338 
THR HG1  H N N 339 
THR HG21 H N N 340 
THR HG22 H N N 341 
THR HG23 H N N 342 
THR HXT  H N N 343 
TRP N    N N N 344 
TRP CA   C N S 345 
TRP C    C N N 346 
TRP O    O N N 347 
TRP CB   C N N 348 
TRP CG   C Y N 349 
TRP CD1  C Y N 350 
TRP CD2  C Y N 351 
TRP NE1  N Y N 352 
TRP CE2  C Y N 353 
TRP CE3  C Y N 354 
TRP CZ2  C Y N 355 
TRP CZ3  C Y N 356 
TRP CH2  C Y N 357 
TRP OXT  O N N 358 
TRP H    H N N 359 
TRP H2   H N N 360 
TRP HA   H N N 361 
TRP HB2  H N N 362 
TRP HB3  H N N 363 
TRP HD1  H N N 364 
TRP HE1  H N N 365 
TRP HE3  H N N 366 
TRP HZ2  H N N 367 
TRP HZ3  H N N 368 
TRP HH2  H N N 369 
TRP HXT  H N N 370 
TYR N    N N N 371 
TYR CA   C N S 372 
TYR C    C N N 373 
TYR O    O N N 374 
TYR CB   C N N 375 
TYR CG   C Y N 376 
TYR CD1  C Y N 377 
TYR CD2  C Y N 378 
TYR CE1  C Y N 379 
TYR CE2  C Y N 380 
TYR CZ   C Y N 381 
TYR OH   O N N 382 
TYR OXT  O N N 383 
TYR H    H N N 384 
TYR H2   H N N 385 
TYR HA   H N N 386 
TYR HB2  H N N 387 
TYR HB3  H N N 388 
TYR HD1  H N N 389 
TYR HD2  H N N 390 
TYR HE1  H N N 391 
TYR HE2  H N N 392 
TYR HH   H N N 393 
TYR HXT  H N N 394 
VAL N    N N N 395 
VAL CA   C N S 396 
VAL C    C N N 397 
VAL O    O N N 398 
VAL CB   C N N 399 
VAL CG1  C N N 400 
VAL CG2  C N N 401 
VAL OXT  O N N 402 
VAL H    H N N 403 
VAL H2   H N N 404 
VAL HA   H N N 405 
VAL HB   H N N 406 
VAL HG11 H N N 407 
VAL HG12 H N N 408 
VAL HG13 H N N 409 
VAL HG21 H N N 410 
VAL HG22 H N N 411 
VAL HG23 H N N 412 
VAL HXT  H N N 413 
# 
loop_
_chem_comp_bond.comp_id 
_chem_comp_bond.atom_id_1 
_chem_comp_bond.atom_id_2 
_chem_comp_bond.value_order 
_chem_comp_bond.pdbx_aromatic_flag 
_chem_comp_bond.pdbx_stereo_config 
_chem_comp_bond.pdbx_ordinal 
ALA N   CA   sing N N 1   
ALA N   H    sing N N 2   
ALA N   H2   sing N N 3   
ALA CA  C    sing N N 4   
ALA CA  CB   sing N N 5   
ALA CA  HA   sing N N 6   
ALA C   O    doub N N 7   
ALA C   OXT  sing N N 8   
ALA CB  HB1  sing N N 9   
ALA CB  HB2  sing N N 10  
ALA CB  HB3  sing N N 11  
ALA OXT HXT  sing N N 12  
ARG N   CA   sing N N 13  
ARG N   H    sing N N 14  
ARG N   H2   sing N N 15  
ARG CA  C    sing N N 16  
ARG CA  CB   sing N N 17  
ARG CA  HA   sing N N 18  
ARG C   O    doub N N 19  
ARG C   OXT  sing N N 20  
ARG CB  CG   sing N N 21  
ARG CB  HB2  sing N N 22  
ARG CB  HB3  sing N N 23  
ARG CG  CD   sing N N 24  
ARG CG  HG2  sing N N 25  
ARG CG  HG3  sing N N 26  
ARG CD  NE   sing N N 27  
ARG CD  HD2  sing N N 28  
ARG CD  HD3  sing N N 29  
ARG NE  CZ   sing N N 30  
ARG NE  HE   sing N N 31  
ARG CZ  NH1  sing N N 32  
ARG CZ  NH2  doub N N 33  
ARG NH1 HH11 sing N N 34  
ARG NH1 HH12 sing N N 35  
ARG NH2 HH21 sing N N 36  
ARG NH2 HH22 sing N N 37  
ARG OXT HXT  sing N N 38  
ASN N   CA   sing N N 39  
ASN N   H    sing N N 40  
ASN N   H2   sing N N 41  
ASN CA  C    sing N N 42  
ASN CA  CB   sing N N 43  
ASN CA  HA   sing N N 44  
ASN C   O    doub N N 45  
ASN C   OXT  sing N N 46  
ASN CB  CG   sing N N 47  
ASN CB  HB2  sing N N 48  
ASN CB  HB3  sing N N 49  
ASN CG  OD1  doub N N 50  
ASN CG  ND2  sing N N 51  
ASN ND2 HD21 sing N N 52  
ASN ND2 HD22 sing N N 53  
ASN OXT HXT  sing N N 54  
ASP N   CA   sing N N 55  
ASP N   H    sing N N 56  
ASP N   H2   sing N N 57  
ASP CA  C    sing N N 58  
ASP CA  CB   sing N N 59  
ASP CA  HA   sing N N 60  
ASP C   O    doub N N 61  
ASP C   OXT  sing N N 62  
ASP CB  CG   sing N N 63  
ASP CB  HB2  sing N N 64  
ASP CB  HB3  sing N N 65  
ASP CG  OD1  doub N N 66  
ASP CG  OD2  sing N N 67  
ASP OD2 HD2  sing N N 68  
ASP OXT HXT  sing N N 69  
GHK O2  S1   doub N N 70  
GHK C2  C3   doub Y N 71  
GHK C2  C1   sing Y N 72  
GHK S1  O1   doub N N 73  
GHK S1  C1   sing N N 74  
GHK S1  N1   sing N N 75  
GHK O4  S2   doub N N 76  
GHK C3  C4   sing Y N 77  
GHK C1  C6   doub Y N 78  
GHK O3  S2   doub N N 79  
GHK S2  C10  sing N N 80  
GHK S2  N2   sing N N 81  
GHK C11 C12  doub Y N 82  
GHK C11 C10  sing Y N 83  
GHK C4  C7   sing N N 84  
GHK C4  C5   doub Y N 85  
GHK C12 C13  sing Y N 86  
GHK C10 C15  doub Y N 87  
GHK C7  C8   trip N N 88  
GHK C6  C5   sing Y N 89  
GHK C8  C9   sing N N 90  
GHK N2  C9   sing N N 91  
GHK C13 C14  doub Y N 92  
GHK C15 C14  sing Y N 93  
GHK C14 H1   sing N N 94  
GHK C5  H2   sing N N 95  
GHK C6  H3   sing N N 96  
GHK C11 H4   sing N N 97  
GHK C9  H5   sing N N 98  
GHK C9  H6   sing N N 99  
GHK C12 H7   sing N N 100 
GHK C13 H8   sing N N 101 
GHK N1  H9   sing N N 102 
GHK N1  H10  sing N N 103 
GHK N2  H11  sing N N 104 
GHK C3  H12  sing N N 105 
GHK C2  H13  sing N N 106 
GHK C15 H14  sing N N 107 
GLN N   CA   sing N N 108 
GLN N   H    sing N N 109 
GLN N   H2   sing N N 110 
GLN CA  C    sing N N 111 
GLN CA  CB   sing N N 112 
GLN CA  HA   sing N N 113 
GLN C   O    doub N N 114 
GLN C   OXT  sing N N 115 
GLN CB  CG   sing N N 116 
GLN CB  HB2  sing N N 117 
GLN CB  HB3  sing N N 118 
GLN CG  CD   sing N N 119 
GLN CG  HG2  sing N N 120 
GLN CG  HG3  sing N N 121 
GLN CD  OE1  doub N N 122 
GLN CD  NE2  sing N N 123 
GLN NE2 HE21 sing N N 124 
GLN NE2 HE22 sing N N 125 
GLN OXT HXT  sing N N 126 
GLU N   CA   sing N N 127 
GLU N   H    sing N N 128 
GLU N   H2   sing N N 129 
GLU CA  C    sing N N 130 
GLU CA  CB   sing N N 131 
GLU CA  HA   sing N N 132 
GLU C   O    doub N N 133 
GLU C   OXT  sing N N 134 
GLU CB  CG   sing N N 135 
GLU CB  HB2  sing N N 136 
GLU CB  HB3  sing N N 137 
GLU CG  CD   sing N N 138 
GLU CG  HG2  sing N N 139 
GLU CG  HG3  sing N N 140 
GLU CD  OE1  doub N N 141 
GLU CD  OE2  sing N N 142 
GLU OE2 HE2  sing N N 143 
GLU OXT HXT  sing N N 144 
GLY N   CA   sing N N 145 
GLY N   H    sing N N 146 
GLY N   H2   sing N N 147 
GLY CA  C    sing N N 148 
GLY CA  HA2  sing N N 149 
GLY CA  HA3  sing N N 150 
GLY C   O    doub N N 151 
GLY C   OXT  sing N N 152 
GLY OXT HXT  sing N N 153 
HIS N   CA   sing N N 154 
HIS N   H    sing N N 155 
HIS N   H2   sing N N 156 
HIS CA  C    sing N N 157 
HIS CA  CB   sing N N 158 
HIS CA  HA   sing N N 159 
HIS C   O    doub N N 160 
HIS C   OXT  sing N N 161 
HIS CB  CG   sing N N 162 
HIS CB  HB2  sing N N 163 
HIS CB  HB3  sing N N 164 
HIS CG  ND1  sing Y N 165 
HIS CG  CD2  doub Y N 166 
HIS ND1 CE1  doub Y N 167 
HIS ND1 HD1  sing N N 168 
HIS CD2 NE2  sing Y N 169 
HIS CD2 HD2  sing N N 170 
HIS CE1 NE2  sing Y N 171 
HIS CE1 HE1  sing N N 172 
HIS NE2 HE2  sing N N 173 
HIS OXT HXT  sing N N 174 
HOH O   H1   sing N N 175 
HOH O   H2   sing N N 176 
ILE N   CA   sing N N 177 
ILE N   H    sing N N 178 
ILE N   H2   sing N N 179 
ILE CA  C    sing N N 180 
ILE CA  CB   sing N N 181 
ILE CA  HA   sing N N 182 
ILE C   O    doub N N 183 
ILE C   OXT  sing N N 184 
ILE CB  CG1  sing N N 185 
ILE CB  CG2  sing N N 186 
ILE CB  HB   sing N N 187 
ILE CG1 CD1  sing N N 188 
ILE CG1 HG12 sing N N 189 
ILE CG1 HG13 sing N N 190 
ILE CG2 HG21 sing N N 191 
ILE CG2 HG22 sing N N 192 
ILE CG2 HG23 sing N N 193 
ILE CD1 HD11 sing N N 194 
ILE CD1 HD12 sing N N 195 
ILE CD1 HD13 sing N N 196 
ILE OXT HXT  sing N N 197 
LEU N   CA   sing N N 198 
LEU N   H    sing N N 199 
LEU N   H2   sing N N 200 
LEU CA  C    sing N N 201 
LEU CA  CB   sing N N 202 
LEU CA  HA   sing N N 203 
LEU C   O    doub N N 204 
LEU C   OXT  sing N N 205 
LEU CB  CG   sing N N 206 
LEU CB  HB2  sing N N 207 
LEU CB  HB3  sing N N 208 
LEU CG  CD1  sing N N 209 
LEU CG  CD2  sing N N 210 
LEU CG  HG   sing N N 211 
LEU CD1 HD11 sing N N 212 
LEU CD1 HD12 sing N N 213 
LEU CD1 HD13 sing N N 214 
LEU CD2 HD21 sing N N 215 
LEU CD2 HD22 sing N N 216 
LEU CD2 HD23 sing N N 217 
LEU OXT HXT  sing N N 218 
LYS N   CA   sing N N 219 
LYS N   H    sing N N 220 
LYS N   H2   sing N N 221 
LYS CA  C    sing N N 222 
LYS CA  CB   sing N N 223 
LYS CA  HA   sing N N 224 
LYS C   O    doub N N 225 
LYS C   OXT  sing N N 226 
LYS CB  CG   sing N N 227 
LYS CB  HB2  sing N N 228 
LYS CB  HB3  sing N N 229 
LYS CG  CD   sing N N 230 
LYS CG  HG2  sing N N 231 
LYS CG  HG3  sing N N 232 
LYS CD  CE   sing N N 233 
LYS CD  HD2  sing N N 234 
LYS CD  HD3  sing N N 235 
LYS CE  NZ   sing N N 236 
LYS CE  HE2  sing N N 237 
LYS CE  HE3  sing N N 238 
LYS NZ  HZ1  sing N N 239 
LYS NZ  HZ2  sing N N 240 
LYS NZ  HZ3  sing N N 241 
LYS OXT HXT  sing N N 242 
MET N   CA   sing N N 243 
MET N   H    sing N N 244 
MET N   H2   sing N N 245 
MET CA  C    sing N N 246 
MET CA  CB   sing N N 247 
MET CA  HA   sing N N 248 
MET C   O    doub N N 249 
MET C   OXT  sing N N 250 
MET CB  CG   sing N N 251 
MET CB  HB2  sing N N 252 
MET CB  HB3  sing N N 253 
MET CG  SD   sing N N 254 
MET CG  HG2  sing N N 255 
MET CG  HG3  sing N N 256 
MET SD  CE   sing N N 257 
MET CE  HE1  sing N N 258 
MET CE  HE2  sing N N 259 
MET CE  HE3  sing N N 260 
MET OXT HXT  sing N N 261 
PHE N   CA   sing N N 262 
PHE N   H    sing N N 263 
PHE N   H2   sing N N 264 
PHE CA  C    sing N N 265 
PHE CA  CB   sing N N 266 
PHE CA  HA   sing N N 267 
PHE C   O    doub N N 268 
PHE C   OXT  sing N N 269 
PHE CB  CG   sing N N 270 
PHE CB  HB2  sing N N 271 
PHE CB  HB3  sing N N 272 
PHE CG  CD1  doub Y N 273 
PHE CG  CD2  sing Y N 274 
PHE CD1 CE1  sing Y N 275 
PHE CD1 HD1  sing N N 276 
PHE CD2 CE2  doub Y N 277 
PHE CD2 HD2  sing N N 278 
PHE CE1 CZ   doub Y N 279 
PHE CE1 HE1  sing N N 280 
PHE CE2 CZ   sing Y N 281 
PHE CE2 HE2  sing N N 282 
PHE CZ  HZ   sing N N 283 
PHE OXT HXT  sing N N 284 
PRO N   CA   sing N N 285 
PRO N   CD   sing N N 286 
PRO N   H    sing N N 287 
PRO CA  C    sing N N 288 
PRO CA  CB   sing N N 289 
PRO CA  HA   sing N N 290 
PRO C   O    doub N N 291 
PRO C   OXT  sing N N 292 
PRO CB  CG   sing N N 293 
PRO CB  HB2  sing N N 294 
PRO CB  HB3  sing N N 295 
PRO CG  CD   sing N N 296 
PRO CG  HG2  sing N N 297 
PRO CG  HG3  sing N N 298 
PRO CD  HD2  sing N N 299 
PRO CD  HD3  sing N N 300 
PRO OXT HXT  sing N N 301 
SER N   CA   sing N N 302 
SER N   H    sing N N 303 
SER N   H2   sing N N 304 
SER CA  C    sing N N 305 
SER CA  CB   sing N N 306 
SER CA  HA   sing N N 307 
SER C   O    doub N N 308 
SER C   OXT  sing N N 309 
SER CB  OG   sing N N 310 
SER CB  HB2  sing N N 311 
SER CB  HB3  sing N N 312 
SER OG  HG   sing N N 313 
SER OXT HXT  sing N N 314 
THR N   CA   sing N N 315 
THR N   H    sing N N 316 
THR N   H2   sing N N 317 
THR CA  C    sing N N 318 
THR CA  CB   sing N N 319 
THR CA  HA   sing N N 320 
THR C   O    doub N N 321 
THR C   OXT  sing N N 322 
THR CB  OG1  sing N N 323 
THR CB  CG2  sing N N 324 
THR CB  HB   sing N N 325 
THR OG1 HG1  sing N N 326 
THR CG2 HG21 sing N N 327 
THR CG2 HG22 sing N N 328 
THR CG2 HG23 sing N N 329 
THR OXT HXT  sing N N 330 
TRP N   CA   sing N N 331 
TRP N   H    sing N N 332 
TRP N   H2   sing N N 333 
TRP CA  C    sing N N 334 
TRP CA  CB   sing N N 335 
TRP CA  HA   sing N N 336 
TRP C   O    doub N N 337 
TRP C   OXT  sing N N 338 
TRP CB  CG   sing N N 339 
TRP CB  HB2  sing N N 340 
TRP CB  HB3  sing N N 341 
TRP CG  CD1  doub Y N 342 
TRP CG  CD2  sing Y N 343 
TRP CD1 NE1  sing Y N 344 
TRP CD1 HD1  sing N N 345 
TRP CD2 CE2  doub Y N 346 
TRP CD2 CE3  sing Y N 347 
TRP NE1 CE2  sing Y N 348 
TRP NE1 HE1  sing N N 349 
TRP CE2 CZ2  sing Y N 350 
TRP CE3 CZ3  doub Y N 351 
TRP CE3 HE3  sing N N 352 
TRP CZ2 CH2  doub Y N 353 
TRP CZ2 HZ2  sing N N 354 
TRP CZ3 CH2  sing Y N 355 
TRP CZ3 HZ3  sing N N 356 
TRP CH2 HH2  sing N N 357 
TRP OXT HXT  sing N N 358 
TYR N   CA   sing N N 359 
TYR N   H    sing N N 360 
TYR N   H2   sing N N 361 
TYR CA  C    sing N N 362 
TYR CA  CB   sing N N 363 
TYR CA  HA   sing N N 364 
TYR C   O    doub N N 365 
TYR C   OXT  sing N N 366 
TYR CB  CG   sing N N 367 
TYR CB  HB2  sing N N 368 
TYR CB  HB3  sing N N 369 
TYR CG  CD1  doub Y N 370 
TYR CG  CD2  sing Y N 371 
TYR CD1 CE1  sing Y N 372 
TYR CD1 HD1  sing N N 373 
TYR CD2 CE2  doub Y N 374 
TYR CD2 HD2  sing N N 375 
TYR CE1 CZ   doub Y N 376 
TYR CE1 HE1  sing N N 377 
TYR CE2 CZ   sing Y N 378 
TYR CE2 HE2  sing N N 379 
TYR CZ  OH   sing N N 380 
TYR OH  HH   sing N N 381 
TYR OXT HXT  sing N N 382 
VAL N   CA   sing N N 383 
VAL N   H    sing N N 384 
VAL N   H2   sing N N 385 
VAL CA  C    sing N N 386 
VAL CA  CB   sing N N 387 
VAL CA  HA   sing N N 388 
VAL C   O    doub N N 389 
VAL C   OXT  sing N N 390 
VAL CB  CG1  sing N N 391 
VAL CB  CG2  sing N N 392 
VAL CB  HB   sing N N 393 
VAL CG1 HG11 sing N N 394 
VAL CG1 HG12 sing N N 395 
VAL CG1 HG13 sing N N 396 
VAL CG2 HG21 sing N N 397 
VAL CG2 HG22 sing N N 398 
VAL CG2 HG23 sing N N 399 
VAL OXT HXT  sing N N 400 
# 
_pdbx_initial_refinement_model.id               1 
_pdbx_initial_refinement_model.entity_id_list   ? 
_pdbx_initial_refinement_model.type             'experimental model' 
_pdbx_initial_refinement_model.source_name      PDB 
_pdbx_initial_refinement_model.accession_code   1U9N 
_pdbx_initial_refinement_model.details          ? 
# 
_atom_sites.entry_id                    6HOD 
_atom_sites.fract_transf_matrix[1][1]   0.00569305 
_atom_sites.fract_transf_matrix[1][2]   -0.00561713 
_atom_sites.fract_transf_matrix[1][3]   0.00193314 
_atom_sites.fract_transf_matrix[2][1]   0.00440013 
_atom_sites.fract_transf_matrix[2][2]   0.00578621 
_atom_sites.fract_transf_matrix[2][3]   0.00385469 
_atom_sites.fract_transf_matrix[3][1]   -0.01438607 
_atom_sites.fract_transf_matrix[3][2]   -0.00588749 
_atom_sites.fract_transf_matrix[3][3]   0.02525935 
_atom_sites.fract_transf_vector[1]      -0.141660 
_atom_sites.fract_transf_vector[2]      -0.286328 
_atom_sites.fract_transf_vector[3]      0.009897 
# 
loop_
_atom_type.symbol 
C 
N 
O 
S 
# 
loop_
_atom_site.group_PDB 
_atom_site.id 
_atom_site.type_symbol 
_atom_site.label_atom_id 
_atom_site.label_alt_id 
_atom_site.label_comp_id 
_atom_site.label_asym_id 
_atom_site.label_entity_id 
_atom_site.label_seq_id 
_atom_site.pdbx_PDB_ins_code 
_atom_site.Cartn_x 
_atom_site.Cartn_y 
_atom_site.Cartn_z 
_atom_site.occupancy 
_atom_site.B_iso_or_equiv 
_atom_site.pdbx_formal_charge 
_atom_site.auth_seq_id 
_atom_site.auth_comp_id 
_atom_site.auth_asym_id 
_atom_site.auth_atom_id 
_atom_site.pdbx_PDB_model_num 
ATOM   1    N N   . ASP A 1 36  ? -10.627 -18.392 -12.016 1.00 57.98 ? 24  ASP A N   1 
ATOM   2    C CA  . ASP A 1 36  ? -12.015 -18.657 -12.353 1.00 57.40 ? 24  ASP A CA  1 
ATOM   3    C C   . ASP A 1 36  ? -12.426 -17.656 -13.445 1.00 52.45 ? 24  ASP A C   1 
ATOM   4    O O   . ASP A 1 36  ? -11.546 -17.076 -14.086 1.00 49.79 ? 24  ASP A O   1 
ATOM   5    C CB  . ASP A 1 36  ? -12.836 -18.609 -11.062 1.00 61.04 ? 24  ASP A CB  1 
ATOM   6    C CG  . ASP A 1 36  ? -14.219 -19.192 -11.240 1.00 66.79 ? 24  ASP A CG  1 
ATOM   7    O OD1 . ASP A 1 36  ? -14.332 -20.264 -11.851 1.00 72.29 ? 24  ASP A OD1 1 
ATOM   8    O OD2 . ASP A 1 36  ? -15.165 -18.535 -10.844 1.00 64.03 ? 24  ASP A OD2 1 
ATOM   9    N N   . ARG A 1 37  ? -13.717 -17.426 -13.667 1.00 44.17 ? 25  ARG A N   1 
ATOM   10   C CA  . ARG A 1 37  ? -14.161 -16.200 -14.370 1.00 45.13 ? 25  ARG A CA  1 
ATOM   11   C C   . ARG A 1 37  ? -13.931 -15.008 -13.424 1.00 40.40 ? 25  ARG A C   1 
ATOM   12   O O   . ARG A 1 37  ? -13.726 -13.889 -13.905 1.00 35.76 ? 25  ARG A O   1 
ATOM   13   C CB  . ARG A 1 37  ? -15.594 -16.377 -14.869 1.00 46.07 ? 25  ARG A CB  1 
ATOM   14   C CG  . ARG A 1 37  ? -15.636 -17.244 -16.118 1.00 50.84 ? 25  ARG A CG  1 
ATOM   15   C CD  . ARG A 1 37  ? -17.019 -17.451 -16.689 1.00 54.48 ? 25  ARG A CD  1 
ATOM   16   N NE  . ARG A 1 37  ? -17.886 -18.215 -15.806 1.00 58.08 ? 25  ARG A NE  1 
ATOM   17   C CZ  . ARG A 1 37  ? -19.063 -18.723 -16.149 1.00 59.45 ? 25  ARG A CZ  1 
ATOM   18   N NH1 . ARG A 1 37  ? -19.540 -18.573 -17.373 1.00 57.90 ? 25  ARG A NH1 1 
ATOM   19   N NH2 . ARG A 1 37  ? -19.760 -19.396 -15.256 1.00 62.23 ? 25  ARG A NH2 1 
ATOM   20   N N   . GLU A 1 38  ? -13.941 -15.257 -12.120 1.00 39.37 ? 26  GLU A N   1 
ATOM   21   C CA  . GLU A 1 38  ? -13.627 -14.237 -11.103 1.00 38.14 ? 26  GLU A CA  1 
ATOM   22   C C   . GLU A 1 38  ? -12.251 -13.629 -11.406 1.00 38.52 ? 26  GLU A C   1 
ATOM   23   O O   . GLU A 1 38  ? -12.141 -12.396 -11.449 1.00 35.37 ? 26  GLU A O   1 
ATOM   24   C CB  . GLU A 1 38  ? -13.653 -14.869 -9.723  1.00 39.99 ? 26  GLU A CB  1 
ATOM   25   C CG  . GLU A 1 38  ? -13.139 -13.908 -8.687  1.00 43.82 ? 26  GLU A CG  1 
ATOM   26   C CD  . GLU A 1 38  ? -13.624 -14.162 -7.280  1.00 48.45 ? 26  GLU A CD  1 
ATOM   27   O OE1 . GLU A 1 38  ? -14.482 -15.058 -7.111  1.00 47.76 ? 26  GLU A OE1 1 
ATOM   28   O OE2 . GLU A 1 38  ? -13.165 -13.425 -6.383  1.00 44.79 ? 26  GLU A OE2 1 
ATOM   29   N N   . LEU A 1 39  ? -11.235 -14.470 -11.584 1.00 38.34 ? 27  LEU A N   1 
ATOM   30   C CA  . LEU A 1 39  ? -9.847  -13.996 -11.845 1.00 40.50 ? 27  LEU A CA  1 
ATOM   31   C C   . LEU A 1 39  ? -9.780  -13.172 -13.141 1.00 36.69 ? 27  LEU A C   1 
ATOM   32   O O   . LEU A 1 39  ? -9.056  -12.138 -13.187 1.00 33.77 ? 27  LEU A O   1 
ATOM   33   C CB  . LEU A 1 39  ? -8.918  -15.204 -11.902 1.00 40.98 ? 27  LEU A CB  1 
ATOM   34   C CG  . LEU A 1 39  ? -8.539  -15.798 -10.550 1.00 46.62 ? 27  LEU A CG  1 
ATOM   35   C CD1 . LEU A 1 39  ? -7.656  -17.018 -10.750 1.00 49.54 ? 27  LEU A CD1 1 
ATOM   36   C CD2 . LEU A 1 39  ? -7.817  -14.780 -9.658  1.00 46.06 ? 27  LEU A CD2 1 
ATOM   37   N N   . ALA A 1 40  ? -10.506 -13.608 -14.170 1.00 35.02 ? 28  ALA A N   1 
ATOM   38   C CA  . ALA A 1 40  ? -10.596 -12.927 -15.477 1.00 34.14 ? 28  ALA A CA  1 
ATOM   39   C C   . ALA A 1 40  ? -11.219 -11.539 -15.298 1.00 31.19 ? 28  ALA A C   1 
ATOM   40   O O   . ALA A 1 40  ? -10.799 -10.583 -15.980 1.00 33.05 ? 28  ALA A O   1 
ATOM   41   C CB  . ALA A 1 40  ? -11.412 -13.772 -16.425 1.00 34.75 ? 28  ALA A CB  1 
ATOM   42   N N   . ILE A 1 41  ? -12.230 -11.400 -14.441 1.00 25.49 ? 29  ILE A N   1 
ATOM   43   C CA  . ILE A 1 41  ? -12.848 -10.065 -14.213 1.00 24.25 ? 29  ILE A CA  1 
ATOM   44   C C   . ILE A 1 41  ? -11.786 -9.169  -13.538 1.00 23.54 ? 29  ILE A C   1 
ATOM   45   O O   . ILE A 1 41  ? -11.649 -8.009  -13.910 1.00 23.37 ? 29  ILE A O   1 
ATOM   46   C CB  . ILE A 1 41  ? -14.101 -10.200 -13.333 1.00 24.50 ? 29  ILE A CB  1 
ATOM   47   C CG1 . ILE A 1 41  ? -15.218 -10.911 -14.095 1.00 25.92 ? 29  ILE A CG1 1 
ATOM   48   C CG2 . ILE A 1 41  ? -14.544 -8.840  -12.833 1.00 23.70 ? 29  ILE A CG2 1 
ATOM   49   C CD1 . ILE A 1 41  ? -16.420 -11.258 -13.215 1.00 29.44 ? 29  ILE A CD1 1 
ATOM   50   N N   . LEU A 1 42  ? -11.136 -9.690  -12.505 1.00 25.66 ? 30  LEU A N   1 
ATOM   51   C CA  . LEU A 1 42  ? -10.105 -8.930  -11.739 1.00 25.99 ? 30  LEU A CA  1 
ATOM   52   C C   . LEU A 1 42  ? -8.958  -8.526  -12.685 1.00 26.73 ? 30  LEU A C   1 
ATOM   53   O O   . LEU A 1 42  ? -8.552  -7.338  -12.668 1.00 25.71 ? 30  LEU A O   1 
ATOM   54   C CB  . LEU A 1 42  ? -9.599  -9.802  -10.593 1.00 26.46 ? 30  LEU A CB  1 
ATOM   55   C CG  . LEU A 1 42  ? -10.604 -10.022 -9.469  1.00 27.60 ? 30  LEU A CG  1 
ATOM   56   C CD1 . LEU A 1 42  ? -10.138 -11.133 -8.550  1.00 28.96 ? 30  LEU A CD1 1 
ATOM   57   C CD2 . LEU A 1 42  ? -10.868 -8.713  -8.705  1.00 28.09 ? 30  LEU A CD2 1 
ATOM   58   N N   . ALA A 1 43  ? -8.446  -9.462  -13.473 1.00 27.18 ? 31  ALA A N   1 
ATOM   59   C CA  . ALA A 1 43  ? -7.342  -9.175  -14.426 1.00 30.39 ? 31  ALA A CA  1 
ATOM   60   C C   . ALA A 1 43  ? -7.788  -8.104  -15.429 1.00 29.23 ? 31  ALA A C   1 
ATOM   61   O O   . ALA A 1 43  ? -6.978  -7.175  -15.722 1.00 30.45 ? 31  ALA A O   1 
ATOM   62   C CB  . ALA A 1 43  ? -6.862  -10.449 -15.089 1.00 32.56 ? 31  ALA A CB  1 
ATOM   63   N N   . THR A 1 44  ? -9.042  -8.156  -15.905 1.00 28.16 ? 32  THR A N   1 
ATOM   64   C CA  . THR A 1 44  ? -9.571  -7.191  -16.891 1.00 27.22 ? 32  THR A CA  1 
ATOM   65   C C   . THR A 1 44  ? -9.624  -5.829  -16.235 1.00 28.99 ? 32  THR A C   1 
ATOM   66   O O   . THR A 1 44  ? -9.221  -4.848  -16.868 1.00 29.54 ? 32  THR A O   1 
ATOM   67   C CB  . THR A 1 44  ? -10.957 -7.563  -17.435 1.00 27.38 ? 32  THR A CB  1 
ATOM   68   O OG1 . THR A 1 44  ? -10.834 -8.773  -18.173 1.00 30.49 ? 32  THR A OG1 1 
ATOM   69   C CG2 . THR A 1 44  ? -11.550 -6.507  -18.331 1.00 28.96 ? 32  THR A CG2 1 
ATOM   70   N N   . ALA A 1 45  ? -10.097 -5.765  -14.989 1.00 25.12 ? 33  ALA A N   1 
ATOM   71   C CA  . ALA A 1 45  ? -10.265 -4.484  -14.298 1.00 25.21 ? 33  ALA A CA  1 
ATOM   72   C C   . ALA A 1 45  ? -8.872  -3.854  -14.062 1.00 24.67 ? 33  ALA A C   1 
ATOM   73   O O   . ALA A 1 45  ? -8.747  -2.658  -14.302 1.00 25.98 ? 33  ALA A O   1 
ATOM   74   C CB  . ALA A 1 45  ? -11.019 -4.706  -13.019 1.00 27.50 ? 33  ALA A CB  1 
ATOM   75   N N   . GLU A 1 46  ? -7.871  -4.638  -13.646 1.00 26.69 ? 34  GLU A N   1 
ATOM   76   C CA  . GLU A 1 46  ? -6.509  -4.091  -13.358 1.00 27.64 ? 34  GLU A CA  1 
ATOM   77   C C   . GLU A 1 46  ? -5.896  -3.570  -14.666 1.00 31.24 ? 34  GLU A C   1 
ATOM   78   O O   . GLU A 1 46  ? -5.360  -2.439  -14.695 1.00 27.20 ? 34  GLU A O   1 
ATOM   79   C CB  . GLU A 1 46  ? -5.621  -5.140  -12.696 1.00 30.82 ? 34  GLU A CB  1 
ATOM   80   C CG  . GLU A 1 46  ? -4.298  -4.541  -12.187 1.00 32.85 ? 34  GLU A CG  1 
ATOM   81   C CD  . GLU A 1 46  ? -3.535  -5.395  -11.191 1.00 35.48 ? 34  GLU A CD  1 
ATOM   82   O OE1 . GLU A 1 46  ? -3.852  -6.585  -11.107 1.00 34.91 ? 34  GLU A OE1 1 
ATOM   83   O OE2 . GLU A 1 46  ? -2.598  -4.874  -10.520 1.00 32.81 ? 34  GLU A OE2 1 
ATOM   84   N N   . ASN A 1 47  ? -6.061  -4.336  -15.732 1.00 31.96 ? 35  ASN A N   1 
ATOM   85   C CA  . ASN A 1 47  ? -5.602  -3.962  -17.093 1.00 35.07 ? 35  ASN A CA  1 
ATOM   86   C C   . ASN A 1 47  ? -6.326  -2.677  -17.536 1.00 31.23 ? 35  ASN A C   1 
ATOM   87   O O   . ASN A 1 47  ? -5.643  -1.754  -17.993 1.00 33.54 ? 35  ASN A O   1 
ATOM   88   C CB  . ASN A 1 47  ? -5.709  -5.163  -18.033 1.00 38.38 ? 35  ASN A CB  1 
ATOM   89   C CG  . ASN A 1 47  ? -4.619  -5.170  -19.067 1.00 47.87 ? 35  ASN A CG  1 
ATOM   90   O OD1 . ASN A 1 47  ? -4.749  -4.534  -20.106 1.00 59.23 ? 35  ASN A OD1 1 
ATOM   91   N ND2 . ASN A 1 47  ? -3.544  -5.885  -18.781 1.00 61.30 ? 35  ASN A ND2 1 
ATOM   92   N N   . LEU A 1 48  ? -7.639  -2.530  -17.363 1.00 30.49 ? 36  LEU A N   1 
ATOM   93   C CA  . LEU A 1 48  ? -8.343  -1.312  -17.864 1.00 32.24 ? 36  LEU A CA  1 
ATOM   94   C C   . LEU A 1 48  ? -8.043  -0.099  -16.981 1.00 33.37 ? 36  LEU A C   1 
ATOM   95   O O   . LEU A 1 48  ? -8.119  1.043   -17.506 1.00 32.02 ? 36  LEU A O   1 
ATOM   96   C CB  . LEU A 1 48  ? -9.856  -1.550  -17.970 1.00 35.35 ? 36  LEU A CB  1 
ATOM   97   C CG  . LEU A 1 48  ? -10.287 -2.561  -19.044 1.00 36.13 ? 36  LEU A CG  1 
ATOM   98   C CD1 . LEU A 1 48  ? -11.793 -2.791  -18.973 1.00 35.41 ? 36  LEU A CD1 1 
ATOM   99   C CD2 . LEU A 1 48  ? -9.871  -2.106  -20.438 1.00 34.76 ? 36  LEU A CD2 1 
ATOM   100  N N   . LEU A 1 49  ? -7.713  -0.312  -15.705 1.00 31.33 ? 37  LEU A N   1 
ATOM   101  C CA  . LEU A 1 49  ? -7.405  0.809   -14.782 1.00 29.50 ? 37  LEU A CA  1 
ATOM   102  C C   . LEU A 1 49  ? -6.049  1.429   -15.141 1.00 30.63 ? 37  LEU A C   1 
ATOM   103  O O   . LEU A 1 49  ? -5.763  2.543   -14.673 1.00 30.18 ? 37  LEU A O   1 
ATOM   104  C CB  . LEU A 1 49  ? -7.460  0.325   -13.335 1.00 31.01 ? 37  LEU A CB  1 
ATOM   105  C CG  . LEU A 1 49  ? -8.883  0.164   -12.781 1.00 27.78 ? 37  LEU A CG  1 
ATOM   106  C CD1 . LEU A 1 49  ? -8.891  -0.565  -11.445 1.00 26.93 ? 37  LEU A CD1 1 
ATOM   107  C CD2 . LEU A 1 49  ? -9.591  1.509   -12.654 1.00 30.75 ? 37  LEU A CD2 1 
ATOM   108  N N   . GLU A 1 50  ? -5.244  0.749   -15.938 1.00 35.89 ? 38  GLU A N   1 
ATOM   109  C CA  . GLU A 1 50  ? -3.922  1.283   -16.359 1.00 38.31 ? 38  GLU A CA  1 
ATOM   110  C C   . GLU A 1 50  ? -4.091  2.398   -17.382 1.00 43.54 ? 38  GLU A C   1 
ATOM   111  O O   . GLU A 1 50  ? -3.208  3.245   -17.415 1.00 46.25 ? 38  GLU A O   1 
ATOM   112  C CB  . GLU A 1 50  ? -3.019  0.154   -16.832 1.00 43.24 ? 38  GLU A CB  1 
ATOM   113  C CG  . GLU A 1 50  ? -2.338  -0.503  -15.644 1.00 50.40 ? 38  GLU A CG  1 
ATOM   114  C CD  . GLU A 1 50  ? -2.029  -1.977  -15.769 1.00 60.19 ? 38  GLU A CD  1 
ATOM   115  O OE1 . GLU A 1 50  ? -1.627  -2.399  -16.866 1.00 60.36 ? 38  GLU A OE1 1 
ATOM   116  O OE2 . GLU A 1 50  ? -2.223  -2.699  -14.768 1.00 64.56 ? 38  GLU A OE2 1 
ATOM   117  N N   . ASP A 1 51  ? -5.203  2.478   -18.112 1.00 47.15 ? 39  ASP A N   1 
ATOM   118  C CA  . ASP A 1 51  ? -5.379  3.569   -19.107 1.00 50.14 ? 39  ASP A CA  1 
ATOM   119  C C   . ASP A 1 51  ? -6.549  4.484   -18.727 1.00 47.21 ? 39  ASP A C   1 
ATOM   120  O O   . ASP A 1 51  ? -6.593  5.564   -19.263 1.00 47.02 ? 39  ASP A O   1 
ATOM   121  C CB  . ASP A 1 51  ? -5.483  3.013   -20.525 1.00 57.87 ? 39  ASP A CB  1 
ATOM   122  C CG  . ASP A 1 51  ? -6.718  2.168   -20.753 1.00 63.30 ? 39  ASP A CG  1 
ATOM   123  O OD1 . ASP A 1 51  ? -7.823  2.637   -20.431 1.00 78.18 ? 39  ASP A OD1 1 
ATOM   124  O OD2 . ASP A 1 51  ? -6.563  1.053   -21.255 1.00 76.73 ? 39  ASP A OD2 1 
ATOM   125  N N   . ARG A 1 52  ? -7.457  4.120   -17.826 1.00 42.44 ? 40  ARG A N   1 
ATOM   126  C CA  . ARG A 1 52  ? -8.521  5.079   -17.460 1.00 40.78 ? 40  ARG A CA  1 
ATOM   127  C C   . ARG A 1 52  ? -9.074  4.809   -16.076 1.00 37.79 ? 40  ARG A C   1 
ATOM   128  O O   . ARG A 1 52  ? -8.928  3.713   -15.537 1.00 35.01 ? 40  ARG A O   1 
ATOM   129  C CB  . ARG A 1 52  ? -9.636  5.078   -18.506 1.00 48.85 ? 40  ARG A CB  1 
ATOM   130  C CG  . ARG A 1 52  ? -10.209 3.713   -18.845 1.00 49.88 ? 40  ARG A CG  1 
ATOM   131  C CD  . ARG A 1 52  ? -11.080 3.874   -20.082 1.00 55.07 ? 40  ARG A CD  1 
ATOM   132  N NE  . ARG A 1 52  ? -12.124 2.866   -20.132 1.00 55.41 ? 40  ARG A NE  1 
ATOM   133  C CZ  . ARG A 1 52  ? -12.038 1.701   -20.757 1.00 50.04 ? 40  ARG A CZ  1 
ATOM   134  N NH1 . ARG A 1 52  ? -10.959 1.372   -21.448 1.00 53.31 ? 40  ARG A NH1 1 
ATOM   135  N NH2 . ARG A 1 52  ? -13.052 0.863   -20.692 1.00 48.23 ? 40  ARG A NH2 1 
ATOM   136  N N   . PRO A 1 53  ? -9.708  5.836   -15.478 1.00 35.30 ? 41  PRO A N   1 
ATOM   137  C CA  . PRO A 1 53  ? -10.285 5.741   -14.139 1.00 35.34 ? 41  PRO A CA  1 
ATOM   138  C C   . PRO A 1 53  ? -11.513 4.821   -14.095 1.00 38.83 ? 41  PRO A C   1 
ATOM   139  O O   . PRO A 1 53  ? -12.109 4.578   -15.156 1.00 38.26 ? 41  PRO A O   1 
ATOM   140  C CB  . PRO A 1 53  ? -10.802 7.160   -13.796 1.00 34.61 ? 41  PRO A CB  1 
ATOM   141  C CG  . PRO A 1 53  ? -10.316 8.059   -14.924 1.00 38.10 ? 41  PRO A CG  1 
ATOM   142  C CD  . PRO A 1 53  ? -9.894  7.171   -16.072 1.00 38.03 ? 41  PRO A CD  1 
ATOM   143  N N   . LEU A 1 54  ? -11.913 4.425   -12.882 1.00 36.44 ? 42  LEU A N   1 
ATOM   144  C CA  . LEU A 1 54  ? -13.038 3.483   -12.668 1.00 43.19 ? 42  LEU A CA  1 
ATOM   145  C C   . LEU A 1 54  ? -14.317 4.105   -13.240 1.00 44.53 ? 42  LEU A C   1 
ATOM   146  O O   . LEU A 1 54  ? -15.006 3.422   -13.973 1.00 39.22 ? 42  LEU A O   1 
ATOM   147  C CB  . LEU A 1 54  ? -13.182 3.156   -11.178 1.00 38.20 ? 42  LEU A CB  1 
ATOM   148  C CG  . LEU A 1 54  ? -14.162 2.023   -10.864 1.00 38.59 ? 42  LEU A CG  1 
ATOM   149  C CD1 . LEU A 1 54  ? -13.725 0.710   -11.497 1.00 36.23 ? 42  LEU A CD1 1 
ATOM   150  C CD2 . LEU A 1 54  ? -14.328 1.862   -9.365  1.00 37.32 ? 42  LEU A CD2 1 
ATOM   151  N N   . ALA A 1 55  ? -14.559 5.385   -12.971 1.00 48.57 ? 43  ALA A N   1 
ATOM   152  C CA  . ALA A 1 55  ? -15.655 6.194   -13.558 1.00 48.42 ? 43  ALA A CA  1 
ATOM   153  C C   . ALA A 1 55  ? -15.776 6.003   -15.076 1.00 48.37 ? 43  ALA A C   1 
ATOM   154  O O   . ALA A 1 55  ? -16.898 6.115   -15.563 1.00 55.04 ? 43  ALA A O   1 
ATOM   155  C CB  . ALA A 1 55  ? -15.437 7.644   -13.234 1.00 46.05 ? 43  ALA A CB  1 
ATOM   156  N N   . ASP A 1 56  ? -14.691 5.756   -15.811 1.00 45.50 ? 44  ASP A N   1 
ATOM   157  C CA  . ASP A 1 56  ? -14.730 5.617   -17.291 1.00 44.96 ? 44  ASP A CA  1 
ATOM   158  C C   . ASP A 1 56  ? -14.783 4.147   -17.671 1.00 42.76 ? 44  ASP A C   1 
ATOM   159  O O   . ASP A 1 56  ? -14.619 3.851   -18.861 1.00 42.85 ? 44  ASP A O   1 
ATOM   160  C CB  . ASP A 1 56  ? -13.528 6.257   -17.978 1.00 47.57 ? 44  ASP A CB  1 
ATOM   161  C CG  . ASP A 1 56  ? -13.590 7.768   -18.007 1.00 54.35 ? 44  ASP A CG  1 
ATOM   162  O OD1 . ASP A 1 56  ? -14.409 8.335   -17.257 1.00 60.33 ? 44  ASP A OD1 1 
ATOM   163  O OD2 . ASP A 1 56  ? -12.815 8.360   -18.776 1.00 64.00 ? 44  ASP A OD2 1 
ATOM   164  N N   . ILE A 1 57  ? -14.988 3.250   -16.708 1.00 40.20 ? 45  ILE A N   1 
ATOM   165  C CA  . ILE A 1 57  ? -15.113 1.804   -17.021 1.00 40.20 ? 45  ILE A CA  1 
ATOM   166  C C   . ILE A 1 57  ? -16.530 1.361   -16.637 1.00 37.88 ? 45  ILE A C   1 
ATOM   167  O O   . ILE A 1 57  ? -16.977 1.669   -15.506 1.00 41.56 ? 45  ILE A O   1 
ATOM   168  C CB  . ILE A 1 57  ? -13.998 0.992   -16.325 1.00 38.66 ? 45  ILE A CB  1 
ATOM   169  C CG1 . ILE A 1 57  ? -12.598 1.470   -16.723 1.00 37.65 ? 45  ILE A CG1 1 
ATOM   170  C CG2 . ILE A 1 57  ? -14.148 -0.486  -16.624 1.00 38.49 ? 45  ILE A CG2 1 
ATOM   171  C CD1 . ILE A 1 57  ? -11.501 0.864   -15.891 1.00 34.50 ? 45  ILE A CD1 1 
ATOM   172  N N   . SER A 1 58  ? -17.213 0.667   -17.551 1.00 44.74 ? 46  SER A N   1 
ATOM   173  C CA  . SER A 1 58  ? -18.594 0.140   -17.358 1.00 43.46 ? 46  SER A CA  1 
ATOM   174  C C   . SER A 1 58  ? -18.509 -1.308  -16.879 1.00 40.77 ? 46  SER A C   1 
ATOM   175  O O   . SER A 1 58  ? -17.515 -2.007  -17.204 1.00 34.45 ? 46  SER A O   1 
ATOM   176  C CB  . SER A 1 58  ? -19.406 0.217   -18.636 1.00 37.94 ? 46  SER A CB  1 
ATOM   177  O OG  . SER A 1 58  ? -18.775 -0.554  -19.655 1.00 37.55 ? 46  SER A OG  1 
ATOM   178  N N   . VAL A 1 59  ? -19.550 -1.776  -16.198 1.00 39.33 ? 47  VAL A N   1 
ATOM   179  C CA  . VAL A 1 59  ? -19.713 -3.234  -15.959 1.00 37.62 ? 47  VAL A CA  1 
ATOM   180  C C   . VAL A 1 59  ? -19.588 -3.955  -17.313 1.00 33.90 ? 47  VAL A C   1 
ATOM   181  O O   . VAL A 1 59  ? -18.955 -5.012  -17.382 1.00 32.98 ? 47  VAL A O   1 
ATOM   182  C CB  . VAL A 1 59  ? -21.043 -3.518  -15.239 1.00 35.21 ? 47  VAL A CB  1 
ATOM   183  C CG1 . VAL A 1 59  ? -21.403 -5.002  -15.297 1.00 35.76 ? 47  VAL A CG1 1 
ATOM   184  C CG2 . VAL A 1 59  ? -20.982 -3.015  -13.806 1.00 37.98 ? 47  VAL A CG2 1 
ATOM   185  N N   . ASP A 1 60  ? -20.159 -3.392  -18.376 1.00 40.61 ? 48  ASP A N   1 
ATOM   186  C CA  . ASP A 1 60  ? -20.140 -4.042  -19.713 1.00 39.53 ? 48  ASP A CA  1 
ATOM   187  C C   . ASP A 1 60  ? -18.702 -4.126  -20.238 1.00 35.90 ? 48  ASP A C   1 
ATOM   188  O O   . ASP A 1 60  ? -18.365 -5.145  -20.849 1.00 34.61 ? 48  ASP A O   1 
ATOM   189  C CB  . ASP A 1 60  ? -21.090 -3.338  -20.682 1.00 44.81 ? 48  ASP A CB  1 
ATOM   190  C CG  . ASP A 1 60  ? -22.572 -3.544  -20.356 1.00 47.45 ? 48  ASP A CG  1 
ATOM   191  O OD1 . ASP A 1 60  ? -22.973 -4.659  -19.871 1.00 46.11 ? 48  ASP A OD1 1 
ATOM   192  O OD2 . ASP A 1 60  ? -23.326 -2.587  -20.584 1.00 46.20 ? 48  ASP A OD2 1 
ATOM   193  N N   . ASP A 1 61  ? -17.878 -3.094  -20.014 1.00 39.07 ? 49  ASP A N   1 
ATOM   194  C CA  . ASP A 1 61  ? -16.419 -3.165  -20.307 1.00 35.39 ? 49  ASP A CA  1 
ATOM   195  C C   . ASP A 1 61  ? -15.778 -4.346  -19.578 1.00 31.68 ? 49  ASP A C   1 
ATOM   196  O O   . ASP A 1 61  ? -15.024 -5.122  -20.208 1.00 33.28 ? 49  ASP A O   1 
ATOM   197  C CB  . ASP A 1 61  ? -15.677 -1.905  -19.880 1.00 41.48 ? 49  ASP A CB  1 
ATOM   198  C CG  . ASP A 1 61  ? -16.007 -0.668  -20.693 1.00 45.85 ? 49  ASP A CG  1 
ATOM   199  O OD1 . ASP A 1 61  ? -16.219 -0.815  -21.911 1.00 47.05 ? 49  ASP A OD1 1 
ATOM   200  O OD2 . ASP A 1 61  ? -16.035 0.423   -20.088 1.00 42.39 ? 49  ASP A OD2 1 
ATOM   201  N N   . LEU A 1 62  ? -16.063 -4.524  -18.290 1.00 28.05 ? 50  LEU A N   1 
ATOM   202  C CA  . LEU A 1 62  ? -15.409 -5.617  -17.504 1.00 28.77 ? 50  LEU A CA  1 
ATOM   203  C C   . LEU A 1 62  ? -15.899 -6.981  -17.980 1.00 29.12 ? 50  LEU A C   1 
ATOM   204  O O   . LEU A 1 62  ? -15.096 -7.929  -18.024 1.00 28.44 ? 50  LEU A O   1 
ATOM   205  C CB  . LEU A 1 62  ? -15.731 -5.393  -16.035 1.00 29.73 ? 50  LEU A CB  1 
ATOM   206  C CG  . LEU A 1 62  ? -15.138 -4.111  -15.463 1.00 32.13 ? 50  LEU A CG  1 
ATOM   207  C CD1 . LEU A 1 62  ? -15.571 -3.937  -14.015 1.00 35.31 ? 50  LEU A CD1 1 
ATOM   208  C CD2 . LEU A 1 62  ? -13.620 -4.129  -15.582 1.00 33.14 ? 50  LEU A CD2 1 
ATOM   209  N N   . ALA A 1 63  ? -17.202 -7.086  -18.276 1.00 30.54 ? 51  ALA A N   1 
ATOM   210  C CA  . ALA A 1 63  ? -17.787 -8.346  -18.782 1.00 31.68 ? 51  ALA A CA  1 
ATOM   211  C C   . ALA A 1 63  ? -17.135 -8.659  -20.127 1.00 29.07 ? 51  ALA A C   1 
ATOM   212  O O   . ALA A 1 63  ? -16.643 -9.783  -20.295 1.00 28.90 ? 51  ALA A O   1 
ATOM   213  C CB  . ALA A 1 63  ? -19.281 -8.200  -18.886 1.00 31.37 ? 51  ALA A CB  1 
ATOM   214  N N   . LYS A 1 64  ? -17.121 -7.679  -21.023 1.00 36.44 ? 52  LYS A N   1 
ATOM   215  C CA  . LYS A 1 64  ? -16.569 -7.897  -22.392 1.00 43.60 ? 52  LYS A CA  1 
ATOM   216  C C   . LYS A 1 64  ? -15.149 -8.437  -22.248 1.00 38.29 ? 52  LYS A C   1 
ATOM   217  O O   . LYS A 1 64  ? -14.867 -9.495  -22.812 1.00 33.91 ? 52  LYS A O   1 
ATOM   218  C CB  . LYS A 1 64  ? -16.603 -6.615  -23.228 1.00 51.59 ? 52  LYS A CB  1 
ATOM   219  C CG  . LYS A 1 64  ? -17.963 -6.294  -23.831 1.00 59.56 ? 52  LYS A CG  1 
ATOM   220  C CD  . LYS A 1 64  ? -18.114 -4.879  -24.348 1.00 62.03 ? 52  LYS A CD  1 
ATOM   221  C CE  . LYS A 1 64  ? -19.571 -4.483  -24.448 1.00 64.37 ? 52  LYS A CE  1 
ATOM   222  N NZ  . LYS A 1 64  ? -19.742 -3.241  -25.228 1.00 70.96 ? 52  LYS A NZ  1 
ATOM   223  N N   . GLY A 1 65  ? -14.306 -7.746  -21.460 1.00 39.82 ? 53  GLY A N   1 
ATOM   224  C CA  . GLY A 1 65  ? -12.895 -8.119  -21.234 1.00 36.64 ? 53  GLY A CA  1 
ATOM   225  C C   . GLY A 1 65  ? -12.726 -9.514  -20.681 1.00 33.09 ? 53  GLY A C   1 
ATOM   226  O O   . GLY A 1 65  ? -11.761 -10.187 -21.073 1.00 34.13 ? 53  GLY A O   1 
ATOM   227  N N   . ALA A 1 66  ? -13.631 -9.978  -19.818 1.00 30.73 ? 54  ALA A N   1 
ATOM   228  C CA  . ALA A 1 66  ? -13.549 -11.304 -19.166 1.00 34.10 ? 54  ALA A CA  1 
ATOM   229  C C   . ALA A 1 66  ? -14.291 -12.380 -19.968 1.00 30.06 ? 54  ALA A C   1 
ATOM   230  O O   . ALA A 1 66  ? -14.302 -13.542 -19.509 1.00 34.38 ? 54  ALA A O   1 
ATOM   231  C CB  . ALA A 1 66  ? -14.085 -11.221 -17.753 1.00 38.48 ? 54  ALA A CB  1 
ATOM   232  N N   . GLY A 1 67  ? -14.843 -12.029 -21.129 1.00 34.36 ? 55  GLY A N   1 
ATOM   233  C CA  . GLY A 1 67  ? -15.484 -13.002 -22.047 1.00 33.89 ? 55  GLY A CA  1 
ATOM   234  C C   . GLY A 1 67  ? -16.790 -13.548 -21.475 1.00 31.89 ? 55  GLY A C   1 
ATOM   235  O O   . GLY A 1 67  ? -17.062 -14.738 -21.622 1.00 34.39 ? 55  GLY A O   1 
ATOM   236  N N   . ILE A 1 68  ? -17.529 -12.734 -20.731 1.00 30.45 ? 56  ILE A N   1 
ATOM   237  C CA  . ILE A 1 68  ? -18.797 -13.198 -20.076 1.00 28.26 ? 56  ILE A CA  1 
ATOM   238  C C   . ILE A 1 68  ? -19.839 -12.149 -20.380 1.00 26.23 ? 56  ILE A C   1 
ATOM   239  O O   . ILE A 1 68  ? -19.457 -11.063 -20.807 1.00 23.62 ? 56  ILE A O   1 
ATOM   240  C CB  . ILE A 1 68  ? -18.630 -13.424 -18.553 1.00 26.36 ? 56  ILE A CB  1 
ATOM   241  C CG1 . ILE A 1 68  ? -18.225 -12.129 -17.851 1.00 28.38 ? 56  ILE A CG1 1 
ATOM   242  C CG2 . ILE A 1 68  ? -17.674 -14.561 -18.267 1.00 30.33 ? 56  ILE A CG2 1 
ATOM   243  C CD1 . ILE A 1 68  ? -18.160 -12.220 -16.340 1.00 29.46 ? 56  ILE A CD1 1 
ATOM   244  N N   . SER A 1 69  ? -21.112 -12.424 -20.061 1.00 26.52 ? 57  SER A N   1 
ATOM   245  C CA  . SER A 1 69  ? -22.217 -11.438 -20.215 1.00 25.31 ? 57  SER A CA  1 
ATOM   246  C C   . SER A 1 69  ? -22.262 -10.522 -19.001 1.00 24.86 ? 57  SER A C   1 
ATOM   247  O O   . SER A 1 69  ? -21.744 -10.901 -17.949 1.00 24.68 ? 57  SER A O   1 
ATOM   248  C CB  . SER A 1 69  ? -23.548 -12.161 -20.384 1.00 24.85 ? 57  SER A CB  1 
ATOM   249  O OG  . SER A 1 69  ? -23.821 -12.896 -19.199 1.00 21.88 ? 57  SER A OG  1 
ATOM   250  N N   . ARG A 1 70  ? -22.977 -9.421  -19.122 1.00 25.60 ? 58  ARG A N   1 
ATOM   251  C CA  . ARG A 1 70  ? -23.299 -8.528  -17.994 1.00 28.50 ? 58  ARG A CA  1 
ATOM   252  C C   . ARG A 1 70  ? -23.961 -9.293  -16.845 1.00 27.87 ? 58  ARG A C   1 
ATOM   253  O O   . ARG A 1 70  ? -23.525 -9.168  -15.708 1.00 21.32 ? 58  ARG A O   1 
ATOM   254  C CB  . ARG A 1 70  ? -24.148 -7.352  -18.464 1.00 30.17 ? 58  ARG A CB  1 
ATOM   255  C CG  . ARG A 1 70  ? -24.514 -6.399  -17.340 1.00 34.84 ? 58  ARG A CG  1 
ATOM   256  C CD  . ARG A 1 70  ? -25.761 -5.560  -17.556 1.00 39.48 ? 58  ARG A CD  1 
ATOM   257  N NE  . ARG A 1 70  ? -25.587 -4.687  -18.693 1.00 42.17 ? 58  ARG A NE  1 
ATOM   258  C CZ  . ARG A 1 70  ? -26.554 -3.956  -19.252 1.00 49.45 ? 58  ARG A CZ  1 
ATOM   259  N NH1 . ARG A 1 70  ? -27.793 -3.965  -18.782 1.00 49.84 ? 58  ARG A NH1 1 
ATOM   260  N NH2 . ARG A 1 70  ? -26.265 -3.203  -20.292 1.00 48.58 ? 58  ARG A NH2 1 
ATOM   261  N N   . PRO A 1 71  ? -25.089 -10.037 -17.016 1.00 24.79 ? 59  PRO A N   1 
ATOM   262  C CA  . PRO A 1 71  ? -25.657 -10.734 -15.866 1.00 23.49 ? 59  PRO A CA  1 
ATOM   263  C C   . PRO A 1 71  ? -24.677 -11.745 -15.251 1.00 20.27 ? 59  PRO A C   1 
ATOM   264  O O   . PRO A 1 71  ? -24.743 -11.926 -14.047 1.00 22.79 ? 59  PRO A O   1 
ATOM   265  C CB  . PRO A 1 71  ? -26.918 -11.418 -16.422 1.00 21.84 ? 59  PRO A CB  1 
ATOM   266  C CG  . PRO A 1 71  ? -26.708 -11.428 -17.897 1.00 21.61 ? 59  PRO A CG  1 
ATOM   267  C CD  . PRO A 1 71  ? -25.910 -10.172 -18.232 1.00 24.50 ? 59  PRO A CD  1 
ATOM   268  N N   . THR A 1 72  ? -23.830 -12.394 -16.047 1.00 20.42 ? 60  THR A N   1 
ATOM   269  C CA  . THR A 1 72  ? -22.886 -13.400 -15.479 1.00 22.37 ? 60  THR A CA  1 
ATOM   270  C C   . THR A 1 72  ? -21.906 -12.638 -14.584 1.00 22.59 ? 60  THR A C   1 
ATOM   271  O O   . THR A 1 72  ? -21.612 -13.130 -13.450 1.00 23.93 ? 60  THR A O   1 
ATOM   272  C CB  . THR A 1 72  ? -22.227 -14.269 -16.558 1.00 21.89 ? 60  THR A CB  1 
ATOM   273  O OG1 . THR A 1 72  ? -23.159 -15.139 -17.182 1.00 22.11 ? 60  THR A OG1 1 
ATOM   274  C CG2 . THR A 1 72  ? -21.115 -15.151 -16.024 1.00 22.26 ? 60  THR A CG2 1 
ATOM   275  N N   . PHE A 1 73  ? -21.476 -11.463 -15.040 1.00 23.49 ? 61  PHE A N   1 
ATOM   276  C CA  . PHE A 1 73  ? -20.641 -10.533 -14.238 1.00 26.16 ? 61  PHE A CA  1 
ATOM   277  C C   . PHE A 1 73  ? -21.279 -10.347 -12.857 1.00 32.23 ? 61  PHE A C   1 
ATOM   278  O O   . PHE A 1 73  ? -20.575 -10.489 -11.840 1.00 26.48 ? 61  PHE A O   1 
ATOM   279  C CB  . PHE A 1 73  ? -20.504 -9.149  -14.882 1.00 28.06 ? 61  PHE A CB  1 
ATOM   280  C CG  . PHE A 1 73  ? -19.810 -8.147  -13.979 1.00 31.67 ? 61  PHE A CG  1 
ATOM   281  C CD1 . PHE A 1 73  ? -20.532 -7.416  -13.032 1.00 28.73 ? 61  PHE A CD1 1 
ATOM   282  C CD2 . PHE A 1 73  ? -18.426 -7.957  -14.036 1.00 32.56 ? 61  PHE A CD2 1 
ATOM   283  C CE1 . PHE A 1 73  ? -19.903 -6.505  -12.191 1.00 32.44 ? 61  PHE A CE1 1 
ATOM   284  C CE2 . PHE A 1 73  ? -17.797 -7.034  -13.197 1.00 31.50 ? 61  PHE A CE2 1 
ATOM   285  C CZ  . PHE A 1 73  ? -18.530 -6.311  -12.279 1.00 34.38 ? 61  PHE A CZ  1 
ATOM   286  N N   . TYR A 1 74  ? -22.580 -10.021 -12.829 1.00 30.29 ? 62  TYR A N   1 
ATOM   287  C CA  . TYR A 1 74  ? -23.287 -9.624  -11.584 1.00 31.59 ? 62  TYR A CA  1 
ATOM   288  C C   . TYR A 1 74  ? -23.432 -10.823 -10.673 1.00 28.85 ? 62  TYR A C   1 
ATOM   289  O O   . TYR A 1 74  ? -23.700 -10.609 -9.480  1.00 33.18 ? 62  TYR A O   1 
ATOM   290  C CB  . TYR A 1 74  ? -24.654 -9.009  -11.853 1.00 32.01 ? 62  TYR A CB  1 
ATOM   291  C CG  . TYR A 1 74  ? -24.594 -7.568  -12.230 1.00 34.97 ? 62  TYR A CG  1 
ATOM   292  C CD1 . TYR A 1 74  ? -24.022 -6.642  -11.370 1.00 33.09 ? 62  TYR A CD1 1 
ATOM   293  C CD2 . TYR A 1 74  ? -25.107 -7.132  -13.439 1.00 34.44 ? 62  TYR A CD2 1 
ATOM   294  C CE1 . TYR A 1 74  ? -23.968 -5.304  -11.714 1.00 29.97 ? 62  TYR A CE1 1 
ATOM   295  C CE2 . TYR A 1 74  ? -25.082 -5.792  -13.780 1.00 37.90 ? 62  TYR A CE2 1 
ATOM   296  C CZ  . TYR A 1 74  ? -24.511 -4.884  -12.909 1.00 31.00 ? 62  TYR A CZ  1 
ATOM   297  O OH  . TYR A 1 74  ? -24.460 -3.585  -13.282 1.00 36.55 ? 62  TYR A OH  1 
ATOM   298  N N   . PHE A 1 75  ? -23.232 -12.029 -11.188 1.00 30.08 ? 63  PHE A N   1 
ATOM   299  C CA  . PHE A 1 75  ? -23.139 -13.237 -10.349 1.00 28.47 ? 63  PHE A CA  1 
ATOM   300  C C   . PHE A 1 75  ? -21.881 -13.149 -9.471  1.00 35.68 ? 63  PHE A C   1 
ATOM   301  O O   . PHE A 1 75  ? -21.955 -13.495 -8.296  1.00 29.84 ? 63  PHE A O   1 
ATOM   302  C CB  . PHE A 1 75  ? -23.125 -14.531 -11.152 1.00 31.57 ? 63  PHE A CB  1 
ATOM   303  C CG  . PHE A 1 75  ? -23.146 -15.756 -10.279 1.00 30.36 ? 63  PHE A CG  1 
ATOM   304  C CD1 . PHE A 1 75  ? -24.291 -16.090 -9.564  1.00 33.01 ? 63  PHE A CD1 1 
ATOM   305  C CD2 . PHE A 1 75  ? -22.035 -16.560 -10.153 1.00 32.43 ? 63  PHE A CD2 1 
ATOM   306  C CE1 . PHE A 1 75  ? -24.317 -17.192 -8.728  1.00 33.61 ? 63  PHE A CE1 1 
ATOM   307  C CE2 . PHE A 1 75  ? -22.060 -17.686 -9.333  1.00 35.93 ? 63  PHE A CE2 1 
ATOM   308  C CZ  . PHE A 1 75  ? -23.201 -18.007 -8.633  1.00 35.99 ? 63  PHE A CZ  1 
ATOM   309  N N   . TYR A 1 76  ? -20.745 -12.744 -10.030 1.00 30.82 ? 64  TYR A N   1 
ATOM   310  C CA  . TYR A 1 76  ? -19.432 -12.812 -9.339  1.00 32.74 ? 64  TYR A CA  1 
ATOM   311  C C   . TYR A 1 76  ? -19.223 -11.582 -8.457  1.00 29.08 ? 64  TYR A C   1 
ATOM   312  O O   . TYR A 1 76  ? -18.554 -11.766 -7.437  1.00 29.55 ? 64  TYR A O   1 
ATOM   313  C CB  . TYR A 1 76  ? -18.306 -12.960 -10.358 1.00 31.31 ? 64  TYR A CB  1 
ATOM   314  C CG  . TYR A 1 76  ? -18.290 -14.332 -10.941 1.00 29.78 ? 64  TYR A CG  1 
ATOM   315  C CD1 . TYR A 1 76  ? -17.756 -15.387 -10.232 1.00 33.99 ? 64  TYR A CD1 1 
ATOM   316  C CD2 . TYR A 1 76  ? -18.915 -14.596 -12.149 1.00 31.81 ? 64  TYR A CD2 1 
ATOM   317  C CE1 . TYR A 1 76  ? -17.780 -16.674 -10.736 1.00 36.91 ? 64  TYR A CE1 1 
ATOM   318  C CE2 . TYR A 1 76  ? -18.955 -15.878 -12.665 1.00 31.38 ? 64  TYR A CE2 1 
ATOM   319  C CZ  . TYR A 1 76  ? -18.382 -16.914 -11.959 1.00 35.07 ? 64  TYR A CZ  1 
ATOM   320  O OH  . TYR A 1 76  ? -18.384 -18.148 -12.505 1.00 36.37 ? 64  TYR A OH  1 
ATOM   321  N N   . PHE A 1 77  ? -19.723 -10.416 -8.867  1.00 25.72 ? 65  PHE A N   1 
ATOM   322  C CA  . PHE A 1 77  ? -19.551 -9.127  -8.153  1.00 26.59 ? 65  PHE A CA  1 
ATOM   323  C C   . PHE A 1 77  ? -20.809 -8.311  -8.301  1.00 28.57 ? 65  PHE A C   1 
ATOM   324  O O   . PHE A 1 77  ? -21.413 -8.241  -9.391  1.00 29.08 ? 65  PHE A O   1 
ATOM   325  C CB  . PHE A 1 77  ? -18.396 -8.274  -8.717  1.00 28.47 ? 65  PHE A CB  1 
ATOM   326  C CG  . PHE A 1 77  ? -17.037 -8.901  -8.575  1.00 26.42 ? 65  PHE A CG  1 
ATOM   327  C CD1 . PHE A 1 77  ? -16.272 -8.711  -7.431  1.00 25.21 ? 65  PHE A CD1 1 
ATOM   328  C CD2 . PHE A 1 77  ? -16.529 -9.696  -9.586  1.00 26.14 ? 65  PHE A CD2 1 
ATOM   329  C CE1 . PHE A 1 77  ? -15.042 -9.324  -7.302  1.00 26.59 ? 65  PHE A CE1 1 
ATOM   330  C CE2 . PHE A 1 77  ? -15.298 -10.303 -9.454  1.00 27.31 ? 65  PHE A CE2 1 
ATOM   331  C CZ  . PHE A 1 77  ? -14.549 -10.106 -8.316  1.00 25.95 ? 65  PHE A CZ  1 
ATOM   332  N N   . PRO A 1 78  ? -21.201 -7.622  -7.212  1.00 29.87 ? 66  PRO A N   1 
ATOM   333  C CA  . PRO A 1 78  ? -22.357 -6.746  -7.259  1.00 31.11 ? 66  PRO A CA  1 
ATOM   334  C C   . PRO A 1 78  ? -22.180 -5.423  -7.999  1.00 34.06 ? 66  PRO A C   1 
ATOM   335  O O   . PRO A 1 78  ? -23.185 -4.804  -8.219  1.00 33.53 ? 66  PRO A O   1 
ATOM   336  C CB  . PRO A 1 78  ? -22.655 -6.481  -5.765  1.00 33.40 ? 66  PRO A CB  1 
ATOM   337  C CG  . PRO A 1 78  ? -21.335 -6.662  -5.077  1.00 30.76 ? 66  PRO A CG  1 
ATOM   338  C CD  . PRO A 1 78  ? -20.623 -7.742  -5.857  1.00 29.23 ? 66  PRO A CD  1 
ATOM   339  N N   . SER A 1 79  ? -20.947 -4.991  -8.327  1.00 31.91 ? 67  SER A N   1 
ATOM   340  C CA  . SER A 1 79  ? -20.672 -3.628  -8.860  1.00 32.08 ? 67  SER A CA  1 
ATOM   341  C C   . SER A 1 79  ? -19.214 -3.534  -9.329  1.00 30.30 ? 67  SER A C   1 
ATOM   342  O O   . SER A 1 79  ? -18.404 -4.322  -8.852  1.00 27.71 ? 67  SER A O   1 
ATOM   343  C CB  . SER A 1 79  ? -20.915 -2.591  -7.808  1.00 34.97 ? 67  SER A CB  1 
ATOM   344  O OG  . SER A 1 79  ? -20.025 -2.822  -6.734  1.00 35.20 ? 67  SER A OG  1 
ATOM   345  N N   . LYS A 1 80  ? -18.892 -2.588  -10.198 1.00 31.98 ? 68  LYS A N   1 
ATOM   346  C CA  . LYS A 1 80  ? -17.474 -2.350  -10.570 1.00 32.48 ? 68  LYS A CA  1 
ATOM   347  C C   . LYS A 1 80  ? -16.722 -1.896  -9.307  1.00 35.25 ? 68  LYS A C   1 
ATOM   348  O O   . LYS A 1 80  ? -15.539 -2.262  -9.160  1.00 33.27 ? 68  LYS A O   1 
ATOM   349  C CB  . LYS A 1 80  ? -17.390 -1.375  -11.733 1.00 31.56 ? 68  LYS A CB  1 
ATOM   350  C CG  . LYS A 1 80  ? -17.853 0.034   -11.422 1.00 37.90 ? 68  LYS A CG  1 
ATOM   351  C CD  . LYS A 1 80  ? -17.741 0.888   -12.642 1.00 40.55 ? 68  LYS A CD  1 
ATOM   352  C CE  . LYS A 1 80  ? -18.021 2.343   -12.367 1.00 42.35 ? 68  LYS A CE  1 
ATOM   353  N NZ  . LYS A 1 80  ? -18.104 3.082   -13.642 1.00 42.52 ? 68  LYS A NZ  1 
ATOM   354  N N   . GLU A 1 81  ? -17.405 -1.207  -8.388  1.00 35.96 ? 69  GLU A N   1 
ATOM   355  C CA  . GLU A 1 81  ? -16.814 -0.726  -7.108  1.00 34.90 ? 69  GLU A CA  1 
ATOM   356  C C   . GLU A 1 81  ? -16.334 -1.954  -6.331  1.00 35.27 ? 69  GLU A C   1 
ATOM   357  O O   . GLU A 1 81  ? -15.237 -1.920  -5.764  1.00 32.86 ? 69  GLU A O   1 
ATOM   358  C CB  . GLU A 1 81  ? -17.802 0.143   -6.329  1.00 33.79 ? 69  GLU A CB  1 
ATOM   359  C CG  . GLU A 1 81  ? -18.100 1.474   -7.007  1.00 36.65 ? 69  GLU A CG  1 
ATOM   360  C CD  . GLU A 1 81  ? -19.101 1.489   -8.169  1.00 40.34 ? 69  GLU A CD  1 
ATOM   361  O OE1 . GLU A 1 81  ? -19.743 0.435   -8.476  1.00 37.65 ? 69  GLU A OE1 1 
ATOM   362  O OE2 . GLU A 1 81  ? -19.223 2.549   -8.801  1.00 43.10 ? 69  GLU A OE2 1 
ATOM   363  N N   . ALA A 1 82  ? -17.086 -3.059  -6.351  1.00 32.70 ? 70  ALA A N   1 
ATOM   364  C CA  . ALA A 1 82  ? -16.744 -4.248  -5.554  1.00 29.06 ? 70  ALA A CA  1 
ATOM   365  C C   . ALA A 1 82  ? -15.510 -4.895  -6.180  1.00 25.61 ? 70  ALA A C   1 
ATOM   366  O O   . ALA A 1 82  ? -14.715 -5.521  -5.454  1.00 25.42 ? 70  ALA A O   1 
ATOM   367  C CB  . ALA A 1 82  ? -17.920 -5.199  -5.455  1.00 30.90 ? 70  ALA A CB  1 
ATOM   368  N N   . VAL A 1 83  ? -15.363 -4.771  -7.493  1.00 22.45 ? 71  VAL A N   1 
ATOM   369  C CA  . VAL A 1 83  ? -14.169 -5.341  -8.183  1.00 23.64 ? 71  VAL A CA  1 
ATOM   370  C C   . VAL A 1 83  ? -12.931 -4.586  -7.673  1.00 22.14 ? 71  VAL A C   1 
ATOM   371  O O   . VAL A 1 83  ? -11.941 -5.261  -7.382  1.00 22.76 ? 71  VAL A O   1 
ATOM   372  C CB  . VAL A 1 83  ? -14.282 -5.304  -9.721  1.00 23.96 ? 71  VAL A CB  1 
ATOM   373  C CG1 . VAL A 1 83  ? -13.029 -5.851  -10.402 1.00 25.48 ? 71  VAL A CG1 1 
ATOM   374  C CG2 . VAL A 1 83  ? -15.513 -6.087  -10.173 1.00 23.14 ? 71  VAL A CG2 1 
ATOM   375  N N   . LEU A 1 84  ? -12.978 -3.261  -7.623  1.00 25.67 ? 72  LEU A N   1 
ATOM   376  C CA  . LEU A 1 84  ? -11.804 -2.450  -7.151  1.00 26.13 ? 72  LEU A CA  1 
ATOM   377  C C   . LEU A 1 84  ? -11.492 -2.785  -5.698  1.00 26.40 ? 72  LEU A C   1 
ATOM   378  O O   . LEU A 1 84  ? -10.314 -2.992  -5.344  1.00 25.72 ? 72  LEU A O   1 
ATOM   379  C CB  . LEU A 1 84  ? -12.115 -0.971  -7.262  1.00 29.57 ? 72  LEU A CB  1 
ATOM   380  C CG  . LEU A 1 84  ? -11.030 -0.037  -6.723  1.00 29.75 ? 72  LEU A CG  1 
ATOM   381  C CD1 . LEU A 1 84  ? -9.701  -0.360  -7.384  1.00 30.25 ? 72  LEU A CD1 1 
ATOM   382  C CD2 . LEU A 1 84  ? -11.424 1.398   -7.003  1.00 31.73 ? 72  LEU A CD2 1 
ATOM   383  N N   . LEU A 1 85  ? -12.528 -2.926  -4.883  1.00 27.63 ? 73  LEU A N   1 
ATOM   384  C CA  . LEU A 1 85  ? -12.332 -3.280  -3.467  1.00 27.00 ? 73  LEU A CA  1 
ATOM   385  C C   . LEU A 1 85  ? -11.594 -4.602  -3.395  1.00 25.38 ? 73  LEU A C   1 
ATOM   386  O O   . LEU A 1 85  ? -10.641 -4.702  -2.608  1.00 24.51 ? 73  LEU A O   1 
ATOM   387  C CB  . LEU A 1 85  ? -13.680 -3.340  -2.742  1.00 27.14 ? 73  LEU A CB  1 
ATOM   388  C CG  . LEU A 1 85  ? -13.554 -3.776  -1.293  1.00 28.56 ? 73  LEU A CG  1 
ATOM   389  C CD1 . LEU A 1 85  ? -12.901 -2.649  -0.510  1.00 27.17 ? 73  LEU A CD1 1 
ATOM   390  C CD2 . LEU A 1 85  ? -14.904 -4.158  -0.683  1.00 29.42 ? 73  LEU A CD2 1 
ATOM   391  N N   . THR A 1 86  ? -11.983 -5.609  -4.185  1.00 24.51 ? 74  THR A N   1 
ATOM   392  C CA  . THR A 1 86  ? -11.292 -6.919  -4.153  1.00 20.81 ? 74  THR A CA  1 
ATOM   393  C C   . THR A 1 86  ? -9.866  -6.742  -4.668  1.00 23.95 ? 74  THR A C   1 
ATOM   394  O O   . THR A 1 86  ? -8.953  -7.329  -4.069  1.00 23.97 ? 74  THR A O   1 
ATOM   395  C CB  . THR A 1 86  ? -12.034 -7.996  -4.966  1.00 24.13 ? 74  THR A CB  1 
ATOM   396  O OG1 . THR A 1 86  ? -13.335 -8.135  -4.410  1.00 27.46 ? 74  THR A OG1 1 
ATOM   397  C CG2 . THR A 1 86  ? -11.361 -9.341  -4.923  1.00 24.29 ? 74  THR A CG2 1 
ATOM   398  N N   . LEU A 1 87  ? -9.656  -5.950  -5.713  1.00 23.73 ? 75  LEU A N   1 
ATOM   399  C CA  . LEU A 1 87  ? -8.271  -5.766  -6.228  1.00 24.90 ? 75  LEU A CA  1 
ATOM   400  C C   . LEU A 1 87  ? -7.432  -5.106  -5.129  1.00 23.86 ? 75  LEU A C   1 
ATOM   401  O O   . LEU A 1 87  ? -6.299  -5.563  -4.886  1.00 23.11 ? 75  LEU A O   1 
ATOM   402  C CB  . LEU A 1 87  ? -8.251  -4.919  -7.487  1.00 23.77 ? 75  LEU A CB  1 
ATOM   403  C CG  . LEU A 1 87  ? -8.669  -5.640  -8.762  1.00 24.69 ? 75  LEU A CG  1 
ATOM   404  C CD1 . LEU A 1 87  ? -8.931  -4.625  -9.846  1.00 27.32 ? 75  LEU A CD1 1 
ATOM   405  C CD2 . LEU A 1 87  ? -7.622  -6.656  -9.169  1.00 25.08 ? 75  LEU A CD2 1 
ATOM   406  N N   . LEU A 1 88  ? -7.982  -4.104  -4.456  1.00 23.54 ? 76  LEU A N   1 
ATOM   407  C CA  . LEU A 1 88  ? -7.177  -3.394  -3.424  1.00 23.68 ? 76  LEU A CA  1 
ATOM   408  C C   . LEU A 1 88  ? -6.902  -4.331  -2.257  1.00 24.28 ? 76  LEU A C   1 
ATOM   409  O O   . LEU A 1 88  ? -5.789  -4.305  -1.722  1.00 23.35 ? 76  LEU A O   1 
ATOM   410  C CB  . LEU A 1 88  ? -7.892  -2.133  -2.974  1.00 24.01 ? 76  LEU A CB  1 
ATOM   411  C CG  . LEU A 1 88  ? -7.124  -1.261  -1.991  1.00 23.99 ? 76  LEU A CG  1 
ATOM   412  C CD1 . LEU A 1 88  ? -5.788  -0.805  -2.573  1.00 24.98 ? 76  LEU A CD1 1 
ATOM   413  C CD2 . LEU A 1 88  ? -7.993  -0.070  -1.609  1.00 26.13 ? 76  LEU A CD2 1 
ATOM   414  N N   . ASP A 1 89  ? -7.913  -5.082  -1.823  1.00 22.88 ? 77  ASP A N   1 
ATOM   415  C CA  . ASP A 1 89  ? -7.773  -6.064  -0.729  1.00 23.43 ? 77  ASP A CA  1 
ATOM   416  C C   . ASP A 1 89  ? -6.599  -6.989  -1.044  1.00 23.04 ? 77  ASP A C   1 
ATOM   417  O O   . ASP A 1 89  ? -5.833  -7.299  -0.137  1.00 20.23 ? 77  ASP A O   1 
ATOM   418  C CB  . ASP A 1 89  ? -9.074  -6.861  -0.568  1.00 27.62 ? 77  ASP A CB  1 
ATOM   419  C CG  . ASP A 1 89  ? -9.029  -7.763  0.642   1.00 31.38 ? 77  ASP A CG  1 
ATOM   420  O OD1 . ASP A 1 89  ? -9.219  -7.282  1.745   1.00 34.23 ? 77  ASP A OD1 1 
ATOM   421  O OD2 . ASP A 1 89  ? -8.676  -8.894  0.470   1.00 37.38 ? 77  ASP A OD2 1 
ATOM   422  N N   . ARG A 1 90  ? -6.513  -7.491  -2.280  1.00 21.92 ? 78  ARG A N   1 
ATOM   423  C CA  . ARG A 1 90  ? -5.436  -8.436  -2.660  1.00 24.61 ? 78  ARG A CA  1 
ATOM   424  C C   . ARG A 1 90  ? -4.083  -7.712  -2.528  1.00 21.65 ? 78  ARG A C   1 
ATOM   425  O O   . ARG A 1 90  ? -3.135  -8.306  -2.020  1.00 20.04 ? 78  ARG A O   1 
ATOM   426  C CB  . ARG A 1 90  ? -5.658  -8.927  -4.095  1.00 29.66 ? 78  ARG A CB  1 
ATOM   427  C CG  . ARG A 1 90  ? -6.884  -9.818  -4.269  1.00 41.35 ? 78  ARG A CG  1 
ATOM   428  C CD  . ARG A 1 90  ? -7.390  -9.880  -5.711  1.00 46.63 ? 78  ARG A CD  1 
ATOM   429  N NE  . ARG A 1 90  ? -6.459  -10.587 -6.583  1.00 51.24 ? 78  ARG A NE  1 
ATOM   430  C CZ  . ARG A 1 90  ? -6.387  -11.911 -6.693  1.00 60.22 ? 78  ARG A CZ  1 
ATOM   431  N NH1 . ARG A 1 90  ? -5.487  -12.453 -7.499  1.00 63.44 ? 78  ARG A NH1 1 
ATOM   432  N NH2 . ARG A 1 90  ? -7.205  -12.683 -5.990  1.00 54.63 ? 78  ARG A NH2 1 
ATOM   433  N N   . VAL A 1 91  ? -3.988  -6.486  -3.048  1.00 21.64 ? 79  VAL A N   1 
ATOM   434  C CA  . VAL A 1 91  ? -2.678  -5.748  -3.021  1.00 22.24 ? 79  VAL A CA  1 
ATOM   435  C C   . VAL A 1 91  ? -2.252  -5.482  -1.566  1.00 21.67 ? 79  VAL A C   1 
ATOM   436  O O   . VAL A 1 91  ? -1.104  -5.793  -1.178  1.00 20.62 ? 79  VAL A O   1 
ATOM   437  C CB  . VAL A 1 91  ? -2.725  -4.458  -3.847  1.00 23.66 ? 79  VAL A CB  1 
ATOM   438  C CG1 . VAL A 1 91  ? -1.446  -3.664  -3.654  1.00 23.88 ? 79  VAL A CG1 1 
ATOM   439  C CG2 . VAL A 1 91  ? -2.938  -4.768  -5.318  1.00 24.96 ? 79  VAL A CG2 1 
ATOM   440  N N   . VAL A 1 92  ? -3.178  -5.003  -0.743  1.00 22.72 ? 80  VAL A N   1 
ATOM   441  C CA  . VAL A 1 92  ? -2.891  -4.649  0.665   1.00 21.82 ? 80  VAL A CA  1 
ATOM   442  C C   . VAL A 1 92  ? -2.462  -5.888  1.440   1.00 21.88 ? 80  VAL A C   1 
ATOM   443  O O   . VAL A 1 92  ? -1.522  -5.805  2.217   1.00 19.29 ? 80  VAL A O   1 
ATOM   444  C CB  . VAL A 1 92  ? -4.116  -3.924  1.234   1.00 26.65 ? 80  VAL A CB  1 
ATOM   445  C CG1 . VAL A 1 92  ? -4.129  -3.918  2.732   1.00 32.83 ? 80  VAL A CG1 1 
ATOM   446  C CG2 . VAL A 1 92  ? -4.217  -2.509  0.675   1.00 23.97 ? 80  VAL A CG2 1 
ATOM   447  N N   . ASN A 1 93  ? -3.152  -7.011  1.272   1.00 21.43 ? 81  ASN A N   1 
ATOM   448  C CA  . ASN A 1 93  ? -2.795  -8.286  1.949   1.00 21.51 ? 81  ASN A CA  1 
ATOM   449  C C   . ASN A 1 93  ? -1.475  -8.859  1.434   1.00 20.85 ? 81  ASN A C   1 
ATOM   450  O O   . ASN A 1 93  ? -0.736  -9.409  2.243   1.00 22.45 ? 81  ASN A O   1 
ATOM   451  C CB  . ASN A 1 93  ? -3.931  -9.310  1.820   1.00 24.73 ? 81  ASN A CB  1 
ATOM   452  C CG  . ASN A 1 93  ? -4.927  -9.084  2.930   1.00 25.25 ? 81  ASN A CG  1 
ATOM   453  O OD1 . ASN A 1 93  ? -4.648  -9.454  4.063   1.00 26.02 ? 81  ASN A OD1 1 
ATOM   454  N ND2 . ASN A 1 93  ? -6.000  -8.364  2.642   1.00 24.20 ? 81  ASN A ND2 1 
ATOM   455  N N   . GLN A 1 94  ? -1.126  -8.650  0.167   1.00 21.75 ? 82  GLN A N   1 
ATOM   456  C CA  . GLN A 1 94  ? 0.202   -9.033  -0.352  1.00 21.94 ? 82  GLN A CA  1 
ATOM   457  C C   . GLN A 1 94  ? 1.296   -8.256  0.401   1.00 19.59 ? 82  GLN A C   1 
ATOM   458  O O   . GLN A 1 94  ? 2.291   -8.862  0.794   1.00 17.97 ? 82  GLN A O   1 
ATOM   459  C CB  . GLN A 1 94  ? 0.244   -8.754  -1.855  1.00 26.94 ? 82  GLN A CB  1 
ATOM   460  C CG  . GLN A 1 94  ? 1.432   -9.364  -2.580  1.00 29.37 ? 82  GLN A CG  1 
ATOM   461  C CD  . GLN A 1 94  ? 1.278   -9.022  -4.051  1.00 39.16 ? 82  GLN A CD  1 
ATOM   462  O OE1 . GLN A 1 94  ? 0.175   -9.070  -4.612  1.00 42.96 ? 82  GLN A OE1 1 
ATOM   463  N NE2 . GLN A 1 94  ? 2.363   -8.565  -4.653  1.00 39.08 ? 82  GLN A NE2 1 
ATOM   464  N N   . ALA A 1 95  ? 1.117   -6.944  0.597   1.00 19.55 ? 83  ALA A N   1 
ATOM   465  C CA  . ALA A 1 95  ? 2.098   -6.103  1.315   1.00 18.17 ? 83  ALA A CA  1 
ATOM   466  C C   . ALA A 1 95  ? 2.187   -6.640  2.745   1.00 17.79 ? 83  ALA A C   1 
ATOM   467  O O   . ALA A 1 95  ? 3.299   -6.810  3.238   1.00 18.26 ? 83  ALA A O   1 
ATOM   468  C CB  . ALA A 1 95  ? 1.692   -4.627  1.244   1.00 17.06 ? 83  ALA A CB  1 
ATOM   469  N N   . ASP A 1 96  ? 1.020   -6.857  3.364   1.00 20.70 ? 84  ASP A N   1 
ATOM   470  C CA  . ASP A 1 96  ? 0.912   -7.251  4.778   1.00 19.95 ? 84  ASP A CA  1 
ATOM   471  C C   . ASP A 1 96  ? 1.636   -8.590  4.949   1.00 20.44 ? 84  ASP A C   1 
ATOM   472  O O   . ASP A 1 96  ? 2.453   -8.713  5.862   1.00 18.60 ? 84  ASP A O   1 
ATOM   473  C CB  . ASP A 1 96  ? -0.532  -7.316  5.232   1.00 21.84 ? 84  ASP A CB  1 
ATOM   474  C CG  . ASP A 1 96  ? -0.537  -7.423  6.734   1.00 25.16 ? 84  ASP A CG  1 
ATOM   475  O OD1 . ASP A 1 96  ? 0.077   -6.551  7.390   1.00 21.74 ? 84  ASP A OD1 1 
ATOM   476  O OD2 . ASP A 1 96  ? -1.047  -8.424  7.220   1.00 25.09 ? 84  ASP A OD2 1 
ATOM   477  N N   . MET A 1 97  ? 1.395   -9.551  4.055   1.00 22.14 ? 85  MET A N   1 
ATOM   478  C CA  . MET A 1 97  ? 2.023   -10.898 4.170   1.00 24.53 ? 85  MET A CA  1 
ATOM   479  C C   . MET A 1 97  ? 3.535   -10.819 3.894   1.00 22.93 ? 85  MET A C   1 
ATOM   480  O O   . MET A 1 97  ? 4.320   -11.547 4.547   1.00 23.33 ? 85  MET A O   1 
ATOM   481  C CB  . MET A 1 97  ? 1.350   -11.905 3.219   1.00 27.70 ? 85  MET A CB  1 
ATOM   482  C CG  . MET A 1 97  ? -0.067  -12.196 3.627   1.00 36.31 ? 85  MET A CG  1 
ATOM   483  S SD  . MET A 1 97  ? -0.949  -13.267 2.437   1.00 55.38 ? 85  MET A SD  1 
ATOM   484  C CE  . MET A 1 97  ? 0.102   -14.726 2.452   1.00 50.41 ? 85  MET A CE  1 
ATOM   485  N N   . ALA A 1 98  ? 3.980   -9.976  2.962   1.00 22.11 ? 86  ALA A N   1 
ATOM   486  C CA  . ALA A 1 98  ? 5.420   -9.754  2.726   1.00 21.14 ? 86  ALA A CA  1 
ATOM   487  C C   . ALA A 1 98  ? 6.030   -9.158  3.997   1.00 21.51 ? 86  ALA A C   1 
ATOM   488  O O   . ALA A 1 98  ? 7.070   -9.649  4.448   1.00 20.58 ? 86  ALA A O   1 
ATOM   489  C CB  . ALA A 1 98  ? 5.631   -8.888  1.519   1.00 22.99 ? 86  ALA A CB  1 
ATOM   490  N N   . LEU A 1 99  ? 5.353   -8.208  4.640   1.00 21.45 ? 87  LEU A N   1 
ATOM   491  C CA  . LEU A 1 99  ? 5.947   -7.603  5.863   1.00 21.54 ? 87  LEU A CA  1 
ATOM   492  C C   . LEU A 1 99  ? 5.979   -8.660  6.993   1.00 20.10 ? 87  LEU A C   1 
ATOM   493  O O   . LEU A 1 99  ? 6.979   -8.724  7.704   1.00 22.72 ? 87  LEU A O   1 
ATOM   494  C CB  . LEU A 1 99  ? 5.178   -6.332  6.248   1.00 21.80 ? 87  LEU A CB  1 
ATOM   495  C CG  . LEU A 1 99  ? 5.742   -5.566  7.449   1.00 24.28 ? 87  LEU A CG  1 
ATOM   496  C CD1 . LEU A 1 99  ? 7.085   -4.945  7.125   1.00 27.40 ? 87  LEU A CD1 1 
ATOM   497  C CD2 . LEU A 1 99  ? 4.765   -4.476  7.880   1.00 24.97 ? 87  LEU A CD2 1 
ATOM   498  N N   . GLN A 1 100 ? 4.944   -9.482  7.130   1.00 23.58 ? 88  GLN A N   1 
ATOM   499  C CA  . GLN A 1 100 ? 4.915   -10.552 8.164   1.00 26.64 ? 88  GLN A CA  1 
ATOM   500  C C   . GLN A 1 100 ? 6.085   -11.503 7.939   1.00 24.19 ? 88  GLN A C   1 
ATOM   501  O O   . GLN A 1 100 ? 6.726   -11.865 8.909   1.00 25.20 ? 88  GLN A O   1 
ATOM   502  C CB  . GLN A 1 100 ? 3.631   -11.361 8.105   1.00 30.10 ? 88  GLN A CB  1 
ATOM   503  C CG  . GLN A 1 100 ? 2.447   -10.640 8.695   1.00 38.05 ? 88  GLN A CG  1 
ATOM   504  C CD  . GLN A 1 100 ? 1.265   -11.567 8.674   1.00 43.56 ? 88  GLN A CD  1 
ATOM   505  O OE1 . GLN A 1 100 ? 0.184   -11.206 8.212   1.00 51.18 ? 88  GLN A OE1 1 
ATOM   506  N NE2 . GLN A 1 100 ? 1.502   -12.789 9.114   1.00 37.74 ? 88  GLN A NE2 1 
ATOM   507  N N   . THR A 1 101 ? 6.357   -11.866 6.677   1.00 27.41 ? 89  THR A N   1 
ATOM   508  C CA  . THR A 1 101 ? 7.472   -12.790 6.315   1.00 26.36 ? 89  THR A CA  1 
ATOM   509  C C   . THR A 1 101 ? 8.783   -12.162 6.752   1.00 26.71 ? 89  THR A C   1 
ATOM   510  O O   . THR A 1 101 ? 9.609   -12.829 7.369   1.00 27.78 ? 89  THR A O   1 
ATOM   511  C CB  . THR A 1 101 ? 7.508   -13.087 4.813   1.00 28.17 ? 89  THR A CB  1 
ATOM   512  O OG1 . THR A 1 101 ? 6.262   -13.735 4.557   1.00 30.75 ? 89  THR A OG1 1 
ATOM   513  C CG2 . THR A 1 101 ? 8.693   -13.930 4.402   1.00 30.76 ? 89  THR A CG2 1 
ATOM   514  N N   . LEU A 1 102 ? 8.985   -10.890 6.416   1.00 27.59 ? 90  LEU A N   1 
ATOM   515  C CA  . LEU A 1 102 ? 10.207  -10.173 6.800   1.00 25.55 ? 90  LEU A CA  1 
ATOM   516  C C   . LEU A 1 102 ? 10.319  -10.109 8.327   1.00 28.31 ? 90  LEU A C   1 
ATOM   517  O O   . LEU A 1 102 ? 11.438  -10.325 8.882   1.00 28.80 ? 90  LEU A O   1 
ATOM   518  C CB  . LEU A 1 102 ? 10.105  -8.788  6.171   1.00 27.89 ? 90  LEU A CB  1 
ATOM   519  C CG  . LEU A 1 102 ? 11.360  -7.942  6.197   1.00 29.92 ? 90  LEU A CG  1 
ATOM   520  C CD1 . LEU A 1 102 ? 12.566  -8.695  5.650   1.00 32.96 ? 90  LEU A CD1 1 
ATOM   521  C CD2 . LEU A 1 102 ? 11.102  -6.673  5.402   1.00 31.51 ? 90  LEU A CD2 1 
ATOM   522  N N   . ALA A 1 103 ? 9.218   -9.836  9.031   1.00 29.69 ? 91  ALA A N   1 
ATOM   523  C CA  . ALA A 1 103 ? 9.258   -9.678  10.501  1.00 33.78 ? 91  ALA A CA  1 
ATOM   524  C C   . ALA A 1 103 ? 9.773   -10.982 11.127  1.00 37.53 ? 91  ALA A C   1 
ATOM   525  O O   . ALA A 1 103 ? 10.544  -10.899 12.086  1.00 36.44 ? 91  ALA A O   1 
ATOM   526  C CB  . ALA A 1 103 ? 7.896   -9.310  11.044  1.00 32.48 ? 91  ALA A CB  1 
ATOM   527  N N   . GLU A 1 104 ? 9.351   -12.130 10.604  1.00 36.24 ? 92  GLU A N   1 
ATOM   528  C CA  . GLU A 1 104 ? 9.695   -13.466 11.165  1.00 41.48 ? 92  GLU A CA  1 
ATOM   529  C C   . GLU A 1 104 ? 11.084  -13.889 10.661  1.00 44.24 ? 92  GLU A C   1 
ATOM   530  O O   . GLU A 1 104 ? 11.594  -14.859 11.176  1.00 45.95 ? 92  GLU A O   1 
ATOM   531  C CB  . GLU A 1 104 ? 8.641   -14.507 10.774  1.00 41.59 ? 92  GLU A CB  1 
ATOM   532  C CG  . GLU A 1 104 ? 7.229   -14.179 11.241  1.00 45.02 ? 92  GLU A CG  1 
ATOM   533  C CD  . GLU A 1 104 ? 6.125   -15.029 10.611  1.00 51.21 ? 92  GLU A CD  1 
ATOM   534  O OE1 . GLU A 1 104 ? 6.419   -15.857 9.728   1.00 52.25 ? 92  GLU A OE1 1 
ATOM   535  O OE2 . GLU A 1 104 ? 4.965   -14.862 10.999  1.00 53.30 ? 92  GLU A OE2 1 
ATOM   536  N N   . ASN A 1 105 ? 11.654  -13.202 9.664   1.00 45.55 ? 93  ASN A N   1 
ATOM   537  C CA  . ASN A 1 105 ? 12.903  -13.602 8.953   1.00 42.83 ? 93  ASN A CA  1 
ATOM   538  C C   . ASN A 1 105 ? 13.812  -12.398 8.813   1.00 42.25 ? 93  ASN A C   1 
ATOM   539  O O   . ASN A 1 105 ? 14.112  -11.978 7.693   1.00 45.89 ? 93  ASN A O   1 
ATOM   540  C CB  . ASN A 1 105 ? 12.603  -14.145 7.558   1.00 43.51 ? 93  ASN A CB  1 
ATOM   541  C CG  . ASN A 1 105 ? 11.799  -15.414 7.640   1.00 45.75 ? 93  ASN A CG  1 
ATOM   542  O OD1 . ASN A 1 105 ? 12.374  -16.449 7.897   1.00 54.07 ? 93  ASN A OD1 1 
ATOM   543  N ND2 . ASN A 1 105 ? 10.486  -15.347 7.509   1.00 43.32 ? 93  ASN A ND2 1 
ATOM   544  N N   . PRO A 1 106 ? 14.288  -11.809 9.932   1.00 48.24 ? 94  PRO A N   1 
ATOM   545  C CA  . PRO A 1 106 ? 15.124  -10.606 9.851   1.00 51.31 ? 94  PRO A CA  1 
ATOM   546  C C   . PRO A 1 106 ? 16.349  -10.759 8.925   1.00 49.57 ? 94  PRO A C   1 
ATOM   547  O O   . PRO A 1 106 ? 17.070  -11.720 9.039   1.00 47.39 ? 94  PRO A O   1 
ATOM   548  C CB  . PRO A 1 106 ? 15.569  -10.398 11.314  1.00 51.49 ? 94  PRO A CB  1 
ATOM   549  C CG  . PRO A 1 106 ? 15.383  -11.770 11.955  1.00 48.64 ? 94  PRO A CG  1 
ATOM   550  C CD  . PRO A 1 106 ? 14.114  -12.298 11.311  1.00 44.83 ? 94  PRO A CD  1 
ATOM   551  N N   . ALA A 1 107 ? 16.567  -9.789  8.038   1.00 48.47 ? 95  ALA A N   1 
ATOM   552  C CA  . ALA A 1 107 ? 17.826  -9.624  7.279   1.00 46.42 ? 95  ALA A CA  1 
ATOM   553  C C   . ALA A 1 107 ? 18.960  -9.394  8.284   1.00 48.21 ? 95  ALA A C   1 
ATOM   554  O O   . ALA A 1 107 ? 18.709  -8.772  9.352   1.00 44.91 ? 95  ALA A O   1 
ATOM   555  C CB  . ALA A 1 107 ? 17.710  -8.480  6.303   1.00 43.46 ? 95  ALA A CB  1 
ATOM   556  N N   . ASP A 1 108 ? 20.157  -9.893  7.956   1.00 45.33 ? 96  ASP A N   1 
ATOM   557  C CA  . ASP A 1 108 ? 21.388  -9.826  8.795   1.00 44.13 ? 96  ASP A CA  1 
ATOM   558  C C   . ASP A 1 108 ? 22.289  -8.707  8.243   1.00 46.27 ? 96  ASP A C   1 
ATOM   559  O O   . ASP A 1 108 ? 23.211  -8.959  7.401   1.00 38.16 ? 96  ASP A O   1 
ATOM   560  C CB  . ASP A 1 108 ? 22.016  -11.217 8.865   1.00 47.61 ? 96  ASP A CB  1 
ATOM   561  C CG  . ASP A 1 108 ? 23.372  -11.290 9.529   1.00 52.02 ? 96  ASP A CG  1 
ATOM   562  O OD1 . ASP A 1 108 ? 23.683  -10.423 10.355  1.00 53.55 ? 96  ASP A OD1 1 
ATOM   563  O OD2 . ASP A 1 108 ? 24.109  -12.221 9.195   1.00 64.66 ? 96  ASP A OD2 1 
ATOM   564  N N   . THR A 1 109 ? 21.989  -7.471  8.641   1.00 40.97 ? 97  THR A N   1 
ATOM   565  C CA  . THR A 1 109 ? 22.590  -6.248  8.054   1.00 38.60 ? 97  THR A CA  1 
ATOM   566  C C   . THR A 1 109 ? 22.418  -5.168  9.133   1.00 35.81 ? 97  THR A C   1 
ATOM   567  O O   . THR A 1 109 ? 21.816  -5.473  10.187  1.00 35.11 ? 97  THR A O   1 
ATOM   568  C CB  . THR A 1 109 ? 21.981  -6.021  6.654   1.00 40.25 ? 97  THR A CB  1 
ATOM   569  O OG1 . THR A 1 109 ? 22.660  -5.001  5.915   1.00 40.03 ? 97  THR A OG1 1 
ATOM   570  C CG2 . THR A 1 109 ? 20.499  -5.703  6.723   1.00 43.15 ? 97  THR A CG2 1 
ATOM   571  N N   . ASP A 1 110 ? 22.950  -3.975  8.896   1.00 34.57 ? 98  ASP A N   1 
ATOM   572  C CA  . ASP A 1 110 ? 22.881  -2.836  9.835   1.00 34.62 ? 98  ASP A CA  1 
ATOM   573  C C   . ASP A 1 110 ? 21.426  -2.357  9.896   1.00 35.67 ? 98  ASP A C   1 
ATOM   574  O O   . ASP A 1 110 ? 20.593  -2.746  9.054   1.00 32.37 ? 98  ASP A O   1 
ATOM   575  C CB  . ASP A 1 110 ? 23.861  -1.752  9.386   1.00 38.38 ? 98  ASP A CB  1 
ATOM   576  C CG  . ASP A 1 110 ? 23.636  -1.273  7.966   1.00 40.89 ? 98  ASP A CG  1 
ATOM   577  O OD1 . ASP A 1 110 ? 22.484  -1.152  7.572   1.00 42.45 ? 98  ASP A OD1 1 
ATOM   578  O OD2 . ASP A 1 110 ? 24.627  -0.998  7.281   1.00 50.53 ? 98  ASP A OD2 1 
ATOM   579  N N   . ARG A 1 111 ? 21.118  -1.543  10.879  1.00 34.72 ? 99  ARG A N   1 
ATOM   580  C CA  . ARG A 1 111 ? 19.732  -1.095  11.118  1.00 34.74 ? 99  ARG A CA  1 
ATOM   581  C C   . ARG A 1 111 ? 19.220  -0.253  9.936   1.00 30.20 ? 99  ARG A C   1 
ATOM   582  O O   . ARG A 1 111 ? 18.017  -0.363  9.670   1.00 30.23 ? 99  ARG A O   1 
ATOM   583  C CB  . ARG A 1 111 ? 19.658  -0.348  12.445  1.00 41.42 ? 99  ARG A CB  1 
ATOM   584  C CG  . ARG A 1 111 ? 20.679  0.759   12.522  1.00 44.57 ? 99  ARG A CG  1 
ATOM   585  C CD  . ARG A 1 111 ? 21.095  1.021   13.943  1.00 52.45 ? 99  ARG A CD  1 
ATOM   586  N NE  . ARG A 1 111 ? 21.536  2.403   13.924  1.00 49.56 ? 99  ARG A NE  1 
ATOM   587  C CZ  . ARG A 1 111 ? 21.859  3.098   14.992  1.00 52.08 ? 99  ARG A CZ  1 
ATOM   588  N NH1 . ARG A 1 111 ? 22.221  4.359   14.837  1.00 46.85 ? 99  ARG A NH1 1 
ATOM   589  N NH2 . ARG A 1 111 ? 21.791  2.550   16.197  1.00 54.63 ? 99  ARG A NH2 1 
ATOM   590  N N   . GLU A 1 112 ? 20.066  0.500   9.227   1.00 26.05 ? 100 GLU A N   1 
ATOM   591  C CA  . GLU A 1 112 ? 19.633  1.290   8.051   1.00 29.51 ? 100 GLU A CA  1 
ATOM   592  C C   . GLU A 1 112 ? 19.108  0.323   6.981   1.00 31.81 ? 100 GLU A C   1 
ATOM   593  O O   . GLU A 1 112 ? 17.998  0.557   6.446   1.00 26.00 ? 100 GLU A O   1 
ATOM   594  C CB  . GLU A 1 112 ? 20.774  2.155   7.535   1.00 30.83 ? 100 GLU A CB  1 
ATOM   595  C CG  . GLU A 1 112 ? 20.418  2.890   6.277   1.00 34.87 ? 100 GLU A CG  1 
ATOM   596  C CD  . GLU A 1 112 ? 21.399  3.958   5.841   1.00 42.99 ? 100 GLU A CD  1 
ATOM   597  O OE1 . GLU A 1 112 ? 22.365  4.212   6.557   1.00 43.47 ? 100 GLU A OE1 1 
ATOM   598  O OE2 . GLU A 1 112 ? 21.206  4.502   4.761   1.00 45.20 ? 100 GLU A OE2 1 
ATOM   599  N N   . ASN A 1 113 ? 19.849  -0.747  6.674   1.00 29.73 ? 101 ASN A N   1 
ATOM   600  C CA  . ASN A 1 113 ? 19.422  -1.685  5.599   1.00 29.56 ? 101 ASN A CA  1 
ATOM   601  C C   . ASN A 1 113 ? 18.193  -2.476  6.059   1.00 25.27 ? 101 ASN A C   1 
ATOM   602  O O   . ASN A 1 113 ? 17.387  -2.880  5.201   1.00 28.64 ? 101 ASN A O   1 
ATOM   603  C CB  . ASN A 1 113 ? 20.565  -2.575  5.102   1.00 33.96 ? 101 ASN A CB  1 
ATOM   604  C CG  . ASN A 1 113 ? 21.347  -1.913  3.989   1.00 38.24 ? 101 ASN A CG  1 
ATOM   605  O OD1 . ASN A 1 113 ? 20.852  -1.817  2.862   1.00 42.69 ? 101 ASN A OD1 1 
ATOM   606  N ND2 . ASN A 1 113 ? 22.559  -1.454  4.295   1.00 38.52 ? 101 ASN A ND2 1 
ATOM   607  N N   . MET A 1 114 ? 17.975  -2.639  7.359   1.00 24.80 ? 102 MET A N   1 
ATOM   608  C CA  . MET A 1 114 ? 16.778  -3.355  7.857   1.00 26.77 ? 102 MET A CA  1 
ATOM   609  C C   . MET A 1 114 ? 15.518  -2.497  7.639   1.00 25.24 ? 102 MET A C   1 
ATOM   610  O O   . MET A 1 114 ? 14.502  -3.026  7.154   1.00 24.01 ? 102 MET A O   1 
ATOM   611  C CB  . MET A 1 114 ? 16.952  -3.726  9.330   1.00 32.42 ? 102 MET A CB  1 
ATOM   612  C CG  . MET A 1 114 ? 17.994  -4.887  9.504   1.00 40.02 ? 102 MET A CG  1 
ATOM   613  S SD  . MET A 1 114 ? 18.316  -5.355  11.249  1.00 47.86 ? 102 MET A SD  1 
ATOM   614  C CE  . MET A 1 114 ? 17.025  -6.599  11.407  1.00 47.64 ? 102 MET A CE  1 
ATOM   615  N N   . TRP A 1 115 ? 15.563  -1.210  7.970   1.00 24.01 ? 103 TRP A N   1 
ATOM   616  C CA  . TRP A 1 115 ? 14.407  -0.314  7.684   1.00 21.23 ? 103 TRP A CA  1 
ATOM   617  C C   . TRP A 1 115 ? 14.226  -0.226  6.176   1.00 19.10 ? 103 TRP A C   1 
ATOM   618  O O   . TRP A 1 115 ? 13.057  -0.239  5.718   1.00 19.17 ? 103 TRP A O   1 
ATOM   619  C CB  . TRP A 1 115 ? 14.598  1.054   8.320   1.00 20.14 ? 103 TRP A CB  1 
ATOM   620  C CG  . TRP A 1 115 ? 14.485  1.055   9.815   1.00 19.93 ? 103 TRP A CG  1 
ATOM   621  C CD1 . TRP A 1 115 ? 15.500  1.204   10.716  1.00 20.74 ? 103 TRP A CD1 1 
ATOM   622  C CD2 . TRP A 1 115 ? 13.287  0.897   10.600  1.00 20.72 ? 103 TRP A CD2 1 
ATOM   623  N NE1 . TRP A 1 115 ? 15.018  1.106   11.998  1.00 22.45 ? 103 TRP A NE1 1 
ATOM   624  C CE2 . TRP A 1 115 ? 13.672  0.916   11.962  1.00 20.64 ? 103 TRP A CE2 1 
ATOM   625  C CE3 . TRP A 1 115 ? 11.947  0.668   10.303  1.00 20.08 ? 103 TRP A CE3 1 
ATOM   626  C CZ2 . TRP A 1 115 ? 12.753  0.812   13.000  1.00 21.43 ? 103 TRP A CZ2 1 
ATOM   627  C CZ3 . TRP A 1 115 ? 11.040  0.528   11.336  1.00 20.93 ? 103 TRP A CZ3 1 
ATOM   628  C CH2 . TRP A 1 115 ? 11.431  0.627   12.666  1.00 21.73 ? 103 TRP A CH2 1 
ATOM   629  N N   . ARG A 1 116 ? 15.310  -0.225  5.415   1.00 18.34 ? 104 ARG A N   1 
ATOM   630  C CA  . ARG A 1 116 ? 15.202  -0.098  3.956   1.00 19.02 ? 104 ARG A CA  1 
ATOM   631  C C   . ARG A 1 116 ? 14.451  -1.330  3.422   1.00 18.15 ? 104 ARG A C   1 
ATOM   632  O O   . ARG A 1 116 ? 13.574  -1.182  2.545   1.00 18.30 ? 104 ARG A O   1 
ATOM   633  C CB  . ARG A 1 116 ? 16.582  0.108   3.327   1.00 20.13 ? 104 ARG A CB  1 
ATOM   634  C CG  . ARG A 1 116 ? 16.548  0.122   1.812   1.00 24.09 ? 104 ARG A CG  1 
ATOM   635  C CD  . ARG A 1 116 ? 17.888  0.265   1.111   1.00 25.62 ? 104 ARG A CD  1 
ATOM   636  N NE  . ARG A 1 116 ? 18.275  1.669   1.199   1.00 32.73 ? 104 ARG A NE  1 
ATOM   637  C CZ  . ARG A 1 116 ? 19.152  2.137   2.057   1.00 33.47 ? 104 ARG A CZ  1 
ATOM   638  N NH1 . ARG A 1 116 ? 19.830  1.313   2.844   1.00 36.08 ? 104 ARG A NH1 1 
ATOM   639  N NH2 . ARG A 1 116 ? 19.399  3.432   2.074   1.00 33.01 ? 104 ARG A NH2 1 
ATOM   640  N N   . THR A 1 117 ? 14.761  -2.509  3.947   1.00 18.76 ? 105 THR A N   1 
ATOM   641  C CA  . THR A 1 117 ? 14.123  -3.768  3.521   1.00 17.79 ? 105 THR A CA  1 
ATOM   642  C C   . THR A 1 117 ? 12.634  -3.685  3.811   1.00 17.71 ? 105 THR A C   1 
ATOM   643  O O   . THR A 1 117 ? 11.838  -4.099  2.962   1.00 18.37 ? 105 THR A O   1 
ATOM   644  C CB  . THR A 1 117 ? 14.822  -4.997  4.124   1.00 20.74 ? 105 THR A CB  1 
ATOM   645  O OG1 . THR A 1 117 ? 16.185  -4.948  3.740   1.00 22.01 ? 105 THR A OG1 1 
ATOM   646  C CG2 . THR A 1 117 ? 14.259  -6.296  3.574   1.00 24.65 ? 105 THR A CG2 1 
ATOM   647  N N   . GLY A 1 118 ? 12.255  -3.187  4.978   1.00 19.77 ? 106 GLY A N   1 
ATOM   648  C CA  . GLY A 1 118 ? 10.840  -3.107  5.346   1.00 18.67 ? 106 GLY A CA  1 
ATOM   649  C C   . GLY A 1 118 ? 10.105  -2.074  4.499   1.00 15.69 ? 106 GLY A C   1 
ATOM   650  O O   . GLY A 1 118 ? 9.037   -2.411  3.917   1.00 17.01 ? 106 GLY A O   1 
ATOM   651  N N   . ILE A 1 119 ? 10.656  -0.881  4.356   1.00 15.38 ? 107 ILE A N   1 
ATOM   652  C CA  . ILE A 1 119 ? 9.988   0.142   3.494   1.00 15.62 ? 107 ILE A CA  1 
ATOM   653  C C   . ILE A 1 119 ? 9.858   -0.415  2.071   1.00 15.23 ? 107 ILE A C   1 
ATOM   654  O O   . ILE A 1 119 ? 8.828   -0.160  1.408   1.00 16.16 ? 107 ILE A O   1 
ATOM   655  C CB  . ILE A 1 119 ? 10.731  1.486   3.556   1.00 16.17 ? 107 ILE A CB  1 
ATOM   656  C CG1 . ILE A 1 119 ? 10.652  2.065   4.973   1.00 16.10 ? 107 ILE A CG1 1 
ATOM   657  C CG2 . ILE A 1 119 ? 10.158  2.452   2.534   1.00 16.28 ? 107 ILE A CG2 1 
ATOM   658  C CD1 . ILE A 1 119 ? 11.631  3.165   5.237   1.00 17.75 ? 107 ILE A CD1 1 
ATOM   659  N N   . ASN A 1 120 ? 10.873  -1.136  1.601   1.00 15.49 ? 108 ASN A N   1 
ATOM   660  C CA  . ASN A 1 120 ? 10.898  -1.721  0.219   1.00 16.11 ? 108 ASN A CA  1 
ATOM   661  C C   . ASN A 1 120 ? 9.719   -2.671  -0.048  1.00 16.42 ? 108 ASN A C   1 
ATOM   662  O O   . ASN A 1 120 ? 9.264   -2.807  -1.206  1.00 17.97 ? 108 ASN A O   1 
ATOM   663  C CB  . ASN A 1 120 ? 12.238  -2.397  -0.031  1.00 16.54 ? 108 ASN A CB  1 
ATOM   664  C CG  . ASN A 1 120 ? 12.378  -2.779  -1.480  1.00 16.99 ? 108 ASN A CG  1 
ATOM   665  O OD1 . ASN A 1 120 ? 12.306  -1.928  -2.354  1.00 15.73 ? 108 ASN A OD1 1 
ATOM   666  N ND2 . ASN A 1 120 ? 12.526  -4.074  -1.730  1.00 16.93 ? 108 ASN A ND2 1 
ATOM   667  N N   . VAL A 1 121 ? 9.176   -3.327  0.967   1.00 16.98 ? 109 VAL A N   1 
ATOM   668  C CA  . VAL A 1 121 ? 7.948   -4.161  0.796   1.00 19.09 ? 109 VAL A CA  1 
ATOM   669  C C   . VAL A 1 121 ? 6.851   -3.313  0.170   1.00 16.80 ? 109 VAL A C   1 
ATOM   670  O O   . VAL A 1 121 ? 6.117   -3.764  -0.754  1.00 17.34 ? 109 VAL A O   1 
ATOM   671  C CB  . VAL A 1 121 ? 7.481   -4.699  2.158   1.00 20.54 ? 109 VAL A CB  1 
ATOM   672  C CG1 . VAL A 1 121 ? 6.071   -5.243  2.080   1.00 25.75 ? 109 VAL A CG1 1 
ATOM   673  C CG2 . VAL A 1 121 ? 8.469   -5.722  2.683   1.00 23.31 ? 109 VAL A CG2 1 
ATOM   674  N N   . PHE A 1 122 ? 6.684   -2.104  0.695   1.00 17.37 ? 110 PHE A N   1 
ATOM   675  C CA  . PHE A 1 122 ? 5.599   -1.200  0.276   1.00 16.05 ? 110 PHE A CA  1 
ATOM   676  C C   . PHE A 1 122 ? 5.935   -0.621  -1.095  1.00 15.68 ? 110 PHE A C   1 
ATOM   677  O O   . PHE A 1 122 ? 5.047   -0.523  -1.951  1.00 17.02 ? 110 PHE A O   1 
ATOM   678  C CB  . PHE A 1 122 ? 5.367   -0.147  1.359   1.00 18.27 ? 110 PHE A CB  1 
ATOM   679  C CG  . PHE A 1 122 ? 4.807   -0.804  2.583   1.00 17.35 ? 110 PHE A CG  1 
ATOM   680  C CD1 . PHE A 1 122 ? 3.452   -1.025  2.698   1.00 19.24 ? 110 PHE A CD1 1 
ATOM   681  C CD2 . PHE A 1 122 ? 5.648   -1.257  3.578   1.00 17.89 ? 110 PHE A CD2 1 
ATOM   682  C CE1 . PHE A 1 122 ? 2.944   -1.670  3.815   1.00 20.15 ? 110 PHE A CE1 1 
ATOM   683  C CE2 . PHE A 1 122 ? 5.149   -1.913  4.692   1.00 20.65 ? 110 PHE A CE2 1 
ATOM   684  C CZ  . PHE A 1 122 ? 3.798   -2.130  4.803   1.00 21.38 ? 110 PHE A CZ  1 
ATOM   685  N N   . PHE A 1 123 ? 7.171   -0.192  -1.264  1.00 15.76 ? 111 PHE A N   1 
ATOM   686  C CA  . PHE A 1 123 ? 7.655   0.364   -2.554  1.00 16.11 ? 111 PHE A CA  1 
ATOM   687  C C   . PHE A 1 123 ? 7.397   -0.646  -3.685  1.00 16.42 ? 111 PHE A C   1 
ATOM   688  O O   . PHE A 1 123 ? 6.817   -0.264  -4.697  1.00 16.25 ? 111 PHE A O   1 
ATOM   689  C CB  . PHE A 1 123 ? 9.107   0.767   -2.395  1.00 17.39 ? 111 PHE A CB  1 
ATOM   690  C CG  . PHE A 1 123 ? 9.759   1.269   -3.659  1.00 19.40 ? 111 PHE A CG  1 
ATOM   691  C CD1 . PHE A 1 123 ? 9.448   2.517   -4.179  1.00 17.73 ? 111 PHE A CD1 1 
ATOM   692  C CD2 . PHE A 1 123 ? 10.706  0.492   -4.301  1.00 22.76 ? 111 PHE A CD2 1 
ATOM   693  C CE1 . PHE A 1 123 ? 10.087  2.977   -5.335  1.00 19.44 ? 111 PHE A CE1 1 
ATOM   694  C CE2 . PHE A 1 123 ? 11.298  0.929   -5.484  1.00 23.76 ? 111 PHE A CE2 1 
ATOM   695  C CZ  . PHE A 1 123 ? 11.009  2.181   -5.978  1.00 20.14 ? 111 PHE A CZ  1 
ATOM   696  N N   . GLU A 1 124 ? 7.850   -1.884  -3.505  1.00 18.13 ? 112 GLU A N   1 
ATOM   697  C CA  . GLU A 1 124 ? 7.733   -2.922  -4.545  1.00 19.51 ? 112 GLU A CA  1 
ATOM   698  C C   . GLU A 1 124 ? 6.280   -3.374  -4.686  1.00 19.91 ? 112 GLU A C   1 
ATOM   699  O O   . GLU A 1 124 ? 5.866   -3.602  -5.825  1.00 20.18 ? 112 GLU A O   1 
ATOM   700  C CB  . GLU A 1 124 ? 8.614   -4.121  -4.211  1.00 22.27 ? 112 GLU A CB  1 
ATOM   701  C CG  . GLU A 1 124 ? 10.066  -3.884  -4.511  1.00 25.17 ? 112 GLU A CG  1 
ATOM   702  C CD  . GLU A 1 124 ? 10.313  -3.637  -5.997  1.00 29.66 ? 112 GLU A CD  1 
ATOM   703  O OE1 . GLU A 1 124 ? 9.465   -4.053  -6.815  1.00 31.17 ? 112 GLU A OE1 1 
ATOM   704  O OE2 . GLU A 1 124 ? 11.319  -2.979  -6.319  1.00 29.79 ? 112 GLU A OE2 1 
ATOM   705  N N   . THR A 1 125 ? 5.532   -3.543  -3.595  1.00 17.80 ? 113 THR A N   1 
ATOM   706  C CA  . THR A 1 125 ? 4.188   -4.140  -3.710  1.00 18.91 ? 113 THR A CA  1 
ATOM   707  C C   . THR A 1 125 ? 3.276   -3.142  -4.397  1.00 19.52 ? 113 THR A C   1 
ATOM   708  O O   . THR A 1 125 ? 2.613   -3.520  -5.410  1.00 21.78 ? 113 THR A O   1 
ATOM   709  C CB  . THR A 1 125 ? 3.575   -4.574  -2.382  1.00 19.20 ? 113 THR A CB  1 
ATOM   710  O OG1 . THR A 1 125 ? 4.506   -5.487  -1.816  1.00 20.05 ? 113 THR A OG1 1 
ATOM   711  C CG2 . THR A 1 125 ? 2.203   -5.195  -2.553  1.00 21.18 ? 113 THR A CG2 1 
ATOM   712  N N   . PHE A 1 126 ? 3.150   -1.941  -3.855  1.00 18.54 ? 114 PHE A N   1 
ATOM   713  C CA  . PHE A 1 126 ? 2.228   -0.926  -4.430  1.00 17.91 ? 114 PHE A CA  1 
ATOM   714  C C   . PHE A 1 126 ? 2.780   -0.479  -5.787  1.00 18.07 ? 114 PHE A C   1 
ATOM   715  O O   . PHE A 1 126 ? 1.986   -0.178  -6.672  1.00 18.36 ? 114 PHE A O   1 
ATOM   716  C CB  . PHE A 1 126 ? 1.994   0.205   -3.425  1.00 19.12 ? 114 PHE A CB  1 
ATOM   717  C CG  . PHE A 1 126 ? 1.129   -0.218  -2.263  1.00 21.20 ? 114 PHE A CG  1 
ATOM   718  C CD1 . PHE A 1 126 ? -0.253  -0.363  -2.427  1.00 23.64 ? 114 PHE A CD1 1 
ATOM   719  C CD2 . PHE A 1 126 ? 1.691   -0.496  -1.035  1.00 23.65 ? 114 PHE A CD2 1 
ATOM   720  C CE1 . PHE A 1 126 ? -1.048  -0.778  -1.360  1.00 24.82 ? 114 PHE A CE1 1 
ATOM   721  C CE2 . PHE A 1 126 ? 0.893   -0.887  0.032   1.00 24.82 ? 114 PHE A CE2 1 
ATOM   722  C CZ  . PHE A 1 126 ? -0.458  -1.047  -0.141  1.00 24.96 ? 114 PHE A CZ  1 
ATOM   723  N N   . GLY A 1 127 ? 4.103   -0.415  -5.922  1.00 19.02 ? 115 GLY A N   1 
ATOM   724  C CA  . GLY A 1 127 ? 4.794   0.038   -7.156  1.00 19.84 ? 115 GLY A CA  1 
ATOM   725  C C   . GLY A 1 127 ? 4.560   -0.922  -8.307  1.00 21.80 ? 115 GLY A C   1 
ATOM   726  O O   . GLY A 1 127 ? 4.644   -0.482  -9.468  1.00 22.99 ? 115 GLY A O   1 
ATOM   727  N N   . SER A 1 128 ? 4.289   -2.176  -7.987  1.00 23.00 ? 116 SER A N   1 
ATOM   728  C CA  . SER A 1 128 ? 3.938   -3.266  -8.926  1.00 25.99 ? 116 SER A CA  1 
ATOM   729  C C   . SER A 1 128 ? 2.459   -3.240  -9.317  1.00 26.99 ? 116 SER A C   1 
ATOM   730  O O   . SER A 1 128 ? 2.097   -3.949  -10.279 1.00 28.41 ? 116 SER A O   1 
ATOM   731  C CB  . SER A 1 128 ? 4.353   -4.564  -8.342  1.00 25.62 ? 116 SER A CB  1 
ATOM   732  O OG  . SER A 1 128 ? 5.776   -4.588  -8.360  1.00 30.30 ? 116 SER A OG  1 
ATOM   733  N N   . HIS A 1 129 ? 1.641   -2.439  -8.641  1.00 24.77 ? 117 HIS A N   1 
ATOM   734  C CA  . HIS A 1 129 ? 0.179   -2.347  -8.830  1.00 25.67 ? 117 HIS A CA  1 
ATOM   735  C C   . HIS A 1 129 ? -0.227  -0.868  -8.807  1.00 25.45 ? 117 HIS A C   1 
ATOM   736  O O   . HIS A 1 129 ? -1.157  -0.489  -8.088  1.00 22.65 ? 117 HIS A O   1 
ATOM   737  C CB  . HIS A 1 129 ? -0.541  -3.231  -7.805  1.00 25.52 ? 117 HIS A CB  1 
ATOM   738  C CG  . HIS A 1 129 ? -0.169  -4.669  -7.909  1.00 29.20 ? 117 HIS A CG  1 
ATOM   739  N ND1 . HIS A 1 129 ? -0.753  -5.519  -8.852  1.00 29.05 ? 117 HIS A ND1 1 
ATOM   740  C CD2 . HIS A 1 129 ? 0.687   -5.423  -7.192  1.00 26.68 ? 117 HIS A CD2 1 
ATOM   741  C CE1 . HIS A 1 129 ? -0.206  -6.718  -8.735  1.00 31.09 ? 117 HIS A CE1 1 
ATOM   742  N NE2 . HIS A 1 129 ? 0.686   -6.686  -7.736  1.00 28.58 ? 117 HIS A NE2 1 
ATOM   743  N N   . LYS A 1 130 ? 0.460   -0.035  -9.599  1.00 26.25 ? 118 LYS A N   1 
ATOM   744  C CA  . LYS A 1 130 ? 0.196   1.420   -9.602  1.00 26.43 ? 118 LYS A CA  1 
ATOM   745  C C   . LYS A 1 130 ? -1.253  1.732   -9.940  1.00 24.63 ? 118 LYS A C   1 
ATOM   746  O O   . LYS A 1 130 ? -1.785  2.673   -9.314  1.00 23.89 ? 118 LYS A O   1 
ATOM   747  C CB  . LYS A 1 130 ? 1.098   2.179   -10.566 1.00 25.28 ? 118 LYS A CB  1 
ATOM   748  C CG  . LYS A 1 130 ? 2.551   2.243   -10.135 1.00 30.42 ? 118 LYS A CG  1 
ATOM   749  C CD  . LYS A 1 130 ? 3.340   2.995   -11.168 1.00 30.05 ? 118 LYS A CD  1 
ATOM   750  C CE  . LYS A 1 130 ? 4.739   3.307   -10.732 1.00 35.94 ? 118 LYS A CE  1 
ATOM   751  N NZ  . LYS A 1 130 ? 5.541   2.076   -10.711 1.00 34.92 ? 118 LYS A NZ  1 
ATOM   752  N N   . ALA A 1 131 ? -1.856  1.070   -10.941 1.00 26.19 ? 119 ALA A N   1 
ATOM   753  C CA  . ALA A 1 131 ? -3.216  1.479   -11.366 1.00 26.32 ? 119 ALA A CA  1 
ATOM   754  C C   . ALA A 1 131 ? -4.177  1.158   -10.214 1.00 22.01 ? 119 ALA A C   1 
ATOM   755  O O   . ALA A 1 131 ? -5.048  1.993   -9.893  1.00 25.04 ? 119 ALA A O   1 
ATOM   756  C CB  . ALA A 1 131 ? -3.614  0.812   -12.665 1.00 29.25 ? 119 ALA A CB  1 
ATOM   757  N N   . VAL A 1 132 ? -4.014  0.011   -9.570  1.00 23.90 ? 120 VAL A N   1 
ATOM   758  C CA  . VAL A 1 132 ? -4.905  -0.354  -8.435  1.00 24.89 ? 120 VAL A CA  1 
ATOM   759  C C   . VAL A 1 132 ? -4.679  0.601   -7.262  1.00 26.23 ? 120 VAL A C   1 
ATOM   760  O O   . VAL A 1 132 ? -5.676  1.028   -6.652  1.00 27.88 ? 120 VAL A O   1 
ATOM   761  C CB  . VAL A 1 132 ? -4.726  -1.817  -8.016  1.00 26.53 ? 120 VAL A CB  1 
ATOM   762  C CG1 . VAL A 1 132 ? -5.359  -2.097  -6.656  1.00 26.39 ? 120 VAL A CG1 1 
ATOM   763  C CG2 . VAL A 1 132 ? -5.306  -2.730  -9.081  1.00 26.76 ? 120 VAL A CG2 1 
ATOM   764  N N   . THR A 1 133 ? -3.420  0.918   -6.958  1.00 27.76 ? 121 THR A N   1 
ATOM   765  C CA  . THR A 1 133 ? -3.041  1.904   -5.905  1.00 26.87 ? 121 THR A CA  1 
ATOM   766  C C   . THR A 1 133 ? -3.719  3.264   -6.176  1.00 24.68 ? 121 THR A C   1 
ATOM   767  O O   . THR A 1 133 ? -4.362  3.778   -5.273  1.00 27.88 ? 121 THR A O   1 
ATOM   768  C CB  . THR A 1 133 ? -1.519  2.065   -5.842  1.00 26.36 ? 121 THR A CB  1 
ATOM   769  O OG1 . THR A 1 133 ? -0.931  0.783   -5.591  1.00 24.06 ? 121 THR A OG1 1 
ATOM   770  C CG2 . THR A 1 133 ? -1.119  3.075   -4.785  1.00 29.05 ? 121 THR A CG2 1 
ATOM   771  N N   . ARG A 1 134 ? -3.601  3.806   -7.390  1.00 27.01 ? 122 ARG A N   1 
ATOM   772  C CA  . ARG A 1 134 ? -4.168  5.123   -7.780  1.00 32.51 ? 122 ARG A CA  1 
ATOM   773  C C   . ARG A 1 134 ? -5.706  5.060   -7.680  1.00 29.59 ? 122 ARG A C   1 
ATOM   774  O O   . ARG A 1 134 ? -6.289  5.897   -7.035  1.00 29.53 ? 122 ARG A O   1 
ATOM   775  C CB  . ARG A 1 134 ? -3.621  5.497   -9.163  1.00 39.18 ? 122 ARG A CB  1 
ATOM   776  C CG  . ARG A 1 134 ? -3.647  6.979   -9.509  1.00 48.90 ? 122 ARG A CG  1 
ATOM   777  C CD  . ARG A 1 134 ? -2.598  7.303   -10.577 1.00 55.05 ? 122 ARG A CD  1 
ATOM   778  N NE  . ARG A 1 134 ? -2.534  6.227   -11.569 1.00 63.94 ? 122 ARG A NE  1 
ATOM   779  C CZ  . ARG A 1 134 ? -1.431  5.617   -12.012 1.00 61.19 ? 122 ARG A CZ  1 
ATOM   780  N NH1 . ARG A 1 134 ? -0.234  5.985   -11.581 1.00 62.69 ? 122 ARG A NH1 1 
ATOM   781  N NH2 . ARG A 1 134 ? -1.537  4.639   -12.904 1.00 55.76 ? 122 ARG A NH2 1 
ATOM   782  N N   . ALA A 1 135 ? -6.362  4.039   -8.222  1.00 30.50 ? 123 ALA A N   1 
ATOM   783  C CA  . ALA A 1 135 ? -7.837  3.955   -8.173  1.00 28.99 ? 123 ALA A CA  1 
ATOM   784  C C   . ALA A 1 135 ? -8.285  3.706   -6.722  1.00 27.81 ? 123 ALA A C   1 
ATOM   785  O O   . ALA A 1 135 ? -9.278  4.331   -6.268  1.00 29.66 ? 123 ALA A O   1 
ATOM   786  C CB  . ALA A 1 135 ? -8.325  2.913   -9.153  1.00 28.40 ? 123 ALA A CB  1 
ATOM   787  N N   . GLY A 1 136 ? -7.572  2.869   -5.977  1.00 26.73 ? 124 GLY A N   1 
ATOM   788  C CA  . GLY A 1 136 ? -7.875  2.605   -4.553  1.00 29.60 ? 124 GLY A CA  1 
ATOM   789  C C   . GLY A 1 136 ? -7.810  3.858   -3.708  1.00 33.12 ? 124 GLY A C   1 
ATOM   790  O O   . GLY A 1 136 ? -8.717  4.080   -2.876  1.00 32.93 ? 124 GLY A O   1 
ATOM   791  N N   . GLN A 1 137 ? -6.805  4.700   -3.934  1.00 33.19 ? 125 GLN A N   1 
ATOM   792  C CA  . GLN A 1 137 ? -6.671  5.971   -3.194  1.00 40.47 ? 125 GLN A CA  1 
ATOM   793  C C   . GLN A 1 137 ? -7.866  6.850   -3.548  1.00 35.42 ? 125 GLN A C   1 
ATOM   794  O O   . GLN A 1 137 ? -8.444  7.435   -2.630  1.00 39.20 ? 125 GLN A O   1 
ATOM   795  C CB  . GLN A 1 137 ? -5.341  6.665   -3.510  1.00 44.32 ? 125 GLN A CB  1 
ATOM   796  C CG  . GLN A 1 137 ? -5.288  8.136   -3.110  1.00 50.33 ? 125 GLN A CG  1 
ATOM   797  C CD  . GLN A 1 137 ? -5.620  8.401   -1.658  1.00 56.18 ? 125 GLN A CD  1 
ATOM   798  O OE1 . GLN A 1 137 ? -6.123  9.471   -1.308  1.00 60.91 ? 125 GLN A OE1 1 
ATOM   799  N NE2 . GLN A 1 137 ? -5.334  7.435   -0.795  1.00 49.61 ? 125 GLN A NE2 1 
ATOM   800  N N   . ALA A 1 138 ? -8.216  6.949   -4.823  1.00 35.85 ? 126 ALA A N   1 
ATOM   801  C CA  . ALA A 1 138 ? -9.351  7.776   -5.278  1.00 36.05 ? 126 ALA A CA  1 
ATOM   802  C C   . ALA A 1 138 ? -10.653 7.302   -4.600  1.00 39.85 ? 126 ALA A C   1 
ATOM   803  O O   . ALA A 1 138 ? -11.371 8.166   -4.043  1.00 39.23 ? 126 ALA A O   1 
ATOM   804  C CB  . ALA A 1 138 ? -9.443  7.756   -6.794  1.00 36.06 ? 126 ALA A CB  1 
ATOM   805  N N   . ALA A 1 139 ? -10.951 5.990   -4.608  1.00 38.30 ? 127 ALA A N   1 
ATOM   806  C CA  . ALA A 1 139 ? -12.260 5.426   -4.167  1.00 37.04 ? 127 ALA A CA  1 
ATOM   807  C C   . ALA A 1 139 ? -12.484 5.782   -2.704  1.00 39.62 ? 127 ALA A C   1 
ATOM   808  O O   . ALA A 1 139 ? -13.596 5.794   -2.165  1.00 36.32 ? 127 ALA A O   1 
ATOM   809  C CB  . ALA A 1 139 ? -12.269 3.930   -4.308  1.00 33.63 ? 127 ALA A CB  1 
ATOM   810  N N   . ARG A 1 140 ? -11.381 5.993   -2.038  1.00 39.67 ? 128 ARG A N   1 
ATOM   811  C CA  . ARG A 1 140 ? -11.379 6.141   -0.585  1.00 40.46 ? 128 ARG A CA  1 
ATOM   812  C C   . ARG A 1 140 ? -12.289 7.279   -0.127  1.00 38.74 ? 128 ARG A C   1 
ATOM   813  O O   . ARG A 1 140 ? -12.915 7.152   0.946   1.00 38.73 ? 128 ARG A O   1 
ATOM   814  C CB  . ARG A 1 140 ? -9.936  6.432   -0.286  1.00 43.34 ? 128 ARG A CB  1 
ATOM   815  C CG  . ARG A 1 140 ? -9.659  6.369   1.182   1.00 40.44 ? 128 ARG A CG  1 
ATOM   816  C CD  . ARG A 1 140 ? -8.172  6.460   1.158   1.00 43.11 ? 128 ARG A CD  1 
ATOM   817  N NE  . ARG A 1 140 ? -7.748  6.530   2.522   1.00 43.64 ? 128 ARG A NE  1 
ATOM   818  C CZ  . ARG A 1 140 ? -6.489  6.631   2.874   1.00 44.05 ? 128 ARG A CZ  1 
ATOM   819  N NH1 . ARG A 1 140 ? -5.559  6.679   1.931   1.00 42.11 ? 128 ARG A NH1 1 
ATOM   820  N NH2 . ARG A 1 140 ? -6.179  6.688   4.154   1.00 38.85 ? 128 ARG A NH2 1 
ATOM   821  N N   . ALA A 1 141 ? -12.384 8.337   -0.919  1.00 38.98 ? 129 ALA A N   1 
ATOM   822  C CA  . ALA A 1 141 ? -13.266 9.488   -0.625  1.00 41.51 ? 129 ALA A CA  1 
ATOM   823  C C   . ALA A 1 141 ? -14.737 9.050   -0.721  1.00 45.75 ? 129 ALA A C   1 
ATOM   824  O O   . ALA A 1 141 ? -15.568 9.637   -0.041  1.00 46.47 ? 129 ALA A O   1 
ATOM   825  C CB  . ALA A 1 141 ? -12.938 10.632  -1.552  1.00 39.65 ? 129 ALA A CB  1 
ATOM   826  N N   . THR A 1 142 ? -15.047 8.030   -1.521  1.00 45.49 ? 130 THR A N   1 
ATOM   827  C CA  . THR A 1 142 ? -16.427 7.712   -1.951  1.00 44.10 ? 130 THR A CA  1 
ATOM   828  C C   . THR A 1 142 ? -16.866 6.374   -1.357  1.00 43.76 ? 130 THR A C   1 
ATOM   829  O O   . THR A 1 142 ? -18.076 6.116   -1.327  1.00 48.15 ? 130 THR A O   1 
ATOM   830  C CB  . THR A 1 142 ? -16.520 7.760   -3.484  1.00 45.22 ? 130 THR A CB  1 
ATOM   831  O OG1 . THR A 1 142 ? -15.693 6.747   -4.067  1.00 42.40 ? 130 THR A OG1 1 
ATOM   832  C CG2 . THR A 1 142 ? -16.104 9.106   -4.039  1.00 42.50 ? 130 THR A CG2 1 
ATOM   833  N N   . SER A 1 143 ? -15.945 5.532   -0.905  1.00 37.93 ? 131 SER A N   1 
ATOM   834  C CA  . SER A 1 143 ? -16.299 4.150   -0.525  1.00 36.54 ? 131 SER A CA  1 
ATOM   835  C C   . SER A 1 143 ? -15.903 3.919   0.922   1.00 40.23 ? 131 SER A C   1 
ATOM   836  O O   . SER A 1 143 ? -14.705 3.983   1.237   1.00 33.51 ? 131 SER A O   1 
ATOM   837  C CB  . SER A 1 143 ? -15.685 3.139   -1.407  1.00 36.28 ? 131 SER A CB  1 
ATOM   838  O OG  . SER A 1 143 ? -15.746 1.875   -0.776  1.00 35.41 ? 131 SER A OG  1 
ATOM   839  N N   . VAL A 1 144 ? -16.897 3.669   1.770   1.00 36.60 ? 132 VAL A N   1 
ATOM   840  C CA  . VAL A 1 144 ? -16.649 3.440   3.207   1.00 37.46 ? 132 VAL A CA  1 
ATOM   841  C C   . VAL A 1 144 ? -15.868 2.129   3.335   1.00 35.92 ? 132 VAL A C   1 
ATOM   842  O O   . VAL A 1 144 ? -14.996 2.097   4.211   1.00 32.56 ? 132 VAL A O   1 
ATOM   843  C CB  . VAL A 1 144 ? -17.935 3.453   4.061   1.00 39.59 ? 132 VAL A CB  1 
ATOM   844  C CG1 . VAL A 1 144 ? -17.612 3.319   5.544   1.00 41.97 ? 132 VAL A CG1 1 
ATOM   845  C CG2 . VAL A 1 144 ? -18.749 4.710   3.824   1.00 40.72 ? 132 VAL A CG2 1 
ATOM   846  N N   . GLU A 1 145 ? -16.132 1.096   2.513   1.00 32.94 ? 133 GLU A N   1 
ATOM   847  C CA  . GLU A 1 145 ? -15.355 -0.164  2.625   1.00 32.57 ? 133 GLU A CA  1 
ATOM   848  C C   . GLU A 1 145 ? -13.897 0.121   2.226   1.00 25.77 ? 133 GLU A C   1 
ATOM   849  O O   . GLU A 1 145 ? -13.012 -0.460  2.838   1.00 27.23 ? 133 GLU A O   1 
ATOM   850  C CB  . GLU A 1 145 ? -15.834 -1.323  1.751   1.00 38.16 ? 133 GLU A CB  1 
ATOM   851  C CG  . GLU A 1 145 ? -17.225 -1.789  2.057   1.00 44.56 ? 133 GLU A CG  1 
ATOM   852  C CD  . GLU A 1 145 ? -18.182 -1.237  1.027   1.00 52.74 ? 133 GLU A CD  1 
ATOM   853  O OE1 . GLU A 1 145 ? -18.278 0.028   0.890   1.00 57.57 ? 133 GLU A OE1 1 
ATOM   854  O OE2 . GLU A 1 145 ? -18.739 -2.073  0.301   1.00 63.89 ? 133 GLU A OE2 1 
ATOM   855  N N   . VAL A 1 146 ? -13.656 0.918   1.195   1.00 29.43 ? 134 VAL A N   1 
ATOM   856  C CA  . VAL A 1 146 ? -12.247 1.162   0.762   1.00 27.80 ? 134 VAL A CA  1 
ATOM   857  C C   . VAL A 1 146 ? -11.554 1.962   1.867   1.00 27.34 ? 134 VAL A C   1 
ATOM   858  O O   . VAL A 1 146 ? -10.469 1.544   2.269   1.00 25.87 ? 134 VAL A O   1 
ATOM   859  C CB  . VAL A 1 146 ? -12.146 1.845   -0.607  1.00 30.32 ? 134 VAL A CB  1 
ATOM   860  C CG1 . VAL A 1 146 ? -10.744 2.420   -0.844  1.00 25.76 ? 134 VAL A CG1 1 
ATOM   861  C CG2 . VAL A 1 146 ? -12.557 0.893   -1.725  1.00 28.65 ? 134 VAL A CG2 1 
ATOM   862  N N   . ALA A 1 147 ? -12.189 3.020   2.401   1.00 28.37 ? 135 ALA A N   1 
ATOM   863  C CA  . ALA A 1 147 ? -11.629 3.841   3.510   1.00 27.33 ? 135 ALA A CA  1 
ATOM   864  C C   . ALA A 1 147 ? -11.351 2.947   4.731   1.00 25.93 ? 135 ALA A C   1 
ATOM   865  O O   . ALA A 1 147 ? -10.249 2.998   5.338   1.00 27.87 ? 135 ALA A O   1 
ATOM   866  C CB  . ALA A 1 147 ? -12.546 5.021   3.835   1.00 28.54 ? 135 ALA A CB  1 
ATOM   867  N N   . GLU A 1 148 ? -12.255 2.046   5.086   1.00 27.60 ? 136 GLU A N   1 
ATOM   868  C CA  . GLU A 1 148 ? -12.023 1.198   6.280   1.00 28.36 ? 136 GLU A CA  1 
ATOM   869  C C   . GLU A 1 148 ? -10.902 0.191   5.998   1.00 26.70 ? 136 GLU A C   1 
ATOM   870  O O   . GLU A 1 148 ? -10.126 -0.086  6.920   1.00 26.42 ? 136 GLU A O   1 
ATOM   871  C CB  . GLU A 1 148 ? -13.337 0.554   6.708   1.00 33.87 ? 136 GLU A CB  1 
ATOM   872  C CG  . GLU A 1 148 ? -14.337 1.628   7.130   1.00 37.19 ? 136 GLU A CG  1 
ATOM   873  C CD  . GLU A 1 148 ? -15.637 1.054   7.658   1.00 43.97 ? 136 GLU A CD  1 
ATOM   874  O OE1 . GLU A 1 148 ? -15.896 -0.134  7.369   1.00 41.72 ? 136 GLU A OE1 1 
ATOM   875  O OE2 . GLU A 1 148 ? -16.364 1.787   8.384   1.00 49.53 ? 136 GLU A OE2 1 
ATOM   876  N N   . LEU A 1 149 ? -10.787 -0.310  4.764   1.00 23.27 ? 137 LEU A N   1 
ATOM   877  C CA  . LEU A 1 149 ? -9.719  -1.293  4.448   1.00 23.60 ? 137 LEU A CA  1 
ATOM   878  C C   . LEU A 1 149 ? -8.356  -0.608  4.636   1.00 22.53 ? 137 LEU A C   1 
ATOM   879  O O   . LEU A 1 149 ? -7.462  -1.177  5.308   1.00 20.22 ? 137 LEU A O   1 
ATOM   880  C CB  . LEU A 1 149 ? -9.901  -1.823  3.026   1.00 25.61 ? 137 LEU A CB  1 
ATOM   881  C CG  . LEU A 1 149 ? -8.775  -2.720  2.521   1.00 28.13 ? 137 LEU A CG  1 
ATOM   882  C CD1 . LEU A 1 149 ? -8.676  -4.017  3.311   1.00 31.20 ? 137 LEU A CD1 1 
ATOM   883  C CD2 . LEU A 1 149 ? -8.956  -3.037  1.040   1.00 31.73 ? 137 LEU A CD2 1 
ATOM   884  N N   . TRP A 1 150 ? -8.176  0.544   4.027   1.00 22.38 ? 138 TRP A N   1 
ATOM   885  C CA  A TRP A 1 150 ? -6.887  1.254   4.120   0.50 23.82 ? 138 TRP A CA  1 
ATOM   886  C CA  B TRP A 1 150 ? -6.899  1.316   4.119   0.50 23.27 ? 138 TRP A CA  1 
ATOM   887  C C   . TRP A 1 150 ? -6.611  1.576   5.600   1.00 22.61 ? 138 TRP A C   1 
ATOM   888  O O   . TRP A 1 150 ? -5.508  1.297   6.076   1.00 22.04 ? 138 TRP A O   1 
ATOM   889  C CB  A TRP A 1 150 ? -6.882  2.470   3.192   0.50 24.80 ? 138 TRP A CB  1 
ATOM   890  C CB  B TRP A 1 150 ? -6.943  2.672   3.398   0.50 24.09 ? 138 TRP A CB  1 
ATOM   891  C CG  A TRP A 1 150 ? -5.491  2.975   3.081   0.50 26.71 ? 138 TRP A CG  1 
ATOM   892  C CG  B TRP A 1 150 ? -6.791  2.730   1.913   0.50 23.20 ? 138 TRP A CG  1 
ATOM   893  C CD1 A TRP A 1 150 ? -4.940  4.043   3.722   0.50 27.61 ? 138 TRP A CD1 1 
ATOM   894  C CD1 B TRP A 1 150 ? -7.727  3.208   1.052   0.50 24.38 ? 138 TRP A CD1 1 
ATOM   895  C CD2 A TRP A 1 150 ? -4.423  2.329   2.381   0.50 26.56 ? 138 TRP A CD2 1 
ATOM   896  C CD2 B TRP A 1 150 ? -5.628  2.447   1.109   0.50 24.40 ? 138 TRP A CD2 1 
ATOM   897  N NE1 A TRP A 1 150 ? -3.613  4.142   3.415   0.50 26.73 ? 138 TRP A NE1 1 
ATOM   898  N NE1 B TRP A 1 150 ? -7.248  3.216   -0.227  0.50 23.69 ? 138 TRP A NE1 1 
ATOM   899  C CE2 A TRP A 1 150 ? -3.262  3.100   2.606   0.50 27.12 ? 138 TRP A CE2 1 
ATOM   900  C CE2 B TRP A 1 150 ? -5.974  2.726   -0.231  0.50 24.14 ? 138 TRP A CE2 1 
ATOM   901  C CE3 A TRP A 1 150 ? -4.335  1.188   1.581   0.50 26.36 ? 138 TRP A CE3 1 
ATOM   902  C CE3 B TRP A 1 150 ? -4.353  1.946   1.371   0.50 23.36 ? 138 TRP A CE3 1 
ATOM   903  C CZ2 A TRP A 1 150 ? -2.034  2.768   2.042   0.50 26.63 ? 138 TRP A CZ2 1 
ATOM   904  C CZ2 B TRP A 1 150 ? -5.081  2.574   -1.292  0.50 24.30 ? 138 TRP A CZ2 1 
ATOM   905  C CZ3 A TRP A 1 150 ? -3.122  0.864   1.022   0.50 25.82 ? 138 TRP A CZ3 1 
ATOM   906  C CZ3 B TRP A 1 150 ? -3.480  1.763   0.321   0.50 22.98 ? 138 TRP A CZ3 1 
ATOM   907  C CH2 A TRP A 1 150 ? -1.990  1.640   1.261   0.50 25.64 ? 138 TRP A CH2 1 
ATOM   908  C CH2 B TRP A 1 150 ? -3.845  2.059   -0.989  0.50 23.48 ? 138 TRP A CH2 1 
ATOM   909  N N   . SER A 1 151 ? -7.603  2.091   6.317   1.00 22.83 ? 139 SER A N   1 
ATOM   910  C CA  . SER A 1 151 ? -7.498  2.455   7.756   1.00 21.49 ? 139 SER A CA  1 
ATOM   911  C C   . SER A 1 151 ? -7.070  1.256   8.602   1.00 20.55 ? 139 SER A C   1 
ATOM   912  O O   . SER A 1 151 ? -6.167  1.387   9.451   1.00 20.50 ? 139 SER A O   1 
ATOM   913  C CB  . SER A 1 151 ? -8.796  3.069   8.258   1.00 23.24 ? 139 SER A CB  1 
ATOM   914  O OG  . SER A 1 151 ? -8.676  3.260   9.648   1.00 28.36 ? 139 SER A OG  1 
ATOM   915  N N   . THR A 1 152 ? -7.687  0.091   8.426   1.00 21.17 ? 140 THR A N   1 
ATOM   916  C CA  . THR A 1 152 ? -7.335  -1.114  9.203   1.00 20.93 ? 140 THR A CA  1 
ATOM   917  C C   . THR A 1 152 ? -5.859  -1.451  9.018   1.00 19.41 ? 140 THR A C   1 
ATOM   918  O O   . THR A 1 152 ? -5.160  -1.761  9.989   1.00 20.05 ? 140 THR A O   1 
ATOM   919  C CB  . THR A 1 152 ? -8.181  -2.328  8.780   1.00 24.70 ? 140 THR A CB  1 
ATOM   920  O OG1 . THR A 1 152 ? -9.538  -1.942  9.024   1.00 28.96 ? 140 THR A OG1 1 
ATOM   921  C CG2 . THR A 1 152 ? -7.811  -3.568  9.555   1.00 30.22 ? 140 THR A CG2 1 
ATOM   922  N N   . PHE A 1 153 ? -5.401  -1.462  7.783   1.00 18.80 ? 141 PHE A N   1 
ATOM   923  C CA  . PHE A 1 153 ? -4.020  -1.887  7.513   1.00 18.20 ? 141 PHE A CA  1 
ATOM   924  C C   . PHE A 1 153 ? -3.029  -0.818  7.945   1.00 16.63 ? 141 PHE A C   1 
ATOM   925  O O   . PHE A 1 153 ? -1.967  -1.224  8.467   1.00 16.86 ? 141 PHE A O   1 
ATOM   926  C CB  . PHE A 1 153 ? -3.887  -2.332  6.062   1.00 20.02 ? 141 PHE A CB  1 
ATOM   927  C CG  . PHE A 1 153 ? -4.305  -3.779  5.907   1.00 20.29 ? 141 PHE A CG  1 
ATOM   928  C CD1 . PHE A 1 153 ? -3.426  -4.807  6.235   1.00 21.70 ? 141 PHE A CD1 1 
ATOM   929  C CD2 . PHE A 1 153 ? -5.611  -4.083  5.540   1.00 22.96 ? 141 PHE A CD2 1 
ATOM   930  C CE1 . PHE A 1 153 ? -3.826  -6.129  6.093   1.00 23.15 ? 141 PHE A CE1 1 
ATOM   931  C CE2 . PHE A 1 153 ? -6.017  -5.410  5.447   1.00 24.96 ? 141 PHE A CE2 1 
ATOM   932  C CZ  . PHE A 1 153 ? -5.129  -6.411  5.720   1.00 23.54 ? 141 PHE A CZ  1 
ATOM   933  N N   . MET A 1 154 ? -3.346  0.463   7.757   1.00 19.32 ? 142 MET A N   1 
ATOM   934  C CA  . MET A 1 154 ? -2.436  1.534   8.222   1.00 18.07 ? 142 MET A CA  1 
ATOM   935  C C   . MET A 1 154 ? -2.279  1.407   9.749   1.00 19.18 ? 142 MET A C   1 
ATOM   936  O O   . MET A 1 154 ? -1.168  1.492   10.261  1.00 16.71 ? 142 MET A O   1 
ATOM   937  C CB  . MET A 1 154 ? -2.987  2.896   7.802   1.00 18.96 ? 142 MET A CB  1 
ATOM   938  C CG  . MET A 1 154 ? -2.854  3.165   6.322   1.00 19.54 ? 142 MET A CG  1 
ATOM   939  S SD  . MET A 1 154 ? -1.082  3.348   5.819   1.00 23.54 ? 142 MET A SD  1 
ATOM   940  C CE  . MET A 1 154 ? -0.579  4.884   6.587   1.00 21.64 ? 142 MET A CE  1 
ATOM   941  N N   . GLN A 1 155 ? -3.355  1.138   10.481  1.00 18.40 ? 143 GLN A N   1 
ATOM   942  C CA  . GLN A 1 155 ? -3.281  0.964   11.947  1.00 20.38 ? 143 GLN A CA  1 
ATOM   943  C C   . GLN A 1 155 ? -2.373  -0.229  12.244  1.00 18.77 ? 143 GLN A C   1 
ATOM   944  O O   . GLN A 1 155 ? -1.533  -0.087  13.113  1.00 16.01 ? 143 GLN A O   1 
ATOM   945  C CB  . GLN A 1 155 ? -4.682  0.764   12.510  1.00 22.16 ? 143 GLN A CB  1 
ATOM   946  C CG  . GLN A 1 155 ? -5.545  2.006   12.414  1.00 25.64 ? 143 GLN A CG  1 
ATOM   947  C CD  . GLN A 1 155 ? -6.932  1.753   12.989  1.00 37.44 ? 143 GLN A CD  1 
ATOM   948  O OE1 . GLN A 1 155 ? -7.060  1.344   14.130  1.00 37.21 ? 143 GLN A OE1 1 
ATOM   949  N NE2 . GLN A 1 155 ? -7.981  1.976   12.207  1.00 39.68 ? 143 GLN A NE2 1 
ATOM   950  N N   . LYS A 1 156 ? -2.483  -1.350  11.514  1.00 17.36 ? 144 LYS A N   1 
ATOM   951  C CA  . LYS A 1 156 ? -1.620  -2.522  11.796  1.00 19.27 ? 144 LYS A CA  1 
ATOM   952  C C   . LYS A 1 156 ? -0.150  -2.174  11.566  1.00 16.45 ? 144 LYS A C   1 
ATOM   953  O O   . LYS A 1 156 ? 0.711   -2.561  12.345  1.00 15.83 ? 144 LYS A O   1 
ATOM   954  C CB  . LYS A 1 156 ? -2.021  -3.700  10.899  1.00 21.88 ? 144 LYS A CB  1 
ATOM   955  C CG  . LYS A 1 156 ? -1.287  -4.995  11.190  1.00 27.39 ? 144 LYS A CG  1 
ATOM   956  C CD  . LYS A 1 156 ? -1.908  -6.172  10.451  1.00 29.53 ? 144 LYS A CD  1 
ATOM   957  C CE  . LYS A 1 156 ? -1.137  -7.448  10.681  1.00 34.13 ? 144 LYS A CE  1 
ATOM   958  N NZ  . LYS A 1 156 ? -1.723  -8.529  9.858   1.00 37.05 ? 144 LYS A NZ  1 
ATOM   959  N N   . TRP A 1 157 ? 0.151   -1.499  10.448  1.00 16.89 ? 145 TRP A N   1 
ATOM   960  C CA  . TRP A 1 157 ? 1.538   -1.210  10.016  1.00 16.13 ? 145 TRP A CA  1 
ATOM   961  C C   . TRP A 1 157 ? 2.163   -0.171  10.957  1.00 15.88 ? 145 TRP A C   1 
ATOM   962  O O   . TRP A 1 157 ? 3.302   -0.320  11.334  1.00 15.30 ? 145 TRP A O   1 
ATOM   963  C CB  . TRP A 1 157 ? 1.514   -0.746  8.554   1.00 16.24 ? 145 TRP A CB  1 
ATOM   964  C CG  . TRP A 1 157 ? 1.006   -1.820  7.637   1.00 17.06 ? 145 TRP A CG  1 
ATOM   965  C CD1 . TRP A 1 157 ? 1.125   -3.174  7.834   1.00 17.23 ? 145 TRP A CD1 1 
ATOM   966  C CD2 . TRP A 1 157 ? 0.440   -1.648  6.332   1.00 18.47 ? 145 TRP A CD2 1 
ATOM   967  N NE1 . TRP A 1 157 ? 0.606   -3.846  6.771   1.00 19.36 ? 145 TRP A NE1 1 
ATOM   968  C CE2 . TRP A 1 157 ? 0.153   -2.951  5.843   1.00 18.35 ? 145 TRP A CE2 1 
ATOM   969  C CE3 . TRP A 1 157 ? 0.007   -0.541  5.586   1.00 18.86 ? 145 TRP A CE3 1 
ATOM   970  C CZ2 . TRP A 1 157 ? -0.439  -3.160  4.601   1.00 18.99 ? 145 TRP A CZ2 1 
ATOM   971  C CZ3 . TRP A 1 157 ? -0.608  -0.750  4.367   1.00 18.98 ? 145 TRP A CZ3 1 
ATOM   972  C CH2 . TRP A 1 157 ? -0.838  -2.041  3.895   1.00 18.07 ? 145 TRP A CH2 1 
ATOM   973  N N   . ILE A 1 158 ? 1.364   0.783   11.411  1.00 16.80 ? 146 ILE A N   1 
ATOM   974  C CA  . ILE A 1 158 ? 1.836   1.761   12.428  1.00 16.27 ? 146 ILE A CA  1 
ATOM   975  C C   . ILE A 1 158 ? 2.100   1.020   13.748  1.00 15.78 ? 146 ILE A C   1 
ATOM   976  O O   . ILE A 1 158 ? 3.141   1.273   14.349  1.00 16.30 ? 146 ILE A O   1 
ATOM   977  C CB  . ILE A 1 158 ? 0.816   2.886   12.591  1.00 15.62 ? 146 ILE A CB  1 
ATOM   978  C CG1 . ILE A 1 158 ? 0.922   3.838   11.398  1.00 14.65 ? 146 ILE A CG1 1 
ATOM   979  C CG2 . ILE A 1 158 ? 1.015   3.642   13.903  1.00 17.00 ? 146 ILE A CG2 1 
ATOM   980  C CD1 . ILE A 1 158 ? -0.315  4.679   11.256  1.00 14.00 ? 146 ILE A CD1 1 
ATOM   981  N N   . ALA A 1 159 ? 1.192   0.154   14.166  1.00 16.10 ? 147 ALA A N   1 
ATOM   982  C CA  . ALA A 1 159 ? 1.368   -0.558  15.463  1.00 18.06 ? 147 ALA A CA  1 
ATOM   983  C C   . ALA A 1 159 ? 2.657   -1.369  15.372  1.00 18.12 ? 147 ALA A C   1 
ATOM   984  O O   . ALA A 1 159 ? 3.462   -1.383  16.333  1.00 16.64 ? 147 ALA A O   1 
ATOM   985  C CB  . ALA A 1 159 ? 0.169   -1.416  15.807  1.00 19.22 ? 147 ALA A CB  1 
ATOM   986  N N   . TYR A 1 160 ? 2.904   -2.019  14.234  1.00 16.89 ? 148 TYR A N   1 
ATOM   987  C CA  . TYR A 1 160 ? 4.149   -2.836  14.096  1.00 19.10 ? 148 TYR A CA  1 
ATOM   988  C C   . TYR A 1 160 ? 5.394   -1.931  14.094  1.00 17.00 ? 148 TYR A C   1 
ATOM   989  O O   . TYR A 1 160 ? 6.409   -2.219  14.753  1.00 15.08 ? 148 TYR A O   1 
ATOM   990  C CB  . TYR A 1 160 ? 4.058   -3.727  12.854  1.00 17.84 ? 148 TYR A CB  1 
ATOM   991  C CG  . TYR A 1 160 ? 5.343   -4.422  12.542  1.00 20.64 ? 148 TYR A CG  1 
ATOM   992  C CD1 . TYR A 1 160 ? 5.874   -5.372  13.394  1.00 22.15 ? 148 TYR A CD1 1 
ATOM   993  C CD2 . TYR A 1 160 ? 6.058   -4.087  11.407  1.00 23.26 ? 148 TYR A CD2 1 
ATOM   994  C CE1 . TYR A 1 160 ? 7.079   -5.992  13.127  1.00 21.41 ? 148 TYR A CE1 1 
ATOM   995  C CE2 . TYR A 1 160 ? 7.271   -4.687  11.124  1.00 25.06 ? 148 TYR A CE2 1 
ATOM   996  C CZ  . TYR A 1 160 ? 7.780   -5.653  11.981  1.00 26.41 ? 148 TYR A CZ  1 
ATOM   997  O OH  . TYR A 1 160 ? 9.020   -6.172  11.722  1.00 28.03 ? 148 TYR A OH  1 
ATOM   998  N N   . THR A 1 161 ? 5.341   -0.797  13.379  1.00 16.21 ? 149 THR A N   1 
ATOM   999  C CA  . THR A 1 161 ? 6.442   0.207   13.339  1.00 15.88 ? 149 THR A CA  1 
ATOM   1000 C C   . THR A 1 161 ? 6.783   0.649   14.780  1.00 16.48 ? 149 THR A C   1 
ATOM   1001 O O   . THR A 1 161 ? 7.932   0.672   15.145  1.00 14.09 ? 149 THR A O   1 
ATOM   1002 C CB  . THR A 1 161 ? 6.083   1.418   12.450  1.00 14.96 ? 149 THR A CB  1 
ATOM   1003 O OG1 . THR A 1 161 ? 5.779   1.039   11.086  1.00 16.44 ? 149 THR A OG1 1 
ATOM   1004 C CG2 . THR A 1 161 ? 7.180   2.456   12.433  1.00 15.03 ? 149 THR A CG2 1 
ATOM   1005 N N   . ALA A 1 162 ? 5.775   1.043   15.555  1.00 18.86 ? 150 ALA A N   1 
ATOM   1006 C CA  . ALA A 1 162 ? 5.957   1.529   16.940  1.00 18.67 ? 150 ALA A CA  1 
ATOM   1007 C C   . ALA A 1 162 ? 6.619   0.415   17.799  1.00 16.76 ? 150 ALA A C   1 
ATOM   1008 O O   . ALA A 1 162 ? 7.482   0.713   18.607  1.00 18.62 ? 150 ALA A O   1 
ATOM   1009 C CB  . ALA A 1 162 ? 4.597   1.954   17.454  1.00 17.68 ? 150 ALA A CB  1 
ATOM   1010 N N   . ALA A 1 163 ? 6.176   -0.824  17.655  1.00 19.83 ? 151 ALA A N   1 
ATOM   1011 C CA  . ALA A 1 163 ? 6.715   -2.001  18.401  1.00 21.57 ? 151 ALA A CA  1 
ATOM   1012 C C   . ALA A 1 163 ? 8.208   -2.185  18.099  1.00 23.82 ? 151 ALA A C   1 
ATOM   1013 O O   . ALA A 1 163 ? 9.014   -2.379  19.048  1.00 21.29 ? 151 ALA A O   1 
ATOM   1014 C CB  . ALA A 1 163 ? 5.911   -3.233  18.069  1.00 23.41 ? 151 ALA A CB  1 
ATOM   1015 N N   . VAL A 1 164 ? 8.617   -2.051  16.828  1.00 22.22 ? 152 VAL A N   1 
ATOM   1016 C CA  . VAL A 1 164 ? 10.058  -2.167  16.491  1.00 20.00 ? 152 VAL A CA  1 
ATOM   1017 C C   . VAL A 1 164 ? 10.808  -0.966  17.071  1.00 20.30 ? 152 VAL A C   1 
ATOM   1018 O O   . VAL A 1 164 ? 11.848  -1.171  17.626  1.00 20.56 ? 152 VAL A O   1 
ATOM   1019 C CB  . VAL A 1 164 ? 10.279  -2.342  14.974  1.00 20.61 ? 152 VAL A CB  1 
ATOM   1020 C CG1 . VAL A 1 164 ? 11.756  -2.347  14.647  1.00 21.27 ? 152 VAL A CG1 1 
ATOM   1021 C CG2 . VAL A 1 164 ? 9.587   -3.588  14.441  1.00 22.27 ? 152 VAL A CG2 1 
ATOM   1022 N N   . ILE A 1 165 ? 10.313  0.274   16.958  1.00 18.75 ? 153 ILE A N   1 
ATOM   1023 C CA  . ILE A 1 165 ? 10.999  1.443   17.573  1.00 18.77 ? 153 ILE A CA  1 
ATOM   1024 C C   . ILE A 1 165 ? 11.184  1.171   19.087  1.00 19.71 ? 153 ILE A C   1 
ATOM   1025 O O   . ILE A 1 165 ? 12.260  1.473   19.615  1.00 22.95 ? 153 ILE A O   1 
ATOM   1026 C CB  . ILE A 1 165 ? 10.166  2.710   17.272  1.00 19.45 ? 153 ILE A CB  1 
ATOM   1027 C CG1 . ILE A 1 165 ? 10.255  3.093   15.782  1.00 18.67 ? 153 ILE A CG1 1 
ATOM   1028 C CG2 . ILE A 1 165 ? 10.558  3.887   18.119  1.00 18.85 ? 153 ILE A CG2 1 
ATOM   1029 C CD1 . ILE A 1 165 ? 9.247   4.174   15.394  1.00 17.32 ? 153 ILE A CD1 1 
ATOM   1030 N N   . ASP A 1 166 ? 10.119  0.746   19.761  1.00 20.21 ? 154 ASP A N   1 
ATOM   1031 C CA  . ASP A 1 166 ? 10.133  0.410   21.211  1.00 22.76 ? 154 ASP A CA  1 
ATOM   1032 C C   . ASP A 1 166 ? 11.194  -0.657  21.509  1.00 24.83 ? 154 ASP A C   1 
ATOM   1033 O O   . ASP A 1 166 ? 11.942  -0.463  22.503  1.00 25.93 ? 154 ASP A O   1 
ATOM   1034 C CB  . ASP A 1 166 ? 8.766   -0.053  21.674  1.00 25.69 ? 154 ASP A CB  1 
ATOM   1035 C CG  . ASP A 1 166 ? 7.826   1.092   21.998  1.00 27.34 ? 154 ASP A CG  1 
ATOM   1036 O OD1 . ASP A 1 166 ? 8.295   2.180   22.316  1.00 29.93 ? 154 ASP A OD1 1 
ATOM   1037 O OD2 . ASP A 1 166 ? 6.635   0.855   21.921  1.00 32.68 ? 154 ASP A OD2 1 
ATOM   1038 N N   . ALA A 1 167 ? 11.277  -1.713  20.700  1.00 26.56 ? 155 ALA A N   1 
ATOM   1039 C CA  . ALA A 1 167 ? 12.307  -2.768  20.864  1.00 28.87 ? 155 ALA A CA  1 
ATOM   1040 C C   . ALA A 1 167 ? 13.678  -2.121  20.720  1.00 29.90 ? 155 ALA A C   1 
ATOM   1041 O O   . ALA A 1 167 ? 14.521  -2.365  21.566  1.00 30.02 ? 155 ALA A O   1 
ATOM   1042 C CB  . ALA A 1 167 ? 12.122  -3.897  19.880  1.00 30.96 ? 155 ALA A CB  1 
ATOM   1043 N N   . GLU A 1 168 ? 13.850  -1.239  19.733  1.00 24.95 ? 156 GLU A N   1 
ATOM   1044 C CA  . GLU A 1 168 ? 15.123  -0.543  19.481  1.00 24.02 ? 156 GLU A CA  1 
ATOM   1045 C C   . GLU A 1 168 ? 15.490  0.331   20.693  1.00 25.68 ? 156 GLU A C   1 
ATOM   1046 O O   . GLU A 1 168 ? 16.671  0.430   21.032  1.00 32.37 ? 156 GLU A O   1 
ATOM   1047 C CB  . GLU A 1 168 ? 15.019  0.279   18.190  1.00 24.41 ? 156 GLU A CB  1 
ATOM   1048 C CG  . GLU A 1 168 ? 15.056  -0.546  16.920  1.00 25.18 ? 156 GLU A CG  1 
ATOM   1049 C CD  . GLU A 1 168 ? 16.364  -1.298  16.699  1.00 26.59 ? 156 GLU A CD  1 
ATOM   1050 O OE1 . GLU A 1 168 ? 17.264  -0.782  16.059  1.00 25.18 ? 156 GLU A OE1 1 
ATOM   1051 O OE2 . GLU A 1 168 ? 16.483  -2.352  17.253  1.00 28.12 ? 156 GLU A OE2 1 
ATOM   1052 N N   . ARG A 1 169 ? 14.509  0.970   21.320  1.00 25.29 ? 157 ARG A N   1 
ATOM   1053 C CA  . ARG A 1 169 ? 14.739  1.804   22.519  1.00 26.01 ? 157 ARG A CA  1 
ATOM   1054 C C   . ARG A 1 169 ? 15.093  0.877   23.695  1.00 25.95 ? 157 ARG A C   1 
ATOM   1055 O O   . ARG A 1 169 ? 15.984  1.237   24.458  1.00 28.29 ? 157 ARG A O   1 
ATOM   1056 C CB  . ARG A 1 169 ? 13.503  2.670   22.789  1.00 24.61 ? 157 ARG A CB  1 
ATOM   1057 C CG  . ARG A 1 169 ? 13.246  3.725   21.717  1.00 22.87 ? 157 ARG A CG  1 
ATOM   1058 C CD  . ARG A 1 169 ? 11.917  4.442   21.957  1.00 21.69 ? 157 ARG A CD  1 
ATOM   1059 N NE  . ARG A 1 169 ? 11.804  5.549   21.020  1.00 21.92 ? 157 ARG A NE  1 
ATOM   1060 C CZ  . ARG A 1 169 ? 10.892  6.500   21.060  1.00 21.89 ? 157 ARG A CZ  1 
ATOM   1061 N NH1 . ARG A 1 169 ? 10.923  7.473   20.153  1.00 22.50 ? 157 ARG A NH1 1 
ATOM   1062 N NH2 . ARG A 1 169 ? 9.960   6.495   22.002  1.00 21.72 ? 157 ARG A NH2 1 
ATOM   1063 N N   . ASP A 1 170 ? 14.391  -0.232  23.850  1.00 30.02 ? 158 ASP A N   1 
ATOM   1064 C CA  . ASP A 1 170 ? 14.584  -1.211  24.964  1.00 34.03 ? 158 ASP A CA  1 
ATOM   1065 C C   . ASP A 1 170 ? 15.992  -1.803  24.914  1.00 37.15 ? 158 ASP A C   1 
ATOM   1066 O O   . ASP A 1 170 ? 16.563  -1.964  25.984  1.00 41.75 ? 158 ASP A O   1 
ATOM   1067 C CB  . ASP A 1 170 ? 13.548  -2.328  24.909  1.00 31.74 ? 158 ASP A CB  1 
ATOM   1068 C CG  . ASP A 1 170 ? 12.205  -1.810  25.373  1.00 33.66 ? 158 ASP A CG  1 
ATOM   1069 O OD1 . ASP A 1 170 ? 12.172  -0.666  25.870  1.00 37.95 ? 158 ASP A OD1 1 
ATOM   1070 O OD2 . ASP A 1 170 ? 11.213  -2.541  25.244  1.00 36.89 ? 158 ASP A OD2 1 
ATOM   1071 N N   . ARG A 1 171 ? 16.542  -2.056  23.733  1.00 35.14 ? 159 ARG A N   1 
ATOM   1072 C CA  . ARG A 1 171 ? 17.909  -2.620  23.571  1.00 36.54 ? 159 ARG A CA  1 
ATOM   1073 C C   . ARG A 1 171 ? 18.939  -1.492  23.674  1.00 36.32 ? 159 ARG A C   1 
ATOM   1074 O O   . ARG A 1 171 ? 20.131  -1.792  23.747  1.00 37.55 ? 159 ARG A O   1 
ATOM   1075 C CB  . ARG A 1 171 ? 17.957  -3.498  22.311  1.00 38.17 ? 159 ARG A CB  1 
ATOM   1076 C CG  . ARG A 1 171 ? 18.306  -2.795  21.011  1.00 43.08 ? 159 ARG A CG  1 
ATOM   1077 C CD  . ARG A 1 171 ? 18.351  -3.731  19.801  1.00 45.76 ? 159 ARG A CD  1 
ATOM   1078 N NE  . ARG A 1 171 ? 18.561  -3.041  18.498  1.00 46.86 ? 159 ARG A NE  1 
ATOM   1079 C CZ  . ARG A 1 171 ? 19.747  -2.759  17.905  1.00 47.56 ? 159 ARG A CZ  1 
ATOM   1080 N NH1 . ARG A 1 171 ? 20.887  -3.097  18.486  1.00 51.71 ? 159 ARG A NH1 1 
ATOM   1081 N NH2 . ARG A 1 171 ? 19.799  -2.127  16.734  1.00 44.04 ? 159 ARG A NH2 1 
ATOM   1082 N N   . GLY A 1 172 ? 18.505  -0.234  23.731  1.00 30.70 ? 160 GLY A N   1 
ATOM   1083 C CA  . GLY A 1 172 ? 19.369  0.943   23.900  1.00 30.32 ? 160 GLY A CA  1 
ATOM   1084 C C   . GLY A 1 172 ? 19.995  1.416   22.597  1.00 30.97 ? 160 GLY A C   1 
ATOM   1085 O O   . GLY A 1 172 ? 20.932  2.202   22.660  1.00 33.35 ? 160 GLY A O   1 
ATOM   1086 N N   . ALA A 1 173 ? 19.499  0.988   21.438  1.00 31.83 ? 161 ALA A N   1 
ATOM   1087 C CA  . ALA A 1 173 ? 19.984  1.462   20.119  1.00 31.28 ? 161 ALA A CA  1 
ATOM   1088 C C   . ALA A 1 173 ? 19.307  2.767   19.699  1.00 28.60 ? 161 ALA A C   1 
ATOM   1089 O O   . ALA A 1 173 ? 19.887  3.449   18.922  1.00 31.53 ? 161 ALA A O   1 
ATOM   1090 C CB  . ALA A 1 173 ? 19.771  0.412   19.074  1.00 33.95 ? 161 ALA A CB  1 
ATOM   1091 N N   . ALA A 1 174 ? 18.103  3.073   20.178  1.00 27.47 ? 162 ALA A N   1 
ATOM   1092 C CA  . ALA A 1 174 ? 17.346  4.296   19.798  1.00 26.12 ? 162 ALA A CA  1 
ATOM   1093 C C   . ALA A 1 174 ? 17.049  5.111   21.056  1.00 24.85 ? 162 ALA A C   1 
ATOM   1094 O O   . ALA A 1 174 ? 16.660  4.546   22.056  1.00 24.17 ? 162 ALA A O   1 
ATOM   1095 C CB  . ALA A 1 174 ? 16.069  3.894   19.120  1.00 25.89 ? 162 ALA A CB  1 
ATOM   1096 N N   . PRO A 1 175 ? 17.165  6.452   21.031  1.00 26.95 ? 163 PRO A N   1 
ATOM   1097 C CA  . PRO A 1 175 ? 16.876  7.273   22.209  1.00 28.26 ? 163 PRO A CA  1 
ATOM   1098 C C   . PRO A 1 175 ? 15.364  7.433   22.412  1.00 30.28 ? 163 PRO A C   1 
ATOM   1099 O O   . PRO A 1 175 ? 14.582  7.388   21.436  1.00 25.22 ? 163 PRO A O   1 
ATOM   1100 C CB  . PRO A 1 175 ? 17.564  8.601   21.856  1.00 26.68 ? 163 PRO A CB  1 
ATOM   1101 C CG  . PRO A 1 175 ? 17.397  8.677   20.344  1.00 27.68 ? 163 PRO A CG  1 
ATOM   1102 C CD  . PRO A 1 175 ? 17.573  7.248   19.864  1.00 25.24 ? 163 PRO A CD  1 
ATOM   1103 N N   . ARG A 1 176 ? 14.948  7.622   23.658  1.00 25.71 ? 164 ARG A N   1 
ATOM   1104 C CA  . ARG A 1 176 ? 13.529  7.879   23.995  1.00 29.38 ? 164 ARG A CA  1 
ATOM   1105 C C   . ARG A 1 176 ? 13.231  9.342   23.685  1.00 27.85 ? 164 ARG A C   1 
ATOM   1106 O O   . ARG A 1 176 ? 13.374  10.167  24.593  1.00 23.52 ? 164 ARG A O   1 
ATOM   1107 C CB  . ARG A 1 176 ? 13.213  7.528   25.466  1.00 31.97 ? 164 ARG A CB  1 
ATOM   1108 C CG  . ARG A 1 176 ? 13.544  6.088   25.840  1.00 43.65 ? 164 ARG A CG  1 
ATOM   1109 C CD  . ARG A 1 176 ? 12.886  5.499   27.098  1.00 49.06 ? 164 ARG A CD  1 
ATOM   1110 N NE  . ARG A 1 176 ? 13.276  4.085   27.204  1.00 50.17 ? 164 ARG A NE  1 
ATOM   1111 C CZ  . ARG A 1 176 ? 12.665  3.052   26.597  1.00 53.01 ? 164 ARG A CZ  1 
ATOM   1112 N NH1 . ARG A 1 176 ? 11.590  3.241   25.843  1.00 53.23 ? 164 ARG A NH1 1 
ATOM   1113 N NH2 . ARG A 1 176 ? 13.132  1.820   26.737  1.00 48.83 ? 164 ARG A NH2 1 
ATOM   1114 N N   . THR A 1 177 ? 12.695  9.635   22.504  1.00 23.64 ? 165 THR A N   1 
ATOM   1115 C CA  . THR A 1 177 ? 12.365  11.015  22.061  1.00 21.64 ? 165 THR A CA  1 
ATOM   1116 C C   . THR A 1 177 ? 10.834  11.149  22.031  1.00 24.24 ? 165 THR A C   1 
ATOM   1117 O O   . THR A 1 177 ? 10.160  11.037  23.097  1.00 23.05 ? 165 THR A O   1 
ATOM   1118 C CB  . THR A 1 177 ? 13.105  11.311  20.743  1.00 22.64 ? 165 THR A CB  1 
ATOM   1119 O OG1 . THR A 1 177 ? 12.689  10.332  19.764  1.00 20.35 ? 165 THR A OG1 1 
ATOM   1120 C CG2 . THR A 1 177 ? 14.611  11.319  20.923  1.00 23.36 ? 165 THR A CG2 1 
ATOM   1121 N N   . LEU A 1 178 ? 10.249  11.244  20.846  1.00 21.54 ? 166 LEU A N   1 
ATOM   1122 C CA  . LEU A 1 178 ? 8.786   11.245  20.713  1.00 21.93 ? 166 LEU A CA  1 
ATOM   1123 C C   . LEU A 1 178 ? 8.214   9.928   21.226  1.00 18.36 ? 166 LEU A C   1 
ATOM   1124 O O   . LEU A 1 178 ? 8.860   8.896   21.145  1.00 20.82 ? 166 LEU A O   1 
ATOM   1125 C CB  . LEU A 1 178 ? 8.429   11.349  19.233  1.00 20.21 ? 166 LEU A CB  1 
ATOM   1126 C CG  . LEU A 1 178 ? 8.757   12.633  18.500  1.00 22.33 ? 166 LEU A CG  1 
ATOM   1127 C CD1 . LEU A 1 178 ? 8.098   12.552  17.143  1.00 22.20 ? 166 LEU A CD1 1 
ATOM   1128 C CD2 . LEU A 1 178 ? 8.310   13.880  19.257  1.00 23.07 ? 166 LEU A CD2 1 
ATOM   1129 N N   . PRO A 1 179 ? 6.970   9.930   21.697  1.00 18.62 ? 167 PRO A N   1 
ATOM   1130 C CA  . PRO A 1 179 ? 6.185   8.697   21.836  1.00 18.83 ? 167 PRO A CA  1 
ATOM   1131 C C   . PRO A 1 179 ? 6.259   7.889   20.537  1.00 20.11 ? 167 PRO A C   1 
ATOM   1132 O O   . PRO A 1 179 ? 6.016   8.458   19.450  1.00 16.84 ? 167 PRO A O   1 
ATOM   1133 C CB  . PRO A 1 179 ? 4.752   9.191   21.980  1.00 17.51 ? 167 PRO A CB  1 
ATOM   1134 C CG  . PRO A 1 179 ? 4.906   10.560  22.681  1.00 17.54 ? 167 PRO A CG  1 
ATOM   1135 C CD  . PRO A 1 179 ? 6.165   11.114  22.051  1.00 17.76 ? 167 PRO A CD  1 
ATOM   1136 N N   . ALA A 1 180 ? 6.574   6.611   20.670  1.00 18.41 ? 168 ALA A N   1 
ATOM   1137 C CA  . ALA A 1 180 ? 6.838   5.693   19.555  1.00 18.67 ? 168 ALA A CA  1 
ATOM   1138 C C   . ALA A 1 180 ? 5.639   5.667   18.606  1.00 18.01 ? 168 ALA A C   1 
ATOM   1139 O O   . ALA A 1 180 ? 5.877   5.694   17.363  1.00 17.06 ? 168 ALA A O   1 
ATOM   1140 C CB  . ALA A 1 180 ? 7.197   4.346   20.129  1.00 19.63 ? 168 ALA A CB  1 
ATOM   1141 N N   . HIS A 1 181 ? 4.398   5.644   19.102  1.00 17.03 ? 169 HIS A N   1 
ATOM   1142 C CA  . HIS A 1 181 ? 3.203   5.453   18.252  1.00 18.15 ? 169 HIS A CA  1 
ATOM   1143 C C   . HIS A 1 181 ? 2.955   6.705   17.394  1.00 17.81 ? 169 HIS A C   1 
ATOM   1144 O O   . HIS A 1 181 ? 2.549   6.597   16.245  1.00 15.57 ? 169 HIS A O   1 
ATOM   1145 C CB  . HIS A 1 181 ? 1.985   5.019   19.075  1.00 17.54 ? 169 HIS A CB  1 
ATOM   1146 C CG  . HIS A 1 181 ? 0.861   4.449   18.269  1.00 16.12 ? 169 HIS A CG  1 
ATOM   1147 N ND1 . HIS A 1 181 ? -0.141  5.219   17.746  1.00 17.15 ? 169 HIS A ND1 1 
ATOM   1148 C CD2 . HIS A 1 181 ? 0.646   3.187   17.841  1.00 16.01 ? 169 HIS A CD2 1 
ATOM   1149 C CE1 . HIS A 1 181 ? -0.970  4.447   17.078  1.00 18.99 ? 169 HIS A CE1 1 
ATOM   1150 N NE2 . HIS A 1 181 ? -0.493  3.184   17.132  1.00 17.64 ? 169 HIS A NE2 1 
ATOM   1151 N N   . GLU A 1 182 ? 3.224   7.876   17.949  1.00 13.91 ? 170 GLU A N   1 
ATOM   1152 C CA  . GLU A 1 182 ? 3.019   9.151   17.237  1.00 15.91 ? 170 GLU A CA  1 
ATOM   1153 C C   . GLU A 1 182 ? 4.100   9.265   16.146  1.00 15.07 ? 170 GLU A C   1 
ATOM   1154 O O   . GLU A 1 182 ? 3.745   9.630   15.062  1.00 11.81 ? 170 GLU A O   1 
ATOM   1155 C CB  . GLU A 1 182 ? 3.095   10.277  18.265  1.00 17.46 ? 170 GLU A CB  1 
ATOM   1156 C CG  . GLU A 1 182 ? 1.866   10.306  19.188  1.00 20.01 ? 170 GLU A CG  1 
ATOM   1157 C CD  . GLU A 1 182 ? 1.929   11.322  20.348  1.00 22.68 ? 170 GLU A CD  1 
ATOM   1158 O OE1 . GLU A 1 182 ? 2.935   12.090  20.426  1.00 20.70 ? 170 GLU A OE1 1 
ATOM   1159 O OE2 . GLU A 1 182 ? 1.007   11.209  21.244  1.00 22.89 ? 170 GLU A OE2 1 
ATOM   1160 N N   . LEU A 1 183 ? 5.361   8.978   16.488  1.00 13.97 ? 171 LEU A N   1 
ATOM   1161 C CA  . LEU A 1 183 ? 6.471   8.952   15.487  1.00 15.23 ? 171 LEU A CA  1 
ATOM   1162 C C   . LEU A 1 183 ? 6.096   7.995   14.340  1.00 14.97 ? 171 LEU A C   1 
ATOM   1163 O O   . LEU A 1 183 ? 6.200   8.388   13.128  1.00 13.00 ? 171 LEU A O   1 
ATOM   1164 C CB  . LEU A 1 183 ? 7.782   8.554   16.173  1.00 15.00 ? 171 LEU A CB  1 
ATOM   1165 C CG  . LEU A 1 183 ? 9.021   8.391   15.278  1.00 15.63 ? 171 LEU A CG  1 
ATOM   1166 C CD1 . LEU A 1 183 ? 9.255   9.619   14.400  1.00 16.50 ? 171 LEU A CD1 1 
ATOM   1167 C CD2 . LEU A 1 183 ? 10.272  8.102   16.071  1.00 16.38 ? 171 LEU A CD2 1 
ATOM   1168 N N   . ALA A 1 184 ? 5.711   6.772   14.679  1.00 14.91 ? 172 ALA A N   1 
ATOM   1169 C CA  . ALA A 1 184 ? 5.295   5.745   13.698  1.00 14.91 ? 172 ALA A CA  1 
ATOM   1170 C C   . ALA A 1 184 ? 4.171   6.275   12.819  1.00 16.08 ? 172 ALA A C   1 
ATOM   1171 O O   . ALA A 1 184 ? 4.189   6.001   11.600  1.00 13.24 ? 172 ALA A O   1 
ATOM   1172 C CB  . ALA A 1 184 ? 4.915   4.447   14.371  1.00 15.17 ? 172 ALA A CB  1 
ATOM   1173 N N   . THR A 1 185 ? 3.165   6.926   13.409  1.00 13.75 ? 173 THR A N   1 
ATOM   1174 C CA  . THR A 1 185 ? 2.011   7.409   12.651  1.00 13.94 ? 173 THR A CA  1 
ATOM   1175 C C   . THR A 1 185 ? 2.535   8.336   11.551  1.00 13.24 ? 173 THR A C   1 
ATOM   1176 O O   . THR A 1 185 ? 2.115   8.187   10.420  1.00 12.94 ? 173 THR A O   1 
ATOM   1177 C CB  . THR A 1 185 ? 0.941   8.056   13.559  1.00 15.63 ? 173 THR A CB  1 
ATOM   1178 O OG1 . THR A 1 185 ? 0.526   7.030   14.479  1.00 16.11 ? 173 THR A OG1 1 
ATOM   1179 C CG2 . THR A 1 185 ? -0.233  8.547   12.757  1.00 16.76 ? 173 THR A CG2 1 
ATOM   1180 N N   . ALA A 1 186 ? 3.266   9.369   11.919  1.00 13.00 ? 174 ALA A N   1 
ATOM   1181 C CA  . ALA A 1 186 ? 3.700   10.394  10.945  1.00 13.79 ? 174 ALA A CA  1 
ATOM   1182 C C   . ALA A 1 186 ? 4.623   9.766   9.894   1.00 13.49 ? 174 ALA A C   1 
ATOM   1183 O O   . ALA A 1 186 ? 4.537   10.171  8.751   1.00 13.43 ? 174 ALA A O   1 
ATOM   1184 C CB  . ALA A 1 186 ? 4.453   11.473  11.672  1.00 12.81 ? 174 ALA A CB  1 
ATOM   1185 N N   . LEU A 1 187 ? 5.522   8.866   10.283  1.00 12.15 ? 175 LEU A N   1 
ATOM   1186 C CA  . LEU A 1 187 ? 6.406   8.193   9.275   1.00 12.72 ? 175 LEU A CA  1 
ATOM   1187 C C   . LEU A 1 187 ? 5.589   7.356   8.287   1.00 14.22 ? 175 LEU A C   1 
ATOM   1188 O O   . LEU A 1 187 ? 5.873   7.420   7.087   1.00 13.40 ? 175 LEU A O   1 
ATOM   1189 C CB  . LEU A 1 187 ? 7.458   7.349   9.964   1.00 12.65 ? 175 LEU A CB  1 
ATOM   1190 C CG  . LEU A 1 187 ? 8.499   8.161   10.735  1.00 14.11 ? 175 LEU A CG  1 
ATOM   1191 C CD1 . LEU A 1 187 ? 9.436   7.255   11.514  1.00 15.07 ? 175 LEU A CD1 1 
ATOM   1192 C CD2 . LEU A 1 187 ? 9.301   9.126   9.888   1.00 15.51 ? 175 LEU A CD2 1 
ATOM   1193 N N   . ASN A 1 188 ? 4.551   6.670   8.752   1.00 13.70 ? 176 ASN A N   1 
ATOM   1194 C CA  . ASN A 1 188 ? 3.717   5.837   7.868   1.00 15.11 ? 176 ASN A CA  1 
ATOM   1195 C C   . ASN A 1 188 ? 2.894   6.742   6.948   1.00 14.49 ? 176 ASN A C   1 
ATOM   1196 O O   . ASN A 1 188 ? 2.740   6.386   5.789   1.00 13.59 ? 176 ASN A O   1 
ATOM   1197 C CB  . ASN A 1 188 ? 2.831   4.875   8.680   1.00 15.31 ? 176 ASN A CB  1 
ATOM   1198 C CG  . ASN A 1 188 ? 3.507   3.578   9.084   1.00 15.13 ? 176 ASN A CG  1 
ATOM   1199 O OD1 . ASN A 1 188 ? 3.062   2.542   8.629   1.00 18.92 ? 176 ASN A OD1 1 
ATOM   1200 N ND2 . ASN A 1 188 ? 4.499   3.599   9.960   1.00 16.56 ? 176 ASN A ND2 1 
ATOM   1201 N N   . LEU A 1 189 ? 2.341   7.849   7.459   1.00 13.23 ? 177 LEU A N   1 
ATOM   1202 C CA  . LEU A 1 189 ? 1.563   8.798   6.620   1.00 13.17 ? 177 LEU A CA  1 
ATOM   1203 C C   . LEU A 1 189 ? 2.496   9.478   5.594   1.00 12.48 ? 177 LEU A C   1 
ATOM   1204 O O   . LEU A 1 189 ? 2.074   9.621   4.436   1.00 12.54 ? 177 LEU A O   1 
ATOM   1205 C CB  . LEU A 1 189 ? 0.882   9.828   7.517   1.00 13.23 ? 177 LEU A CB  1 
ATOM   1206 C CG  . LEU A 1 189 ? -0.305  9.281   8.305   1.00 13.37 ? 177 LEU A CG  1 
ATOM   1207 C CD1 . LEU A 1 189 ? -0.760  10.338  9.278   1.00 17.26 ? 177 LEU A CD1 1 
ATOM   1208 C CD2 . LEU A 1 189 ? -1.399  8.871   7.384   1.00 15.50 ? 177 LEU A CD2 1 
ATOM   1209 N N   . MET A 1 190 ? 3.725   9.786   5.997   1.00 12.89 ? 178 MET A N   1 
ATOM   1210 C CA  . MET A 1 190 ? 4.750   10.295  5.059   1.00 13.37 ? 178 MET A CA  1 
ATOM   1211 C C   . MET A 1 190 ? 4.915   9.299   3.921   1.00 14.68 ? 178 MET A C   1 
ATOM   1212 O O   . MET A 1 190 ? 4.822   9.690   2.735   1.00 12.72 ? 178 MET A O   1 
ATOM   1213 C CB  . MET A 1 190 ? 6.122   10.512  5.667   1.00 13.82 ? 178 MET A CB  1 
ATOM   1214 C CG  . MET A 1 190 ? 7.156   10.961  4.560   1.00 13.13 ? 178 MET A CG  1 
ATOM   1215 S SD  . MET A 1 190 ? 8.744   11.300  5.291   1.00 15.28 ? 178 MET A SD  1 
ATOM   1216 C CE  . MET A 1 190 ? 9.239   9.700   5.918   1.00 13.78 ? 178 MET A CE  1 
ATOM   1217 N N   . ASN A 1 191 ? 5.084   8.033   4.253   1.00 13.72 ? 179 ASN A N   1 
ATOM   1218 C CA  . ASN A 1 191 ? 5.306   7.014   3.201   1.00 14.31 ? 179 ASN A CA  1 
ATOM   1219 C C   . ASN A 1 191 ? 4.083   6.827   2.316   1.00 14.76 ? 179 ASN A C   1 
ATOM   1220 O O   . ASN A 1 191 ? 4.283   6.720   1.053   1.00 14.65 ? 179 ASN A O   1 
ATOM   1221 C CB  . ASN A 1 191 ? 5.722   5.715   3.826   1.00 14.54 ? 179 ASN A CB  1 
ATOM   1222 C CG  . ASN A 1 191 ? 7.139   5.720   4.320   1.00 14.63 ? 179 ASN A CG  1 
ATOM   1223 O OD1 . ASN A 1 191 ? 7.753   6.774   4.506   1.00 16.11 ? 179 ASN A OD1 1 
ATOM   1224 N ND2 . ASN A 1 191 ? 7.675   4.517   4.484   1.00 14.50 ? 179 ASN A ND2 1 
ATOM   1225 N N   . GLU A 1 192 ? 2.875   6.773   2.897   1.00 14.61 ? 180 GLU A N   1 
ATOM   1226 C CA  . GLU A 1 192 ? 1.613   6.660   2.125   1.00 15.53 ? 180 GLU A CA  1 
ATOM   1227 C C   . GLU A 1 192 ? 1.579   7.776   1.058   1.00 16.25 ? 180 GLU A C   1 
ATOM   1228 O O   . GLU A 1 192 ? 1.424   7.520   -0.191  1.00 16.66 ? 180 GLU A O   1 
ATOM   1229 C CB  . GLU A 1 192 ? 0.389   6.765   3.048   1.00 17.53 ? 180 GLU A CB  1 
ATOM   1230 C CG  . GLU A 1 192 ? -0.904  6.775   2.284   1.00 19.93 ? 180 GLU A CG  1 
ATOM   1231 C CD  . GLU A 1 192 ? -2.108  7.162   3.127   1.00 27.83 ? 180 GLU A CD  1 
ATOM   1232 O OE1 . GLU A 1 192 ? -2.150  6.740   4.214   1.00 27.18 ? 180 GLU A OE1 1 
ATOM   1233 O OE2 . GLU A 1 192 ? -2.978  7.967   2.661   1.00 33.24 ? 180 GLU A OE2 1 
ATOM   1234 N N   . ARG A 1 193 ? 1.783   9.017   1.495   1.00 15.13 ? 181 ARG A N   1 
ATOM   1235 C CA  . ARG A 1 193 ? 1.631   10.185  0.620   1.00 14.79 ? 181 ARG A CA  1 
ATOM   1236 C C   . ARG A 1 193 ? 2.757   10.265  -0.407  1.00 14.81 ? 181 ARG A C   1 
ATOM   1237 O O   . ARG A 1 193 ? 2.462   10.626  -1.573  1.00 15.17 ? 181 ARG A O   1 
ATOM   1238 C CB  . ARG A 1 193 ? 1.656   11.469  1.447   1.00 16.26 ? 181 ARG A CB  1 
ATOM   1239 C CG  . ARG A 1 193 ? 1.367   12.707  0.616   1.00 17.92 ? 181 ARG A CG  1 
ATOM   1240 C CD  . ARG A 1 193 ? -0.055  12.770  0.133   1.00 19.99 ? 181 ARG A CD  1 
ATOM   1241 N NE  . ARG A 1 193 ? -0.166  13.952  -0.699  1.00 24.48 ? 181 ARG A NE  1 
ATOM   1242 C CZ  . ARG A 1 193 ? -0.095  13.945  -2.019  1.00 25.05 ? 181 ARG A CZ  1 
ATOM   1243 N NH1 . ARG A 1 193 ? -0.261  15.060  -2.681  1.00 25.26 ? 181 ARG A NH1 1 
ATOM   1244 N NH2 . ARG A 1 193 ? 0.202   12.842  -2.673  1.00 26.92 ? 181 ARG A NH2 1 
ATOM   1245 N N   . THR A 1 194 ? 3.980   9.998   0.006   1.00 13.69 ? 182 THR A N   1 
ATOM   1246 C CA  . THR A 1 194 ? 5.198   10.239  -0.796  1.00 16.11 ? 182 THR A CA  1 
ATOM   1247 C C   . THR A 1 194 ? 5.272   9.103   -1.847  1.00 18.48 ? 182 THR A C   1 
ATOM   1248 O O   . THR A 1 194 ? 5.481   9.418   -3.021  1.00 15.62 ? 182 THR A O   1 
ATOM   1249 C CB  . THR A 1 194 ? 6.435   10.372  0.119   1.00 17.40 ? 182 THR A CB  1 
ATOM   1250 O OG1 . THR A 1 194 ? 6.195   11.420  1.070   1.00 16.26 ? 182 THR A OG1 1 
ATOM   1251 C CG2 . THR A 1 194 ? 7.712   10.649  -0.655  1.00 18.31 ? 182 THR A CG2 1 
ATOM   1252 N N   . LEU A 1 195 ? 5.033   7.840   -1.455  1.00 16.06 ? 183 LEU A N   1 
ATOM   1253 C CA  . LEU A 1 195 ? 5.002   6.705   -2.422  1.00 19.83 ? 183 LEU A CA  1 
ATOM   1254 C C   . LEU A 1 195 ? 3.945   6.944   -3.485  1.00 20.22 ? 183 LEU A C   1 
ATOM   1255 O O   . LEU A 1 195 ? 4.278   6.825   -4.690  1.00 20.60 ? 183 LEU A O   1 
ATOM   1256 C CB  . LEU A 1 195 ? 4.781   5.369   -1.725  1.00 20.81 ? 183 LEU A CB  1 
ATOM   1257 C CG  . LEU A 1 195 ? 5.984   4.921   -0.900  1.00 19.44 ? 183 LEU A CG  1 
ATOM   1258 C CD1 . LEU A 1 195 ? 5.640   3.624   -0.193  1.00 22.34 ? 183 LEU A CD1 1 
ATOM   1259 C CD2 . LEU A 1 195 ? 7.229   4.792   -1.778  1.00 22.41 ? 183 LEU A CD2 1 
ATOM   1260 N N   . PHE A 1 196 ? 2.782   7.400   -3.074  1.00 20.96 ? 184 PHE A N   1 
ATOM   1261 C CA  . PHE A 1 196 ? 1.642   7.606   -3.983  1.00 23.53 ? 184 PHE A CA  1 
ATOM   1262 C C   . PHE A 1 196 ? 1.981   8.771   -4.941  1.00 21.06 ? 184 PHE A C   1 
ATOM   1263 O O   . PHE A 1 196 ? 1.753   8.666   -6.163  1.00 20.65 ? 184 PHE A O   1 
ATOM   1264 C CB  . PHE A 1 196 ? 0.340   7.891   -3.218  1.00 26.64 ? 184 PHE A CB  1 
ATOM   1265 C CG  . PHE A 1 196 ? -0.808  8.237   -4.145  1.00 34.73 ? 184 PHE A CG  1 
ATOM   1266 C CD1 . PHE A 1 196 ? -1.642  7.226   -4.651  1.00 39.20 ? 184 PHE A CD1 1 
ATOM   1267 C CD2 . PHE A 1 196 ? -1.028  9.549   -4.579  1.00 33.71 ? 184 PHE A CD2 1 
ATOM   1268 C CE1 . PHE A 1 196 ? -2.661  7.534   -5.545  1.00 35.07 ? 184 PHE A CE1 1 
ATOM   1269 C CE2 . PHE A 1 196 ? -2.055  9.849   -5.463  1.00 37.29 ? 184 PHE A CE2 1 
ATOM   1270 C CZ  . PHE A 1 196 ? -2.854  8.838   -5.966  1.00 36.01 ? 184 PHE A CZ  1 
ATOM   1271 N N   . ALA A 1 197 ? 2.486   9.895   -4.435  1.00 18.02 ? 185 ALA A N   1 
ATOM   1272 C CA  . ALA A 1 197 ? 2.897   10.996  -5.338  1.00 18.73 ? 185 ALA A CA  1 
ATOM   1273 C C   . ALA A 1 197 ? 3.914   10.494  -6.379  1.00 18.01 ? 185 ALA A C   1 
ATOM   1274 O O   . ALA A 1 197 ? 3.794   10.890  -7.572  1.00 17.52 ? 185 ALA A O   1 
ATOM   1275 C CB  . ALA A 1 197 ? 3.480   12.140  -4.578  1.00 18.70 ? 185 ALA A CB  1 
ATOM   1276 N N   . SER A 1 198 ? 4.883   9.674   -5.978  1.00 15.78 ? 186 SER A N   1 
ATOM   1277 C CA  . SER A 1 198 ? 5.934   9.212   -6.905  1.00 17.60 ? 186 SER A CA  1 
ATOM   1278 C C   . SER A 1 198 ? 5.283   8.325   -7.960  1.00 18.62 ? 186 SER A C   1 
ATOM   1279 O O   . SER A 1 198 ? 5.612   8.495   -9.148  1.00 18.76 ? 186 SER A O   1 
ATOM   1280 C CB  . SER A 1 198 ? 7.053   8.468   -6.215  1.00 19.16 ? 186 SER A CB  1 
ATOM   1281 O OG  . SER A 1 198 ? 7.832   9.354   -5.446  1.00 23.01 ? 186 SER A OG  1 
ATOM   1282 N N   . PHE A 1 199 ? 4.452   7.397   -7.521  1.00 19.63 ? 187 PHE A N   1 
ATOM   1283 C CA  . PHE A 1 199 ? 3.818   6.396   -8.409  1.00 21.89 ? 187 PHE A CA  1 
ATOM   1284 C C   . PHE A 1 199 ? 2.879   7.099   -9.372  1.00 26.61 ? 187 PHE A C   1 
ATOM   1285 O O   . PHE A 1 199 ? 2.804   6.641   -10.510 1.00 33.20 ? 187 PHE A O   1 
ATOM   1286 C CB  . PHE A 1 199 ? 3.026   5.353   -7.622  1.00 21.14 ? 187 PHE A CB  1 
ATOM   1287 C CG  . PHE A 1 199 ? 3.877   4.485   -6.728  1.00 21.53 ? 187 PHE A CG  1 
ATOM   1288 C CD1 . PHE A 1 199 ? 5.199   4.265   -7.043  1.00 22.35 ? 187 PHE A CD1 1 
ATOM   1289 C CD2 . PHE A 1 199 ? 3.344   3.856   -5.621  1.00 21.99 ? 187 PHE A CD2 1 
ATOM   1290 C CE1 . PHE A 1 199 ? 6.006   3.466   -6.252  1.00 22.94 ? 187 PHE A CE1 1 
ATOM   1291 C CE2 . PHE A 1 199 ? 4.149   3.045   -4.831  1.00 22.74 ? 187 PHE A CE2 1 
ATOM   1292 C CZ  . PHE A 1 199 ? 5.479   2.862   -5.147  1.00 20.68 ? 187 PHE A CZ  1 
ATOM   1293 N N   . ALA A 1 200 ? 2.121   8.086   -8.908  1.00 26.33 ? 188 ALA A N   1 
ATOM   1294 C CA  . ALA A 1 200 ? 1.112   8.817   -9.719  1.00 27.85 ? 188 ALA A CA  1 
ATOM   1295 C C   . ALA A 1 200 ? 1.784   9.890   -10.574 1.00 28.51 ? 188 ALA A C   1 
ATOM   1296 O O   . ALA A 1 200 ? 1.062   10.516  -11.384 1.00 32.75 ? 188 ALA A O   1 
ATOM   1297 C CB  . ALA A 1 200 ? 0.013   9.345   -8.831  1.00 29.27 ? 188 ALA A CB  1 
ATOM   1298 N N   . GLY A 1 201 ? 3.101   10.058  -10.491 1.00 25.19 ? 189 GLY A N   1 
ATOM   1299 C CA  . GLY A 1 201 ? 3.806   11.130  -11.223 1.00 29.94 ? 189 GLY A CA  1 
ATOM   1300 C C   . GLY A 1 201 ? 3.297   12.522  -10.866 1.00 29.97 ? 189 GLY A C   1 
ATOM   1301 O O   . GLY A 1 201 ? 3.362   13.418  -11.752 1.00 27.39 ? 189 GLY A O   1 
ATOM   1302 N N   . GLU A 1 202 ? 2.911   12.780  -9.601  1.00 21.94 ? 190 GLU A N   1 
ATOM   1303 C CA  . GLU A 1 202 ? 2.356   14.102  -9.219  1.00 21.54 ? 190 GLU A CA  1 
ATOM   1304 C C   . GLU A 1 202 ? 3.421   15.180  -9.289  1.00 22.41 ? 190 GLU A C   1 
ATOM   1305 O O   . GLU A 1 202 ? 4.614   14.903  -9.195  1.00 21.56 ? 190 GLU A O   1 
ATOM   1306 C CB  . GLU A 1 202 ? 1.759   14.115  -7.808  1.00 21.80 ? 190 GLU A CB  1 
ATOM   1307 C CG  . GLU A 1 202 ? 0.561   13.221  -7.702  1.00 24.50 ? 190 GLU A CG  1 
ATOM   1308 C CD  . GLU A 1 202 ? -0.093  13.179  -6.336  1.00 28.32 ? 190 GLU A CD  1 
ATOM   1309 O OE1 . GLU A 1 202 ? 0.449   13.785  -5.424  1.00 26.47 ? 190 GLU A OE1 1 
ATOM   1310 O OE2 . GLU A 1 202 ? -1.179  12.584  -6.237  1.00 31.90 ? 190 GLU A OE2 1 
ATOM   1311 N N   . GLN A 1 203 ? 2.988   16.422  -9.404  1.00 23.40 ? 191 GLN A N   1 
ATOM   1312 C CA  . GLN A 1 203 ? 3.913   17.541  -9.171  1.00 29.09 ? 191 GLN A CA  1 
ATOM   1313 C C   . GLN A 1 203 ? 3.364   18.271  -7.953  1.00 27.40 ? 191 GLN A C   1 
ATOM   1314 O O   . GLN A 1 203 ? 2.216   18.763  -7.943  1.00 26.26 ? 191 GLN A O   1 
ATOM   1315 C CB  . GLN A 1 203 ? 4.125   18.352  -10.458 1.00 36.92 ? 191 GLN A CB  1 
ATOM   1316 C CG  . GLN A 1 203 ? 5.554   18.899  -10.529 1.00 45.87 ? 191 GLN A CG  1 
ATOM   1317 C CD  . GLN A 1 203 ? 5.939   19.515  -11.854 1.00 53.08 ? 191 GLN A CD  1 
ATOM   1318 O OE1 . GLN A 1 203 ? 5.191   20.277  -12.460 1.00 54.80 ? 191 GLN A OE1 1 
ATOM   1319 N NE2 . GLN A 1 203 ? 7.147   19.215  -12.296 1.00 51.64 ? 191 GLN A NE2 1 
ATOM   1320 N N   . PRO A 1 204 ? 4.101   18.299  -6.819  1.00 22.52 ? 192 PRO A N   1 
ATOM   1321 C CA  . PRO A 1 204 ? 5.469   17.783  -6.673  1.00 20.97 ? 192 PRO A CA  1 
ATOM   1322 C C   . PRO A 1 204 ? 5.547   16.286  -6.325  1.00 20.34 ? 192 PRO A C   1 
ATOM   1323 O O   . PRO A 1 204 ? 4.635   15.720  -5.728  1.00 20.13 ? 192 PRO A O   1 
ATOM   1324 C CB  . PRO A 1 204 ? 5.932   18.577  -5.448  1.00 23.34 ? 192 PRO A CB  1 
ATOM   1325 C CG  . PRO A 1 204 ? 4.696   18.628  -4.576  1.00 23.39 ? 192 PRO A CG  1 
ATOM   1326 C CD  . PRO A 1 204 ? 3.578   18.864  -5.567  1.00 23.13 ? 192 PRO A CD  1 
ATOM   1327 N N   . SER A 1 205 ? 6.686   15.669  -6.605  1.00 19.06 ? 193 SER A N   1 
ATOM   1328 C CA  . SER A 1 205 ? 6.979   14.295  -6.136  1.00 16.43 ? 193 SER A CA  1 
ATOM   1329 C C   . SER A 1 205 ? 8.485   14.092  -6.121  1.00 18.80 ? 193 SER A C   1 
ATOM   1330 O O   . SER A 1 205 ? 9.183   14.791  -6.818  1.00 20.43 ? 193 SER A O   1 
ATOM   1331 C CB  . SER A 1 205 ? 6.271   13.252  -6.966  1.00 16.12 ? 193 SER A CB  1 
ATOM   1332 O OG  . SER A 1 205 ? 6.655   13.360  -8.325  1.00 17.05 ? 193 SER A OG  1 
ATOM   1333 N N   . VAL A 1 206 ? 8.934   13.173  -5.307  1.00 16.06 ? 194 VAL A N   1 
ATOM   1334 C CA  . VAL A 1 206 ? 10.318  12.648  -5.357  1.00 17.87 ? 194 VAL A CA  1 
ATOM   1335 C C   . VAL A 1 206 ? 10.314  11.730  -6.569  1.00 16.99 ? 194 VAL A C   1 
ATOM   1336 O O   . VAL A 1 206 ? 9.399   10.929  -6.714  1.00 17.17 ? 194 VAL A O   1 
ATOM   1337 C CB  . VAL A 1 206 ? 10.686  11.903  -4.061  1.00 18.46 ? 194 VAL A CB  1 
ATOM   1338 C CG1 . VAL A 1 206 ? 12.078  11.355  -4.073  1.00 18.69 ? 194 VAL A CG1 1 
ATOM   1339 C CG2 . VAL A 1 206 ? 10.561  12.774  -2.823  1.00 19.79 ? 194 VAL A CG2 1 
ATOM   1340 N N   . PRO A 1 207 ? 11.341  11.752  -7.442  1.00 18.30 ? 195 PRO A N   1 
ATOM   1341 C CA  . PRO A 1 207 ? 11.396  10.788  -8.532  1.00 19.44 ? 195 PRO A CA  1 
ATOM   1342 C C   . PRO A 1 207 ? 11.395  9.360   -7.967  1.00 17.42 ? 195 PRO A C   1 
ATOM   1343 O O   . PRO A 1 207 ? 12.025  9.070   -6.931  1.00 17.06 ? 195 PRO A O   1 
ATOM   1344 C CB  . PRO A 1 207 ? 12.718  11.090  -9.247  1.00 22.12 ? 195 PRO A CB  1 
ATOM   1345 C CG  . PRO A 1 207 ? 13.111  12.455  -8.758  1.00 22.25 ? 195 PRO A CG  1 
ATOM   1346 C CD  . PRO A 1 207 ? 12.537  12.593  -7.363  1.00 21.42 ? 195 PRO A CD  1 
ATOM   1347 N N   . GLU A 1 208 ? 10.727  8.444   -8.668  1.00 17.47 ? 196 GLU A N   1 
ATOM   1348 C CA  . GLU A 1 208 ? 10.555  7.048   -8.210  1.00 18.83 ? 196 GLU A CA  1 
ATOM   1349 C C   . GLU A 1 208 ? 11.902  6.404   -7.905  1.00 18.34 ? 196 GLU A C   1 
ATOM   1350 O O   . GLU A 1 208 ? 12.018  5.707   -6.886  1.00 17.27 ? 196 GLU A O   1 
ATOM   1351 C CB  . GLU A 1 208 ? 9.722   6.281   -9.238  1.00 22.91 ? 196 GLU A CB  1 
ATOM   1352 C CG  . GLU A 1 208 ? 9.336   4.933   -8.743  1.00 27.73 ? 196 GLU A CG  1 
ATOM   1353 C CD  . GLU A 1 208 ? 8.385   4.188   -9.675  1.00 35.17 ? 196 GLU A CD  1 
ATOM   1354 O OE1 . GLU A 1 208 ? 7.615   4.848   -10.422 1.00 42.69 ? 196 GLU A OE1 1 
ATOM   1355 O OE2 . GLU A 1 208 ? 8.430   2.970   -9.634  1.00 45.15 ? 196 GLU A OE2 1 
ATOM   1356 N N   . ALA A 1 209 ? 12.947  6.716   -8.680  1.00 17.18 ? 197 ALA A N   1 
ATOM   1357 C CA  . ALA A 1 209 ? 14.286  6.106   -8.485  1.00 16.85 ? 197 ALA A CA  1 
ATOM   1358 C C   . ALA A 1 209 ? 14.986  6.687   -7.250  1.00 16.59 ? 197 ALA A C   1 
ATOM   1359 O O   . ALA A 1 209 ? 16.014  6.176   -6.907  1.00 19.68 ? 197 ALA A O   1 
ATOM   1360 C CB  . ALA A 1 209 ? 15.086  6.325   -9.762  1.00 17.51 ? 197 ALA A CB  1 
ATOM   1361 N N   . ARG A 1 210 ? 14.454  7.720   -6.588  1.00 14.34 ? 198 ARG A N   1 
ATOM   1362 C CA  . ARG A 1 210 ? 15.092  8.353   -5.402  1.00 14.28 ? 198 ARG A CA  1 
ATOM   1363 C C   . ARG A 1 210 ? 14.204  8.202   -4.153  1.00 14.73 ? 198 ARG A C   1 
ATOM   1364 O O   . ARG A 1 210 ? 14.660  8.545   -3.035  1.00 16.76 ? 198 ARG A O   1 
ATOM   1365 C CB  . ARG A 1 210 ? 15.339  9.841   -5.644  1.00 16.24 ? 198 ARG A CB  1 
ATOM   1366 C CG  . ARG A 1 210 ? 16.385  10.099  -6.731  1.00 17.77 ? 198 ARG A CG  1 
ATOM   1367 C CD  . ARG A 1 210 ? 17.808  9.768   -6.289  1.00 19.85 ? 198 ARG A CD  1 
ATOM   1368 N NE  . ARG A 1 210 ? 18.081  10.324  -4.961  1.00 22.88 ? 198 ARG A NE  1 
ATOM   1369 C CZ  . ARG A 1 210 ? 18.786  9.714   -4.021  1.00 22.82 ? 198 ARG A CZ  1 
ATOM   1370 N NH1 . ARG A 1 210 ? 19.423  8.593   -4.306  1.00 23.74 ? 198 ARG A NH1 1 
ATOM   1371 N NH2 . ARG A 1 210 ? 18.882  10.203  -2.799  1.00 24.97 ? 198 ARG A NH2 1 
ATOM   1372 N N   . VAL A 1 211 ? 12.993  7.718   -4.299  1.00 15.35 ? 199 VAL A N   1 
ATOM   1373 C CA  . VAL A 1 211 ? 12.027  7.837   -3.156  1.00 16.86 ? 199 VAL A CA  1 
ATOM   1374 C C   . VAL A 1 211 ? 12.416  6.867   -2.038  1.00 16.84 ? 199 VAL A C   1 
ATOM   1375 O O   . VAL A 1 211 ? 12.352  7.230   -0.869  1.00 16.04 ? 199 VAL A O   1 
ATOM   1376 C CB  . VAL A 1 211 ? 10.586  7.716   -3.665  1.00 18.31 ? 199 VAL A CB  1 
ATOM   1377 C CG1 . VAL A 1 211 ? 10.270  6.330   -4.093  1.00 19.11 ? 199 VAL A CG1 1 
ATOM   1378 C CG2 . VAL A 1 211 ? 9.577   8.229   -2.620  1.00 19.42 ? 199 VAL A CG2 1 
ATOM   1379 N N   . LEU A 1 212 ? 12.849  5.642   -2.350  1.00 17.86 ? 200 LEU A N   1 
ATOM   1380 C CA  . LEU A 1 212 ? 13.224  4.691   -1.272  1.00 18.55 ? 200 LEU A CA  1 
ATOM   1381 C C   . LEU A 1 212 ? 14.302  5.288   -0.375  1.00 19.26 ? 200 LEU A C   1 
ATOM   1382 O O   . LEU A 1 212 ? 14.097  5.308   0.870   1.00 18.12 ? 200 LEU A O   1 
ATOM   1383 C CB  . LEU A 1 212 ? 13.669  3.366   -1.891  1.00 21.40 ? 200 LEU A CB  1 
ATOM   1384 C CG  . LEU A 1 212 ? 13.888  2.235   -0.913  1.00 22.41 ? 200 LEU A CG  1 
ATOM   1385 C CD1 . LEU A 1 212 ? 12.674  1.995   -0.007  1.00 21.66 ? 200 LEU A CD1 1 
ATOM   1386 C CD2 . LEU A 1 212 ? 14.308  0.983   -1.685  1.00 25.00 ? 200 LEU A CD2 1 
ATOM   1387 N N   . ASP A 1 213 ? 15.418  5.740   -0.957  1.00 18.52 ? 201 ASP A N   1 
ATOM   1388 C CA  . ASP A 1 213 ? 16.538  6.345   -0.202  1.00 17.18 ? 201 ASP A CA  1 
ATOM   1389 C C   . ASP A 1 213 ? 16.065  7.583   0.597   1.00 15.98 ? 201 ASP A C   1 
ATOM   1390 O O   . ASP A 1 213 ? 16.573  7.823   1.693   1.00 15.94 ? 201 ASP A O   1 
ATOM   1391 C CB  . ASP A 1 213 ? 17.670  6.820   -1.119  1.00 22.08 ? 201 ASP A CB  1 
ATOM   1392 C CG  . ASP A 1 213 ? 18.702  5.794   -1.618  1.00 29.90 ? 201 ASP A CG  1 
ATOM   1393 O OD1 . ASP A 1 213 ? 18.719  4.679   -1.135  1.00 25.79 ? 201 ASP A OD1 1 
ATOM   1394 O OD2 . ASP A 1 213 ? 19.507  6.183   -2.521  1.00 36.12 ? 201 ASP A OD2 1 
ATOM   1395 N N   . THR A 1 214 ? 15.192  8.399   0.029   1.00 15.37 ? 202 THR A N   1 
ATOM   1396 C CA  . THR A 1 214 ? 14.683  9.614   0.693   1.00 14.26 ? 202 THR A CA  1 
ATOM   1397 C C   . THR A 1 214 ? 13.949  9.190   1.966   1.00 13.64 ? 202 THR A C   1 
ATOM   1398 O O   . THR A 1 214 ? 14.263  9.715   3.065   1.00 14.20 ? 202 THR A O   1 
ATOM   1399 C CB  . THR A 1 214 ? 13.775  10.393  -0.255  1.00 15.70 ? 202 THR A CB  1 
ATOM   1400 O OG1 . THR A 1 214 ? 14.514  10.753  -1.435  1.00 15.53 ? 202 THR A OG1 1 
ATOM   1401 C CG2 . THR A 1 214 ? 13.256  11.627  0.441   1.00 16.14 ? 202 THR A CG2 1 
ATOM   1402 N N   . LEU A 1 215 ? 13.056  8.202   1.846   1.00 13.50 ? 203 LEU A N   1 
ATOM   1403 C CA  . LEU A 1 215 ? 12.237  7.776   3.015   1.00 13.48 ? 203 LEU A CA  1 
ATOM   1404 C C   . LEU A 1 215 ? 13.147  7.122   4.043   1.00 14.36 ? 203 LEU A C   1 
ATOM   1405 O O   . LEU A 1 215 ? 12.957  7.366   5.236   1.00 14.51 ? 203 LEU A O   1 
ATOM   1406 C CB  . LEU A 1 215 ? 11.113  6.851   2.550   1.00 14.34 ? 203 LEU A CB  1 
ATOM   1407 C CG  . LEU A 1 215 ? 10.122  7.522   1.606   1.00 12.84 ? 203 LEU A CG  1 
ATOM   1408 C CD1 . LEU A 1 215 ? 9.121   6.519   1.087   1.00 14.62 ? 203 LEU A CD1 1 
ATOM   1409 C CD2 . LEU A 1 215 ? 9.395   8.694   2.239   1.00 13.37 ? 203 LEU A CD2 1 
ATOM   1410 N N   . VAL A 1 216 ? 14.089  6.276   3.623   1.00 14.69 ? 204 VAL A N   1 
ATOM   1411 C CA  . VAL A 1 216 ? 14.949  5.556   4.582   1.00 15.24 ? 204 VAL A CA  1 
ATOM   1412 C C   . VAL A 1 216 ? 15.739  6.603   5.379   1.00 14.25 ? 204 VAL A C   1 
ATOM   1413 O O   . VAL A 1 216 ? 15.821  6.472   6.599   1.00 14.59 ? 204 VAL A O   1 
ATOM   1414 C CB  . VAL A 1 216 ? 15.874  4.557   3.882   1.00 17.12 ? 204 VAL A CB  1 
ATOM   1415 C CG1 . VAL A 1 216 ? 16.935  4.090   4.836   1.00 17.84 ? 204 VAL A CG1 1 
ATOM   1416 C CG2 . VAL A 1 216 ? 15.074  3.388   3.275   1.00 16.94 ? 204 VAL A CG2 1 
ATOM   1417 N N   . HIS A 1 217 ? 16.247  7.643   4.753   1.00 14.70 ? 205 HIS A N   1 
ATOM   1418 C CA  . HIS A 1 217 ? 17.026  8.689   5.479   1.00 14.73 ? 205 HIS A CA  1 
ATOM   1419 C C   . HIS A 1 217 ? 16.174  9.308   6.606   1.00 13.65 ? 205 HIS A C   1 
ATOM   1420 O O   . HIS A 1 217 ? 16.685  9.520   7.729   1.00 15.84 ? 205 HIS A O   1 
ATOM   1421 C CB  . HIS A 1 217 ? 17.512  9.773   4.537   1.00 15.92 ? 205 HIS A CB  1 
ATOM   1422 C CG  . HIS A 1 217 ? 18.010  10.994  5.245   1.00 15.76 ? 205 HIS A CG  1 
ATOM   1423 N ND1 . HIS A 1 217 ? 19.316  11.098  5.719   1.00 17.27 ? 205 HIS A ND1 1 
ATOM   1424 C CD2 . HIS A 1 217 ? 17.386  12.124  5.634   1.00 14.99 ? 205 HIS A CD2 1 
ATOM   1425 C CE1 . HIS A 1 217 ? 19.483  12.261  6.315   1.00 15.86 ? 205 HIS A CE1 1 
ATOM   1426 N NE2 . HIS A 1 217 ? 18.304  12.924  6.300   1.00 16.10 ? 205 HIS A NE2 1 
ATOM   1427 N N   . ILE A 1 218 ? 14.967  9.727   6.267   1.00 15.48 ? 206 ILE A N   1 
ATOM   1428 C CA  . ILE A 1 218 ? 14.072  10.403  7.258   1.00 14.38 ? 206 ILE A CA  1 
ATOM   1429 C C   . ILE A 1 218 ? 13.691  9.408   8.373   1.00 14.29 ? 206 ILE A C   1 
ATOM   1430 O O   . ILE A 1 218 ? 13.667  9.821   9.537   1.00 15.27 ? 206 ILE A O   1 
ATOM   1431 C CB  . ILE A 1 218 ? 12.860  11.021  6.522   1.00 14.39 ? 206 ILE A CB  1 
ATOM   1432 C CG1 . ILE A 1 218 ? 13.335  12.084  5.511   1.00 14.99 ? 206 ILE A CG1 1 
ATOM   1433 C CG2 . ILE A 1 218 ? 11.883  11.630  7.522   1.00 14.49 ? 206 ILE A CG2 1 
ATOM   1434 C CD1 . ILE A 1 218 ? 12.238  12.507  4.550   1.00 15.45 ? 206 ILE A CD1 1 
ATOM   1435 N N   . TRP A 1 219 ? 13.434  8.128   8.051   1.00 14.44 ? 207 TRP A N   1 
ATOM   1436 C CA  . TRP A 1 219 ? 13.065  7.108   9.086   1.00 14.96 ? 207 TRP A CA  1 
ATOM   1437 C C   . TRP A 1 219 ? 14.251  6.919   10.037  1.00 15.77 ? 207 TRP A C   1 
ATOM   1438 O O   . TRP A 1 219 ? 14.100  7.079   11.269  1.00 14.66 ? 207 TRP A O   1 
ATOM   1439 C CB  . TRP A 1 219 ? 12.658  5.788   8.462   1.00 13.59 ? 207 TRP A CB  1 
ATOM   1440 C CG  . TRP A 1 219 ? 11.254  5.746   7.951   1.00 13.47 ? 207 TRP A CG  1 
ATOM   1441 C CD1 . TRP A 1 219 ? 10.640  6.563   7.039   1.00 13.40 ? 207 TRP A CD1 1 
ATOM   1442 C CD2 . TRP A 1 219 ? 10.282  4.759   8.306   1.00 14.39 ? 207 TRP A CD2 1 
ATOM   1443 N NE1 . TRP A 1 219 ? 9.357   6.154   6.836   1.00 15.31 ? 207 TRP A NE1 1 
ATOM   1444 C CE2 . TRP A 1 219 ? 9.100   5.064   7.615   1.00 13.78 ? 207 TRP A CE2 1 
ATOM   1445 C CE3 . TRP A 1 219 ? 10.269  3.704   9.219   1.00 14.85 ? 207 TRP A CE3 1 
ATOM   1446 C CZ2 . TRP A 1 219 ? 7.925   4.335   7.773   1.00 16.07 ? 207 TRP A CZ2 1 
ATOM   1447 C CZ3 . TRP A 1 219 ? 9.120   2.952   9.341   1.00 13.97 ? 207 TRP A CZ3 1 
ATOM   1448 C CH2 . TRP A 1 219 ? 7.972   3.260   8.635   1.00 15.20 ? 207 TRP A CH2 1 
ATOM   1449 N N   . VAL A 1 220 ? 15.435  6.691   9.487   1.00 17.03 ? 208 VAL A N   1 
ATOM   1450 C CA  . VAL A 1 220 ? 16.637  6.393   10.312  1.00 17.98 ? 208 VAL A CA  1 
ATOM   1451 C C   . VAL A 1 220 ? 17.044  7.603   11.159  1.00 17.12 ? 208 VAL A C   1 
ATOM   1452 O O   . VAL A 1 220 ? 17.304  7.388   12.353  1.00 17.28 ? 208 VAL A O   1 
ATOM   1453 C CB  . VAL A 1 220 ? 17.790  5.869   9.429   1.00 20.49 ? 208 VAL A CB  1 
ATOM   1454 C CG1 . VAL A 1 220 ? 19.094  5.813   10.212  1.00 27.31 ? 208 VAL A CG1 1 
ATOM   1455 C CG2 . VAL A 1 220 ? 17.461  4.492   8.875   1.00 22.91 ? 208 VAL A CG2 1 
ATOM   1456 N N   . THR A 1 221 ? 17.079  8.818   10.606  1.00 17.04 ? 209 THR A N   1 
ATOM   1457 C CA  . THR A 1 221 ? 17.499  10.010  11.375  1.00 17.74 ? 209 THR A CA  1 
ATOM   1458 C C   . THR A 1 221 ? 16.444  10.281  12.444  1.00 18.50 ? 209 THR A C   1 
ATOM   1459 O O   . THR A 1 221 ? 16.835  10.619  13.580  1.00 17.40 ? 209 THR A O   1 
ATOM   1460 C CB  . THR A 1 221 ? 17.737  11.237  10.486  1.00 19.56 ? 209 THR A CB  1 
ATOM   1461 O OG1 . THR A 1 221 ? 16.562  11.497  9.709   1.00 16.84 ? 209 THR A OG1 1 
ATOM   1462 C CG2 . THR A 1 221 ? 18.985  11.088  9.641   1.00 19.42 ? 209 THR A CG2 1 
ATOM   1463 N N   . SER A 1 222 ? 15.146  10.116  12.128  1.00 15.15 ? 210 SER A N   1 
ATOM   1464 C CA  . SER A 1 222 ? 14.064  10.449  13.088  1.00 15.52 ? 210 SER A CA  1 
ATOM   1465 C C   . SER A 1 222 ? 13.918  9.370   14.168  1.00 17.61 ? 210 SER A C   1 
ATOM   1466 O O   . SER A 1 222 ? 13.539  9.700   15.327  1.00 16.20 ? 210 SER A O   1 
ATOM   1467 C CB  . SER A 1 222 ? 12.768  10.766  12.402  1.00 15.67 ? 210 SER A CB  1 
ATOM   1468 O OG  . SER A 1 222 ? 12.170  9.590   11.936  1.00 17.81 ? 210 SER A OG  1 
ATOM   1469 N N   . ILE A 1 223 ? 14.270  8.121   13.869  1.00 15.94 ? 211 ILE A N   1 
ATOM   1470 C CA  . ILE A 1 223 ? 14.197  7.020   14.875  1.00 17.67 ? 211 ILE A CA  1 
ATOM   1471 C C   . ILE A 1 223 ? 15.436  7.009   15.770  1.00 19.12 ? 211 ILE A C   1 
ATOM   1472 O O   . ILE A 1 223 ? 15.246  6.778   16.997  1.00 19.47 ? 211 ILE A O   1 
ATOM   1473 C CB  . ILE A 1 223 ? 13.950  5.659   14.195  1.00 17.51 ? 211 ILE A CB  1 
ATOM   1474 C CG1 . ILE A 1 223 ? 12.562  5.689   13.563  1.00 15.47 ? 211 ILE A CG1 1 
ATOM   1475 C CG2 . ILE A 1 223 ? 14.140  4.510   15.185  1.00 18.36 ? 211 ILE A CG2 1 
ATOM   1476 C CD1 . ILE A 1 223 ? 12.237  4.537   12.639  1.00 15.94 ? 211 ILE A CD1 1 
ATOM   1477 N N   . TYR A 1 224 ? 16.624  7.262   15.213  1.00 18.87 ? 212 TYR A N   1 
ATOM   1478 C CA  . TYR A 1 224 ? 17.907  7.091   15.948  1.00 20.53 ? 212 TYR A CA  1 
ATOM   1479 C C   . TYR A 1 224 ? 18.467  8.428   16.418  1.00 22.59 ? 212 TYR A C   1 
ATOM   1480 O O   . TYR A 1 224 ? 19.362  8.385   17.262  1.00 20.48 ? 212 TYR A O   1 
ATOM   1481 C CB  . TYR A 1 224 ? 18.904  6.266   15.141  1.00 20.55 ? 212 TYR A CB  1 
ATOM   1482 C CG  . TYR A 1 224 ? 18.420  4.860   14.927  1.00 20.28 ? 212 TYR A CG  1 
ATOM   1483 C CD1 . TYR A 1 224 ? 18.483  3.876   15.914  1.00 22.75 ? 212 TYR A CD1 1 
ATOM   1484 C CD2 . TYR A 1 224 ? 17.844  4.513   13.728  1.00 21.39 ? 212 TYR A CD2 1 
ATOM   1485 C CE1 . TYR A 1 224 ? 17.913  2.621   15.732  1.00 19.48 ? 212 TYR A CE1 1 
ATOM   1486 C CE2 . TYR A 1 224 ? 17.356  3.246   13.506  1.00 20.03 ? 212 TYR A CE2 1 
ATOM   1487 C CZ  . TYR A 1 224 ? 17.377  2.294   14.503  1.00 20.58 ? 212 TYR A CZ  1 
ATOM   1488 O OH  . TYR A 1 224 ? 16.798  1.085   14.250  1.00 19.62 ? 212 TYR A OH  1 
ATOM   1489 N N   . GLY A 1 225 ? 17.950  9.561   15.946  1.00 22.80 ? 213 GLY A N   1 
ATOM   1490 C CA  . GLY A 1 225 ? 18.571  10.867  16.244  1.00 24.56 ? 213 GLY A CA  1 
ATOM   1491 C C   . GLY A 1 225 ? 18.079  11.478  17.569  1.00 26.65 ? 213 GLY A C   1 
ATOM   1492 O O   . GLY A 1 225 ? 16.886  11.350  17.883  1.00 24.48 ? 213 GLY A O   1 
ATOM   1493 N N   . GLU A 1 226 ? 18.955  12.204  18.287  1.00 36.69 ? 214 GLU A N   1 
ATOM   1494 C CA  . GLU A 1 226 ? 18.691  12.790  19.649  1.00 41.75 ? 214 GLU A CA  1 
ATOM   1495 C C   . GLU A 1 226 ? 17.898  14.082  19.537  1.00 44.59 ? 214 GLU A C   1 
ATOM   1496 O O   . GLU A 1 226 ? 18.532  14.769  18.747  1.00 41.42 ? 214 GLU A O   1 
ATOM   1497 C CB  . GLU A 1 226 ? 19.996  13.182  20.331  1.00 49.29 ? 214 GLU A CB  1 
ATOM   1498 C CG  . GLU A 1 226 ? 20.929  12.018  20.530  1.00 52.59 ? 214 GLU A CG  1 
ATOM   1499 C CD  . GLU A 1 226 ? 20.499  11.151  21.687  1.00 63.01 ? 214 GLU A CD  1 
ATOM   1500 O OE1 . GLU A 1 226 ? 19.647  11.620  22.506  1.00 60.72 ? 214 GLU A OE1 1 
ATOM   1501 O OE2 . GLU A 1 226 ? 21.005  10.015  21.751  1.00 64.76 ? 214 GLU A OE2 1 
HETATM 1502 C C4  . GHK B 2 .   ? 7.530   -0.691  8.048   1.00 23.18 ? 301 GHK A C4  1 
HETATM 1503 C C14 . GHK B 2 .   ? 14.255  -4.781  12.758  1.00 34.19 ? 301 GHK A C14 1 
HETATM 1504 C C5  . GHK B 2 .   ? 6.237   -0.431  8.424   1.00 22.01 ? 301 GHK A C5  1 
HETATM 1505 C C6  . GHK B 2 .   ? 5.441   0.433   7.677   1.00 22.50 ? 301 GHK A C6  1 
HETATM 1506 C C11 . GHK B 2 .   ? 13.862  -2.708  10.980  1.00 36.69 ? 301 GHK A C11 1 
HETATM 1507 C C7  . GHK B 2 .   ? 8.351   -1.508  8.826   1.00 29.31 ? 301 GHK A C7  1 
HETATM 1508 C C8  . GHK B 2 .   ? 9.093   -2.058  9.526   1.00 31.73 ? 301 GHK A C8  1 
HETATM 1509 C C9  . GHK B 2 .   ? 10.057  -2.607  10.473  1.00 39.59 ? 301 GHK A C9  1 
HETATM 1510 C C10 . GHK B 2 .   ? 13.119  -3.893  10.823  1.00 40.95 ? 301 GHK A C10 1 
HETATM 1511 C C12 . GHK B 2 .   ? 14.790  -2.558  12.030  1.00 37.22 ? 301 GHK A C12 1 
HETATM 1512 C C13 . GHK B 2 .   ? 15.007  -3.629  12.883  1.00 31.54 ? 301 GHK A C13 1 
HETATM 1513 N N1  . GHK B 2 .   ? 3.533   1.370   5.310   1.00 26.62 ? 301 GHK A N1  1 
HETATM 1514 N N2  . GHK B 2 .   ? 10.330  -3.961  10.042  1.00 36.77 ? 301 GHK A N2  1 
HETATM 1515 C C3  . GHK B 2 .   ? 8.055   -0.085  6.923   1.00 22.89 ? 301 GHK A C3  1 
HETATM 1516 S S1  . GHK B 2 .   ? 5.063   2.143   5.512   1.00 23.92 ? 301 GHK A S1  1 
HETATM 1517 O O1  . GHK B 2 .   ? 5.035   3.433   6.283   1.00 23.00 ? 301 GHK A O1  1 
HETATM 1518 O O2  . GHK B 2 .   ? 5.714   2.243   4.191   1.00 24.21 ? 301 GHK A O2  1 
HETATM 1519 C C1  . GHK B 2 .   ? 6.014   1.077   6.538   1.00 22.86 ? 301 GHK A C1  1 
HETATM 1520 C C2  . GHK B 2 .   ? 7.275   0.785   6.176   1.00 24.49 ? 301 GHK A C2  1 
HETATM 1521 S S2  . GHK B 2 .   ? 11.935  -4.056  9.496   1.00 40.60 ? 301 GHK A S2  1 
HETATM 1522 O O3  . GHK B 2 .   ? 12.024  -5.489  9.074   1.00 39.34 ? 301 GHK A O3  1 
HETATM 1523 O O4  . GHK B 2 .   ? 12.107  -3.015  8.422   1.00 39.09 ? 301 GHK A O4  1 
HETATM 1524 C C15 . GHK B 2 .   ? 13.310  -4.958  11.737  1.00 37.70 ? 301 GHK A C15 1 
HETATM 1525 O O   . HOH C 3 .   ? -0.608  9.545   21.156  1.00 36.43 ? 401 HOH A O   1 
HETATM 1526 O O   . HOH C 3 .   ? 4.827   12.852  19.254  1.00 25.30 ? 402 HOH A O   1 
HETATM 1527 O O   . HOH C 3 .   ? 14.552  9.856   18.053  1.00 20.38 ? 403 HOH A O   1 
HETATM 1528 O O   . HOH C 3 .   ? 2.769   -1.163  18.808  1.00 22.53 ? 404 HOH A O   1 
HETATM 1529 O O   . HOH C 3 .   ? 13.489  6.743   18.948  1.00 16.40 ? 405 HOH A O   1 
HETATM 1530 O O   . HOH C 3 .   ? -5.898  -2.897  12.265  1.00 28.08 ? 406 HOH A O   1 
HETATM 1531 O O   . HOH C 3 .   ? 19.746  6.709   4.901   1.00 32.60 ? 407 HOH A O   1 
HETATM 1532 O O   . HOH C 3 .   ? 13.429  -2.233  -4.738  1.00 20.87 ? 408 HOH A O   1 
HETATM 1533 O O   . HOH C 3 .   ? 8.284   -3.744  21.218  1.00 29.96 ? 409 HOH A O   1 
HETATM 1534 O O   . HOH C 3 .   ? 1.947   15.953  -4.960  1.00 23.86 ? 410 HOH A O   1 
HETATM 1535 O O   . HOH C 3 .   ? 18.862  6.577   2.327   1.00 21.41 ? 411 HOH A O   1 
HETATM 1536 O O   . HOH C 3 .   ? 10.142  -7.689  13.641  1.00 29.38 ? 412 HOH A O   1 
HETATM 1537 O O   . HOH C 3 .   ? -8.471  -7.997  4.254   1.00 33.30 ? 413 HOH A O   1 
HETATM 1538 O O   . HOH C 3 .   ? 13.579  4.534   -4.990  1.00 16.58 ? 414 HOH A O   1 
HETATM 1539 O O   . HOH C 3 .   ? 18.485  -2.925  2.096   1.00 32.16 ? 415 HOH A O   1 
HETATM 1540 O O   . HOH C 3 .   ? -21.631 -15.262 -19.441 1.00 25.24 ? 416 HOH A O   1 
HETATM 1541 O O   . HOH C 3 .   ? 7.074   11.553  -3.977  1.00 19.36 ? 417 HOH A O   1 
HETATM 1542 O O   . HOH C 3 .   ? -4.135  6.678   6.131   1.00 25.64 ? 418 HOH A O   1 
HETATM 1543 O O   . HOH C 3 .   ? 0.669   -4.912  13.875  1.00 25.67 ? 419 HOH A O   1 
HETATM 1544 O O   . HOH C 3 .   ? -11.235 4.589   -8.280  1.00 35.95 ? 420 HOH A O   1 
HETATM 1545 O O   . HOH C 3 .   ? -2.215  6.387   14.649  1.00 25.47 ? 421 HOH A O   1 
HETATM 1546 O O   . HOH C 3 .   ? 0.212   16.761  -9.954  1.00 36.63 ? 422 HOH A O   1 
HETATM 1547 O O   . HOH C 3 .   ? -2.094  1.689   15.274  1.00 20.41 ? 423 HOH A O   1 
HETATM 1548 O O   . HOH C 3 .   ? -24.258 -9.085  -21.651 1.00 39.29 ? 424 HOH A O   1 
HETATM 1549 O O   . HOH C 3 .   ? -2.330  -2.012  -10.730 1.00 27.63 ? 425 HOH A O   1 
HETATM 1550 O O   . HOH C 3 .   ? 12.410  -5.848  0.690   1.00 21.55 ? 426 HOH A O   1 
HETATM 1551 O O   . HOH C 3 .   ? 22.767  1.369   9.930   1.00 32.02 ? 427 HOH A O   1 
HETATM 1552 O O   . HOH C 3 .   ? 15.982  5.415   -3.807  1.00 17.00 ? 428 HOH A O   1 
HETATM 1553 O O   . HOH C 3 .   ? 2.094   -0.988  -11.882 1.00 28.92 ? 429 HOH A O   1 
HETATM 1554 O O   . HOH C 3 .   ? 12.588  7.634   -11.477 1.00 17.99 ? 430 HOH A O   1 
HETATM 1555 O O   . HOH C 3 .   ? 3.163   6.247   21.763  1.00 32.32 ? 431 HOH A O   1 
HETATM 1556 O O   . HOH C 3 .   ? -0.368  -1.003  -12.736 1.00 33.87 ? 432 HOH A O   1 
HETATM 1557 O O   . HOH C 3 .   ? -26.026 -13.649 -22.200 1.00 25.95 ? 433 HOH A O   1 
HETATM 1558 O O   . HOH C 3 .   ? -3.284  3.914   14.333  1.00 26.60 ? 434 HOH A O   1 
HETATM 1559 O O   . HOH C 3 .   ? 14.603  2.163   -6.016  1.00 29.77 ? 435 HOH A O   1 
# 
